data_5TUS
#
_entry.id   5TUS
#
_cell.length_a   69.516
_cell.length_b   114.282
_cell.length_c   220.361
_cell.angle_alpha   90.00
_cell.angle_beta   90.00
_cell.angle_gamma   90.00
#
_symmetry.space_group_name_H-M   'P 21 21 21'
#
loop_
_entity.id
_entity.type
_entity.pdbx_description
1 polymer 'Ribonucleoside-diphosphate reductase large subunit'
2 non-polymer "THYMIDINE-5'-TRIPHOSPHATE"
3 non-polymer 'MAGNESIUM ION'
4 non-polymer "2-hydroxy-N'-[(Z)-(2-hydroxynaphthalen-1-yl)methylidene]benzohydrazide"
5 water water
#
_entity_poly.entity_id   1
_entity_poly.type   'polypeptide(L)'
_entity_poly.pdbx_seq_one_letter_code
;MHVIKRDGRQERVMFDKITSRIQKLCYGLNMDFVDPAQITMKVIQGLYSGVTTVELDTLAAETAATLTTKHPDYAILAAR
IAVSNLHKETKKVFSDVMEDLYNYINPHNGKHSPMVAKSTLDIVLANKDRLNSAIIYDRDFSYNYFGFKTLERSYLLKIN
GKVAERPQHMLMRVSVGIHKEDIDAAIETYNLLSERWFTHASPTLFNAGTNRPQLSSCFLLSMKDDSIEGIYDTLKQCAL
ISKSAGGIGVAVSCIRATGSYIAGTNGNSNGLVPMLRVYNNTARYVDQGGNKRPGAFAIYLEPWHLDIFEFLDLKKNTGK
EEQRARDLFFALWIPDLFMKRVETNQDWSLMCPNECPGLDEVWGEEFEKLYASYEKQGRVRKVVKAQQLWYAIIESQTET
GTPYMLYKDSCNRKSNQQNLGTIKCSNLCTEIVEYTSKDEVAVCNLASLALNMYVTSEHTYDFKKLAEVTKVVVRNLNKI
IDINYYPVPEACLSNKRHRPIGIGVQGLADAFILMRYPFESAEAQLLNKQIFETIYYGALEASCDLAKEQGPYETYEGSP
VSKGILQYDMWNVTPTDLWDWKVLKEKIAKYGIRNSLLIAPMPTASTAQILGNNESIEPYTSNIYTRRVLSGEFQIVNPH
LLKDLTERGLWHEEMKNQIIACNGSIQSIPEIPDDLKQLYKTVWEISQKTVLKMAAERGAFIDQSQSLNIHIAEPNYGKL
TSMHFYGWKQGLKTGMYYLRTRPAANPIQFTLNKEKLKDKEKVSKEEEEKERNTAAMVCSLENRDECLMCGS
;
_entity_poly.pdbx_strand_id   A,B
#
# COMPACT_ATOMS: atom_id res chain seq x y z
N GLU A 11 57.86 -4.04 -44.46
CA GLU A 11 58.29 -5.20 -43.71
C GLU A 11 57.38 -5.33 -42.54
N ARG A 12 56.25 -6.02 -42.69
CA ARG A 12 55.24 -6.17 -41.63
C ARG A 12 54.85 -4.79 -41.12
N VAL A 13 55.55 -4.25 -40.13
CA VAL A 13 55.36 -2.90 -39.65
C VAL A 13 53.90 -2.56 -39.35
N MET A 14 53.44 -1.40 -39.78
CA MET A 14 52.10 -0.95 -39.55
C MET A 14 51.74 -1.06 -38.09
N PHE A 15 52.54 -0.38 -37.30
CA PHE A 15 52.31 -0.23 -35.88
C PHE A 15 52.08 1.24 -35.55
N ASP A 16 52.47 2.13 -36.44
CA ASP A 16 52.29 3.52 -36.25
C ASP A 16 50.86 3.81 -36.65
N LYS A 17 50.67 3.78 -37.96
CA LYS A 17 49.42 3.99 -38.68
C LYS A 17 48.19 4.31 -37.90
N ILE A 18 48.05 3.57 -36.84
CA ILE A 18 46.93 3.67 -35.91
C ILE A 18 47.35 4.62 -34.78
N THR A 19 48.64 4.58 -34.42
CA THR A 19 49.29 5.59 -33.61
C THR A 19 49.06 7.00 -34.11
N SER A 20 49.14 7.20 -35.42
CA SER A 20 48.85 8.51 -36.06
C SER A 20 47.39 8.93 -35.86
N ARG A 21 46.49 7.97 -35.98
CA ARG A 21 45.06 8.23 -35.77
C ARG A 21 44.79 8.71 -34.31
N ILE A 22 45.48 8.10 -33.35
CA ILE A 22 45.43 8.48 -31.96
C ILE A 22 46.15 9.83 -31.74
N GLN A 23 47.33 9.96 -32.35
CA GLN A 23 48.15 11.20 -32.32
C GLN A 23 47.37 12.41 -32.83
N LYS A 24 46.44 12.18 -33.77
CA LYS A 24 45.66 13.24 -34.37
C LYS A 24 44.79 14.00 -33.35
N LEU A 25 44.41 13.33 -32.28
CA LEU A 25 43.48 13.86 -31.32
C LEU A 25 44.17 14.22 -30.02
N CYS A 26 45.51 14.26 -30.02
CA CYS A 26 46.30 14.61 -28.84
C CYS A 26 46.65 16.12 -28.77
N TYR A 27 46.10 16.93 -29.69
CA TYR A 27 46.37 18.39 -29.66
C TYR A 27 46.13 18.97 -28.24
N GLY A 28 47.13 19.68 -27.72
CA GLY A 28 47.05 20.32 -26.40
C GLY A 28 47.24 19.42 -25.18
N LEU A 29 47.53 18.16 -25.36
CA LEU A 29 47.65 17.29 -24.20
C LEU A 29 49.09 17.27 -23.80
N ASN A 30 49.39 16.84 -22.58
CA ASN A 30 50.77 16.78 -22.09
C ASN A 30 51.49 15.54 -22.62
N MET A 31 52.25 15.74 -23.70
CA MET A 31 52.92 14.63 -24.40
C MET A 31 54.14 14.01 -23.66
N ASP A 32 54.61 14.67 -22.60
CA ASP A 32 55.56 14.06 -21.63
C ASP A 32 55.01 12.79 -20.95
N PHE A 33 53.69 12.67 -20.86
CA PHE A 33 53.06 11.51 -20.20
C PHE A 33 52.11 10.75 -21.13
N VAL A 34 51.36 11.47 -21.96
CA VAL A 34 50.57 10.83 -23.00
C VAL A 34 51.55 10.30 -24.05
N ASP A 35 51.41 9.01 -24.37
CA ASP A 35 52.23 8.35 -25.38
C ASP A 35 51.32 7.47 -26.21
N PRO A 36 50.87 7.93 -27.40
CA PRO A 36 50.00 7.16 -28.33
C PRO A 36 50.42 5.70 -28.60
N ALA A 37 51.72 5.48 -28.77
CA ALA A 37 52.28 4.14 -28.95
C ALA A 37 51.84 3.17 -27.87
N GLN A 38 51.69 3.66 -26.63
CA GLN A 38 51.28 2.77 -25.51
C GLN A 38 49.86 2.24 -25.74
N ILE A 39 49.00 3.10 -26.27
CA ILE A 39 47.62 2.71 -26.62
C ILE A 39 47.60 1.68 -27.73
N THR A 40 48.37 1.95 -28.78
CA THR A 40 48.50 1.05 -29.92
C THR A 40 49.02 -0.35 -29.64
N MET A 41 49.96 -0.48 -28.71
CA MET A 41 50.47 -1.78 -28.25
C MET A 41 49.37 -2.70 -27.72
N LYS A 42 48.38 -2.12 -27.03
CA LYS A 42 47.21 -2.90 -26.57
C LYS A 42 46.15 -3.00 -27.67
N VAL A 43 45.95 -1.93 -28.44
CA VAL A 43 44.89 -1.86 -29.46
C VAL A 43 45.16 -2.80 -30.61
N ILE A 44 46.35 -2.68 -31.22
CA ILE A 44 46.93 -3.80 -31.96
C ILE A 44 46.81 -4.95 -30.98
N GLN A 45 46.96 -6.20 -31.41
CA GLN A 45 46.33 -7.33 -30.70
C GLN A 45 44.87 -7.18 -31.08
N GLY A 46 44.70 -6.32 -32.11
CA GLY A 46 43.45 -5.94 -32.72
C GLY A 46 43.12 -7.11 -33.60
N LEU A 47 44.12 -7.89 -33.96
CA LEU A 47 43.94 -9.09 -34.77
C LEU A 47 43.02 -8.78 -35.91
N TYR A 48 42.24 -9.79 -36.30
CA TYR A 48 41.20 -9.80 -37.32
C TYR A 48 41.43 -9.50 -38.77
N SER A 49 40.72 -10.27 -39.57
CA SER A 49 40.69 -9.97 -40.97
C SER A 49 39.36 -9.22 -41.17
N GLY A 50 38.29 -9.70 -40.55
CA GLY A 50 37.01 -9.01 -40.66
C GLY A 50 36.73 -7.89 -39.68
N VAL A 51 37.72 -7.04 -39.42
CA VAL A 51 37.47 -5.93 -38.52
C VAL A 51 37.75 -4.60 -39.21
N THR A 52 37.10 -3.53 -38.76
CA THR A 52 37.30 -2.24 -39.43
C THR A 52 37.42 -1.04 -38.50
N THR A 53 37.36 0.16 -39.07
CA THR A 53 37.47 1.41 -38.33
C THR A 53 36.21 1.75 -37.52
N VAL A 54 36.05 1.04 -36.41
CA VAL A 54 34.92 1.20 -35.49
C VAL A 54 35.22 0.41 -34.21
N GLU A 55 35.91 -0.72 -34.37
CA GLU A 55 36.27 -1.58 -33.25
C GLU A 55 37.49 -1.01 -32.53
N LEU A 56 38.41 -0.39 -33.28
CA LEU A 56 39.56 0.17 -32.67
C LEU A 56 39.04 1.37 -31.92
N ASP A 57 38.62 2.36 -32.66
CA ASP A 57 38.15 3.56 -31.97
C ASP A 57 37.55 3.25 -30.60
N THR A 58 36.68 2.26 -30.51
CA THR A 58 36.13 1.84 -29.21
C THR A 58 37.16 1.06 -28.38
N LEU A 59 38.09 0.36 -29.02
CA LEU A 59 39.17 -0.33 -28.29
C LEU A 59 40.30 0.62 -27.86
N ALA A 60 40.50 1.70 -28.61
CA ALA A 60 41.52 2.66 -28.30
C ALA A 60 40.98 3.58 -27.25
N ALA A 61 39.73 3.96 -27.36
CA ALA A 61 39.10 4.80 -26.31
C ALA A 61 39.14 4.14 -24.95
N GLU A 62 38.84 2.85 -24.92
CA GLU A 62 38.87 2.06 -23.65
C GLU A 62 40.28 1.92 -23.11
N THR A 63 41.22 1.72 -24.02
CA THR A 63 42.62 1.55 -23.66
C THR A 63 43.17 2.86 -23.10
N ALA A 64 42.94 3.97 -23.81
CA ALA A 64 43.31 5.32 -23.31
C ALA A 64 42.70 5.58 -21.92
N ALA A 65 41.40 5.34 -21.79
CA ALA A 65 40.74 5.50 -20.52
C ALA A 65 41.37 4.73 -19.32
N THR A 66 41.91 3.52 -19.51
CA THR A 66 42.60 2.80 -18.42
C THR A 66 43.99 3.44 -18.04
N LEU A 67 44.56 4.18 -18.97
CA LEU A 67 45.77 4.90 -18.70
C LEU A 67 45.47 6.23 -17.98
N THR A 68 44.22 6.53 -17.63
CA THR A 68 43.91 7.76 -16.88
C THR A 68 44.73 7.82 -15.57
N THR A 69 45.06 6.63 -15.06
CA THR A 69 45.92 6.51 -13.89
C THR A 69 47.38 6.97 -14.08
N LYS A 70 47.85 7.16 -15.33
CA LYS A 70 49.23 7.64 -15.70
C LYS A 70 49.20 9.14 -15.89
N HIS A 71 48.13 9.66 -16.49
CA HIS A 71 47.91 11.09 -16.55
C HIS A 71 46.46 11.36 -16.91
N PRO A 72 45.92 12.48 -16.42
CA PRO A 72 44.54 12.81 -16.74
C PRO A 72 44.21 13.08 -18.22
N ASP A 73 45.17 13.47 -19.04
CA ASP A 73 44.91 13.79 -20.43
C ASP A 73 44.56 12.53 -21.24
N TYR A 74 44.92 11.35 -20.73
CA TYR A 74 44.43 10.11 -21.33
C TYR A 74 42.89 10.01 -21.36
N ALA A 75 42.23 10.53 -20.31
CA ALA A 75 40.77 10.58 -20.25
C ALA A 75 40.22 11.60 -21.24
N ILE A 76 40.93 12.70 -21.43
CA ILE A 76 40.56 13.63 -22.47
C ILE A 76 40.77 13.01 -23.85
N LEU A 77 41.86 12.25 -24.03
CA LEU A 77 42.08 11.56 -25.30
C LEU A 77 41.03 10.46 -25.54
N ALA A 78 40.74 9.68 -24.52
CA ALA A 78 39.67 8.66 -24.61
C ALA A 78 38.32 9.27 -25.05
N ALA A 79 38.03 10.46 -24.54
CA ALA A 79 36.77 11.13 -24.81
C ALA A 79 36.73 11.64 -26.25
N ARG A 80 37.85 12.13 -26.76
CA ARG A 80 37.89 12.65 -28.13
C ARG A 80 37.70 11.55 -29.10
N ILE A 81 38.35 10.41 -28.83
CA ILE A 81 38.22 9.23 -29.66
C ILE A 81 36.77 8.80 -29.67
N ALA A 82 36.22 8.55 -28.48
CA ALA A 82 34.80 8.17 -28.35
C ALA A 82 33.84 9.20 -28.94
N VAL A 83 34.05 10.49 -28.70
CA VAL A 83 33.16 11.51 -29.29
C VAL A 83 33.28 11.58 -30.83
N SER A 84 34.49 11.53 -31.39
CA SER A 84 34.59 11.72 -32.85
C SER A 84 33.94 10.52 -33.57
N ASN A 85 34.10 9.35 -32.97
CA ASN A 85 33.40 8.12 -33.31
C ASN A 85 31.87 8.29 -33.26
N LEU A 86 31.34 8.84 -32.15
CA LEU A 86 29.90 9.15 -32.06
C LEU A 86 29.47 10.11 -33.14
N HIS A 87 30.35 11.05 -33.47
CA HIS A 87 30.01 12.06 -34.45
C HIS A 87 29.77 11.51 -35.82
N LYS A 88 30.43 10.42 -36.17
CA LYS A 88 30.29 9.84 -37.50
C LYS A 88 29.16 8.82 -37.58
N GLU A 89 28.60 8.46 -36.42
CA GLU A 89 27.34 7.71 -36.30
C GLU A 89 26.17 8.58 -35.88
N THR A 90 26.17 9.85 -36.30
CA THR A 90 25.17 10.84 -35.90
C THR A 90 25.01 11.93 -37.00
N LYS A 91 23.80 12.39 -37.24
CA LYS A 91 23.59 13.50 -38.14
C LYS A 91 24.10 14.75 -37.48
N LYS A 92 24.66 15.64 -38.28
CA LYS A 92 25.26 16.88 -37.77
C LYS A 92 24.19 17.91 -37.42
N VAL A 93 23.18 18.06 -38.28
CA VAL A 93 22.28 19.19 -38.21
C VAL A 93 21.30 18.98 -37.07
N PHE A 94 21.17 19.98 -36.19
CA PHE A 94 20.31 19.86 -35.00
C PHE A 94 18.85 19.66 -35.35
N SER A 95 18.35 20.48 -36.29
CA SER A 95 16.92 20.52 -36.66
C SER A 95 16.48 19.18 -37.23
N ASP A 96 17.36 18.57 -38.03
CA ASP A 96 17.21 17.19 -38.51
C ASP A 96 17.21 16.09 -37.44
N VAL A 97 18.02 16.20 -36.40
CA VAL A 97 17.89 15.23 -35.30
C VAL A 97 16.55 15.42 -34.56
N MET A 98 16.10 16.66 -34.33
CA MET A 98 14.81 16.92 -33.69
C MET A 98 13.63 16.36 -34.52
N GLU A 99 13.71 16.56 -35.85
CA GLU A 99 12.70 16.01 -36.77
C GLU A 99 12.63 14.50 -36.65
N ASP A 100 13.78 13.84 -36.56
CA ASP A 100 13.78 12.36 -36.51
C ASP A 100 13.29 11.88 -35.17
N LEU A 101 13.55 12.69 -34.15
CA LEU A 101 13.08 12.38 -32.80
C LEU A 101 11.57 12.47 -32.73
N TYR A 102 10.99 13.53 -33.28
CA TYR A 102 9.53 13.63 -33.42
C TYR A 102 8.86 12.57 -34.28
N ASN A 103 9.35 12.35 -35.49
CA ASN A 103 8.75 11.38 -36.42
C ASN A 103 8.94 9.90 -36.00
N TYR A 104 9.51 9.64 -34.84
CA TYR A 104 9.74 8.29 -34.44
C TYR A 104 8.43 7.53 -34.40
N ILE A 105 8.34 6.49 -35.24
CA ILE A 105 7.29 5.47 -35.14
C ILE A 105 7.87 4.28 -34.39
N ASN A 106 7.33 3.96 -33.21
CA ASN A 106 7.78 2.79 -32.47
C ASN A 106 7.46 1.59 -33.33
N PRO A 107 8.50 0.89 -33.83
CA PRO A 107 8.29 0.07 -35.01
C PRO A 107 7.51 -1.20 -34.76
N HIS A 108 7.35 -1.62 -33.51
CA HIS A 108 6.64 -2.88 -33.24
C HIS A 108 5.30 -2.78 -32.44
N ASN A 109 4.95 -1.59 -31.93
CA ASN A 109 3.56 -1.30 -31.49
C ASN A 109 2.78 -0.57 -32.56
N GLY A 110 3.44 -0.16 -33.65
CA GLY A 110 2.81 0.62 -34.71
C GLY A 110 2.65 2.10 -34.41
N LYS A 111 2.63 2.49 -33.13
CA LYS A 111 2.08 3.80 -32.75
C LYS A 111 3.14 4.89 -32.89
N HIS A 112 2.79 5.99 -33.57
CA HIS A 112 3.59 7.22 -33.52
C HIS A 112 3.92 7.60 -32.09
N SER A 113 5.22 7.64 -31.73
CA SER A 113 5.67 7.87 -30.33
C SER A 113 6.72 8.99 -30.22
N PRO A 114 6.32 10.27 -30.47
CA PRO A 114 7.30 11.33 -30.61
C PRO A 114 8.16 11.51 -29.36
N MET A 115 9.45 11.71 -29.56
CA MET A 115 10.41 11.79 -28.48
C MET A 115 10.65 13.24 -28.11
N VAL A 116 10.36 14.18 -29.01
CA VAL A 116 10.27 15.60 -28.66
C VAL A 116 8.85 16.10 -28.88
N ALA A 117 8.51 17.18 -28.19
CA ALA A 117 7.18 17.77 -28.30
C ALA A 117 7.06 18.42 -29.61
N LYS A 118 5.89 18.29 -30.23
CA LYS A 118 5.60 18.97 -31.47
C LYS A 118 5.91 20.45 -31.34
N SER A 119 5.46 21.08 -30.27
CA SER A 119 5.67 22.54 -30.07
C SER A 119 7.18 22.95 -30.09
N THR A 120 8.03 22.08 -29.52
CA THR A 120 9.47 22.30 -29.52
C THR A 120 9.99 22.27 -30.98
N LEU A 121 9.72 21.15 -31.65
CA LEU A 121 10.13 20.95 -33.04
C LEU A 121 9.67 22.11 -33.94
N ASP A 122 8.48 22.65 -33.67
CA ASP A 122 7.93 23.71 -34.50
C ASP A 122 8.65 25.02 -34.27
N ILE A 123 9.02 25.29 -33.02
CA ILE A 123 9.89 26.43 -32.74
C ILE A 123 11.23 26.21 -33.43
N VAL A 124 11.74 24.96 -33.35
CA VAL A 124 13.07 24.63 -33.97
C VAL A 124 13.07 24.82 -35.48
N LEU A 125 12.07 24.28 -36.17
CA LEU A 125 11.99 24.36 -37.61
C LEU A 125 11.74 25.78 -38.09
N ALA A 126 10.93 26.50 -37.35
CA ALA A 126 10.73 27.93 -37.58
C ALA A 126 11.99 28.79 -37.44
N ASN A 127 13.00 28.35 -36.67
CA ASN A 127 14.28 29.08 -36.58
C ASN A 127 15.53 28.19 -36.83
N LYS A 128 15.45 27.20 -37.71
CA LYS A 128 16.58 26.25 -37.92
C LYS A 128 17.91 26.90 -38.31
N ASP A 129 17.87 27.95 -39.13
CA ASP A 129 19.13 28.53 -39.61
C ASP A 129 19.94 29.12 -38.48
N ARG A 130 19.27 29.92 -37.65
CA ARG A 130 19.91 30.49 -36.48
C ARG A 130 20.29 29.40 -35.43
N LEU A 131 19.34 28.54 -35.09
CA LEU A 131 19.59 27.49 -34.11
C LEU A 131 20.60 26.48 -34.61
N ASN A 132 20.57 26.10 -35.87
CA ASN A 132 21.51 25.04 -36.33
C ASN A 132 22.96 25.52 -36.31
N SER A 133 23.13 26.78 -36.70
CA SER A 133 24.45 27.38 -36.83
C SER A 133 25.00 27.95 -35.51
N ALA A 134 24.15 28.19 -34.52
CA ALA A 134 24.63 28.62 -33.18
C ALA A 134 25.47 27.55 -32.43
N ILE A 135 25.22 26.29 -32.78
CA ILE A 135 25.83 25.18 -32.11
C ILE A 135 27.26 25.02 -32.58
N ILE A 136 28.17 24.67 -31.66
CA ILE A 136 29.60 24.47 -31.92
C ILE A 136 29.98 23.06 -31.48
N TYR A 137 30.08 22.14 -32.43
CA TYR A 137 30.22 20.71 -32.13
C TYR A 137 31.54 20.35 -31.47
N ASP A 138 32.55 21.22 -31.58
CA ASP A 138 33.83 20.94 -30.91
C ASP A 138 33.66 20.93 -29.39
N ARG A 139 32.63 21.59 -28.86
CA ARG A 139 32.30 21.54 -27.43
C ARG A 139 31.96 20.15 -26.90
N ASP A 140 31.41 19.26 -27.74
CA ASP A 140 31.26 17.81 -27.43
C ASP A 140 32.57 17.14 -27.02
N PHE A 141 33.71 17.66 -27.51
CA PHE A 141 35.07 17.23 -27.09
C PHE A 141 35.54 17.73 -25.71
N SER A 142 34.70 18.50 -25.01
CA SER A 142 35.10 19.11 -23.73
C SER A 142 34.73 18.26 -22.47
N TYR A 143 34.15 17.07 -22.64
CA TYR A 143 33.86 16.12 -21.53
C TYR A 143 35.03 15.20 -21.47
N ASN A 144 35.27 14.63 -20.29
CA ASN A 144 36.25 13.58 -20.16
C ASN A 144 35.48 12.30 -20.33
N TYR A 145 36.20 11.22 -20.59
CA TYR A 145 35.61 9.94 -21.03
C TYR A 145 34.47 9.50 -20.14
N PHE A 146 34.68 9.60 -18.85
CA PHE A 146 33.71 9.10 -17.92
C PHE A 146 32.46 10.00 -17.88
N GLY A 147 32.63 11.32 -17.99
CA GLY A 147 31.49 12.26 -18.08
C GLY A 147 30.71 12.14 -19.39
N PHE A 148 31.43 11.78 -20.46
CA PHE A 148 30.80 11.46 -21.73
C PHE A 148 30.00 10.15 -21.68
N LYS A 149 30.58 9.09 -21.14
CA LYS A 149 29.82 7.83 -21.00
C LYS A 149 28.56 7.95 -20.14
N THR A 150 28.60 8.82 -19.12
CA THR A 150 27.39 9.11 -18.35
C THR A 150 26.33 9.77 -19.27
N LEU A 151 26.71 10.77 -20.06
CA LEU A 151 25.78 11.37 -21.01
C LEU A 151 25.25 10.33 -21.95
N GLU A 152 26.14 9.55 -22.55
CA GLU A 152 25.74 8.53 -23.52
C GLU A 152 24.77 7.52 -22.90
N ARG A 153 24.95 7.19 -21.62
CA ARG A 153 24.11 6.17 -20.97
C ARG A 153 22.68 6.61 -20.78
N SER A 154 22.46 7.87 -20.41
CA SER A 154 21.13 8.32 -19.96
C SER A 154 20.60 9.63 -20.56
N TYR A 155 21.44 10.48 -21.09
CA TYR A 155 21.04 11.83 -21.38
C TYR A 155 20.86 12.10 -22.85
N LEU A 156 21.34 11.23 -23.71
CA LEU A 156 21.21 11.43 -25.13
C LEU A 156 20.09 10.52 -25.58
N LEU A 157 19.05 11.11 -26.18
CA LEU A 157 17.91 10.36 -26.75
C LEU A 157 18.41 9.36 -27.74
N LYS A 158 17.84 8.15 -27.67
CA LYS A 158 18.14 7.05 -28.62
C LYS A 158 16.96 6.68 -29.55
N ILE A 159 17.27 6.27 -30.77
CA ILE A 159 16.31 5.71 -31.75
C ILE A 159 16.88 4.33 -32.09
N ASN A 160 16.18 3.22 -31.86
CA ASN A 160 16.75 1.88 -32.19
C ASN A 160 17.75 1.35 -31.14
N GLY A 161 17.88 2.01 -30.00
CA GLY A 161 19.07 1.76 -29.17
C GLY A 161 20.38 2.22 -29.83
N LYS A 162 20.30 3.33 -30.57
CA LYS A 162 21.46 3.96 -31.17
C LYS A 162 21.32 5.49 -31.01
N VAL A 163 22.30 6.08 -30.31
CA VAL A 163 22.22 7.47 -29.94
C VAL A 163 21.92 8.32 -31.17
N ALA A 164 20.90 9.19 -31.09
CA ALA A 164 20.67 10.14 -32.13
C ALA A 164 21.11 11.53 -31.75
N GLU A 165 21.21 11.83 -30.47
CA GLU A 165 21.57 13.21 -30.05
C GLU A 165 23.04 13.25 -29.75
N ARG A 166 23.74 14.20 -30.37
CA ARG A 166 24.99 14.70 -29.86
C ARG A 166 24.79 15.47 -28.55
N PRO A 167 25.82 15.49 -27.68
CA PRO A 167 25.68 16.30 -26.50
C PRO A 167 25.21 17.73 -26.80
N GLN A 168 25.64 18.29 -27.92
CA GLN A 168 25.20 19.64 -28.28
C GLN A 168 23.73 19.69 -28.60
N HIS A 169 23.25 18.66 -29.30
CA HIS A 169 21.84 18.58 -29.64
C HIS A 169 20.93 18.50 -28.42
N MET A 170 21.37 17.73 -27.42
CA MET A 170 20.63 17.61 -26.18
C MET A 170 20.59 18.97 -25.49
N LEU A 171 21.73 19.60 -25.29
CA LEU A 171 21.75 20.93 -24.67
C LEU A 171 20.87 21.94 -25.40
N MET A 172 20.94 21.96 -26.73
CA MET A 172 20.09 22.92 -27.46
C MET A 172 18.62 22.57 -27.29
N ARG A 173 18.27 21.29 -27.25
CA ARG A 173 16.88 20.94 -26.99
C ARG A 173 16.44 21.52 -25.65
N VAL A 174 17.25 21.26 -24.62
CA VAL A 174 16.99 21.72 -23.29
C VAL A 174 16.73 23.24 -23.26
N SER A 175 17.64 23.99 -23.89
CA SER A 175 17.52 25.45 -24.02
C SER A 175 16.21 25.90 -24.70
N VAL A 176 15.92 25.33 -25.86
CA VAL A 176 14.67 25.65 -26.58
C VAL A 176 13.46 25.18 -25.76
N GLY A 177 13.59 24.02 -25.12
CA GLY A 177 12.55 23.50 -24.22
C GLY A 177 12.20 24.49 -23.13
N ILE A 178 13.20 25.18 -22.60
CA ILE A 178 13.03 26.15 -21.52
C ILE A 178 12.54 27.49 -22.06
N HIS A 179 13.22 28.00 -23.10
CA HIS A 179 13.04 29.35 -23.54
C HIS A 179 12.02 29.54 -24.67
N LYS A 180 11.58 28.44 -25.28
CA LYS A 180 10.55 28.47 -26.31
C LYS A 180 10.92 29.49 -27.37
N GLU A 181 10.00 30.38 -27.75
CA GLU A 181 10.16 31.33 -28.88
C GLU A 181 11.17 32.44 -28.66
N ASP A 182 11.61 32.63 -27.42
CA ASP A 182 12.75 33.51 -27.09
C ASP A 182 14.08 32.89 -27.58
N ILE A 183 14.44 33.16 -28.83
CA ILE A 183 15.63 32.56 -29.45
C ILE A 183 16.95 33.13 -28.86
N ASP A 184 16.93 34.43 -28.56
CA ASP A 184 18.07 35.07 -27.92
C ASP A 184 18.42 34.34 -26.63
N ALA A 185 17.43 34.21 -25.74
CA ALA A 185 17.63 33.49 -24.49
C ALA A 185 18.15 32.06 -24.72
N ALA A 186 17.45 31.32 -25.57
CA ALA A 186 17.79 29.95 -25.83
C ALA A 186 19.24 29.81 -26.22
N ILE A 187 19.70 30.71 -27.07
CA ILE A 187 21.12 30.71 -27.51
C ILE A 187 22.13 31.05 -26.38
N GLU A 188 21.79 32.04 -25.57
CA GLU A 188 22.60 32.41 -24.41
C GLU A 188 22.73 31.17 -23.46
N THR A 189 21.62 30.55 -23.13
CA THR A 189 21.62 29.37 -22.25
C THR A 189 22.34 28.21 -22.88
N TYR A 190 22.22 28.10 -24.19
CA TYR A 190 22.96 27.06 -24.86
C TYR A 190 24.45 27.24 -24.61
N ASN A 191 24.90 28.51 -24.66
CA ASN A 191 26.37 28.84 -24.60
C ASN A 191 26.89 28.65 -23.20
N LEU A 192 26.14 29.10 -22.22
CA LEU A 192 26.48 28.84 -20.83
C LEU A 192 26.56 27.35 -20.52
N LEU A 193 25.64 26.54 -21.03
CA LEU A 193 25.61 25.11 -20.72
C LEU A 193 26.72 24.39 -21.46
N SER A 194 26.89 24.72 -22.73
CA SER A 194 27.87 23.99 -23.56
C SER A 194 29.27 24.34 -23.15
N GLU A 195 29.45 25.52 -22.56
CA GLU A 195 30.76 25.91 -22.02
C GLU A 195 30.98 25.46 -20.57
N ARG A 196 29.92 25.05 -19.91
CA ARG A 196 29.97 24.35 -18.63
C ARG A 196 30.01 25.29 -17.43
N TRP A 197 29.48 26.47 -17.63
CA TRP A 197 29.43 27.46 -16.57
C TRP A 197 28.41 27.14 -15.48
N PHE A 198 27.43 26.31 -15.87
CA PHE A 198 26.40 25.77 -14.98
C PHE A 198 25.69 24.58 -15.66
N THR A 199 25.02 23.79 -14.88
CA THR A 199 24.14 22.83 -15.44
C THR A 199 22.77 22.88 -14.73
N HIS A 200 21.72 22.70 -15.54
CA HIS A 200 20.43 22.28 -15.03
C HIS A 200 20.47 20.87 -14.40
N ALA A 201 19.56 20.60 -13.46
CA ALA A 201 19.43 19.30 -12.83
C ALA A 201 18.93 18.20 -13.81
N SER A 202 19.19 16.95 -13.49
CA SER A 202 18.94 15.84 -14.41
C SER A 202 17.53 15.77 -15.02
N PRO A 203 16.47 15.99 -14.22
CA PRO A 203 15.14 15.96 -14.82
C PRO A 203 14.98 16.92 -15.99
N THR A 204 15.59 18.09 -15.88
CA THR A 204 15.44 19.13 -16.87
C THR A 204 16.11 18.68 -18.14
N LEU A 205 17.30 18.09 -18.02
CA LEU A 205 18.09 17.56 -19.17
C LEU A 205 17.38 16.39 -19.90
N PHE A 206 16.65 15.57 -19.13
CA PHE A 206 15.92 14.44 -19.67
C PHE A 206 14.66 14.88 -20.42
N ASN A 207 13.91 15.82 -19.84
CA ASN A 207 12.54 16.09 -20.22
C ASN A 207 12.23 17.48 -20.88
N ALA A 208 13.10 18.48 -20.76
CA ALA A 208 12.82 19.72 -21.49
C ALA A 208 12.71 19.40 -22.97
N GLY A 209 11.87 20.16 -23.66
CA GLY A 209 11.63 19.92 -25.07
C GLY A 209 10.78 18.70 -25.40
N THR A 210 10.57 17.81 -24.44
CA THR A 210 9.72 16.63 -24.67
C THR A 210 8.25 16.97 -24.27
N ASN A 211 7.33 16.11 -24.67
CA ASN A 211 5.98 16.05 -24.10
C ASN A 211 6.16 15.30 -22.78
N ARG A 212 5.42 15.66 -21.75
CA ARG A 212 5.75 15.22 -20.36
C ARG A 212 7.03 15.92 -19.84
N PRO A 213 7.06 17.28 -19.87
CA PRO A 213 8.24 17.94 -19.35
C PRO A 213 8.20 17.95 -17.82
N GLN A 214 8.49 16.82 -17.20
CA GLN A 214 8.62 16.81 -15.77
C GLN A 214 10.00 17.35 -15.47
N LEU A 215 10.10 18.62 -15.11
CA LEU A 215 11.38 19.31 -15.02
C LEU A 215 11.96 19.44 -13.62
N SER A 216 11.17 19.09 -12.62
CA SER A 216 11.58 19.17 -11.23
C SER A 216 12.16 17.89 -10.62
N SER A 217 12.84 18.09 -9.49
CA SER A 217 13.74 17.08 -8.91
C SER A 217 13.12 16.34 -7.75
N CYS A 218 12.55 17.11 -6.83
CA CYS A 218 11.96 16.54 -5.63
C CYS A 218 10.59 17.22 -5.25
N PHE A 219 9.77 16.48 -4.49
CA PHE A 219 8.52 16.99 -3.97
C PHE A 219 8.48 16.84 -2.45
N LEU A 220 7.80 17.75 -1.78
CA LEU A 220 7.60 17.61 -0.34
C LEU A 220 6.15 17.56 0.01
N LEU A 221 5.74 16.60 0.81
CA LEU A 221 4.36 16.45 1.29
C LEU A 221 4.25 16.40 2.81
N SER A 222 3.16 16.98 3.30
CA SER A 222 2.59 16.73 4.65
C SER A 222 1.42 15.78 4.50
N MET A 223 1.37 14.81 5.40
CA MET A 223 0.27 13.90 5.54
C MET A 223 -0.99 14.72 5.71
N LYS A 224 -2.03 14.36 4.92
CA LYS A 224 -3.27 15.15 4.79
C LYS A 224 -4.02 15.30 6.12
N ASP A 225 -4.50 14.19 6.68
CA ASP A 225 -4.90 14.16 8.08
C ASP A 225 -4.65 12.78 8.70
N ASP A 226 -4.91 12.68 10.01
CA ASP A 226 -4.66 11.46 10.76
C ASP A 226 -5.85 10.53 10.67
N SER A 227 -5.95 9.83 9.55
CA SER A 227 -7.09 8.97 9.24
C SER A 227 -6.79 8.10 8.02
N ILE A 228 -7.43 6.93 7.93
CA ILE A 228 -7.25 6.03 6.80
C ILE A 228 -7.46 6.81 5.51
N GLU A 229 -8.55 7.56 5.43
CA GLU A 229 -8.81 8.46 4.30
C GLU A 229 -7.57 9.33 3.99
N GLY A 230 -7.17 10.12 4.98
CA GLY A 230 -6.01 10.99 4.85
C GLY A 230 -4.75 10.27 4.44
N ILE A 231 -4.45 9.19 5.14
CA ILE A 231 -3.25 8.39 4.91
C ILE A 231 -3.17 7.92 3.47
N TYR A 232 -4.30 7.46 2.92
CA TYR A 232 -4.34 6.91 1.55
C TYR A 232 -4.50 7.92 0.42
N ASP A 233 -5.04 9.11 0.68
CA ASP A 233 -4.90 10.21 -0.29
C ASP A 233 -3.42 10.51 -0.48
N THR A 234 -2.70 10.67 0.63
CA THR A 234 -1.29 10.99 0.63
C THR A 234 -0.53 9.90 -0.09
N LEU A 235 -0.78 8.65 0.28
CA LEU A 235 -0.16 7.49 -0.43
C LEU A 235 -0.35 7.56 -1.95
N LYS A 236 -1.57 7.81 -2.41
CA LYS A 236 -1.83 8.04 -3.82
C LYS A 236 -0.99 9.16 -4.42
N GLN A 237 -1.01 10.30 -3.75
CA GLN A 237 -0.22 11.44 -4.19
C GLN A 237 1.22 11.07 -4.40
N CYS A 238 1.76 10.32 -3.43
CA CYS A 238 3.14 9.82 -3.50
C CYS A 238 3.38 8.91 -4.71
N ALA A 239 2.40 8.06 -5.03
CA ALA A 239 2.49 7.13 -6.14
C ALA A 239 2.40 7.83 -7.47
N LEU A 240 1.55 8.84 -7.58
CA LEU A 240 1.50 9.70 -8.76
C LEU A 240 2.80 10.49 -8.98
N ILE A 241 3.36 11.02 -7.89
CA ILE A 241 4.61 11.80 -8.00
C ILE A 241 5.74 10.87 -8.43
N SER A 242 5.93 9.76 -7.73
CA SER A 242 6.85 8.70 -8.15
C SER A 242 6.83 8.28 -9.62
N LYS A 243 5.68 8.49 -10.27
CA LYS A 243 5.56 8.26 -11.71
C LYS A 243 6.53 9.18 -12.52
N SER A 244 6.77 10.40 -12.02
CA SER A 244 7.49 11.45 -12.74
C SER A 244 8.77 11.87 -12.02
N ALA A 245 9.78 11.00 -12.13
CA ALA A 245 11.18 11.30 -11.67
C ALA A 245 11.26 12.04 -10.32
N GLY A 246 10.42 11.59 -9.39
CA GLY A 246 10.26 12.29 -8.15
C GLY A 246 11.03 11.64 -7.02
N GLY A 247 11.90 12.41 -6.37
CA GLY A 247 12.28 12.15 -4.97
C GLY A 247 11.14 12.72 -4.10
N ILE A 248 10.94 12.17 -2.90
CA ILE A 248 9.91 12.67 -2.00
C ILE A 248 10.31 12.76 -0.53
N GLY A 249 9.93 13.86 0.12
CA GLY A 249 10.00 13.97 1.56
C GLY A 249 8.62 14.00 2.11
N VAL A 250 8.34 13.26 3.20
CA VAL A 250 6.97 13.19 3.78
C VAL A 250 6.96 13.41 5.31
N ALA A 251 6.21 14.41 5.75
CA ALA A 251 6.08 14.71 7.18
C ALA A 251 4.99 13.81 7.67
N VAL A 252 5.31 12.99 8.66
CA VAL A 252 4.49 11.89 9.11
C VAL A 252 4.09 12.02 10.59
N SER A 253 4.48 13.10 11.28
CA SER A 253 4.33 13.19 12.75
C SER A 253 2.88 13.36 13.26
N CYS A 254 1.96 13.67 12.38
CA CYS A 254 0.59 13.81 12.82
C CYS A 254 -0.17 12.50 12.88
N ILE A 255 0.45 11.38 12.52
CA ILE A 255 -0.22 10.08 12.59
C ILE A 255 -0.11 9.52 14.00
N ARG A 256 -1.22 9.04 14.55
CA ARG A 256 -1.25 8.62 15.95
C ARG A 256 -0.47 7.35 16.22
N ALA A 257 0.00 7.27 17.45
CA ALA A 257 0.94 6.23 17.86
C ALA A 257 0.33 4.84 18.03
N THR A 258 1.20 3.84 18.15
CA THR A 258 0.75 2.46 18.40
C THR A 258 -0.10 2.35 19.68
N GLY A 259 -1.21 1.59 19.62
CA GLY A 259 -2.13 1.43 20.74
C GLY A 259 -3.10 2.57 21.05
N SER A 260 -3.09 3.66 20.27
CA SER A 260 -3.95 4.82 20.55
C SER A 260 -5.35 4.43 20.14
N TYR A 261 -6.32 5.06 20.78
CA TYR A 261 -7.71 4.66 20.64
C TYR A 261 -8.22 5.19 19.31
N ILE A 262 -8.92 4.31 18.57
CA ILE A 262 -9.69 4.68 17.39
C ILE A 262 -11.17 4.67 17.76
N ALA A 263 -11.81 5.85 17.75
CA ALA A 263 -13.24 6.00 18.07
C ALA A 263 -14.19 5.10 17.23
N GLY A 264 -14.03 5.13 15.92
CA GLY A 264 -14.98 4.48 15.01
C GLY A 264 -14.99 2.97 14.87
N THR A 265 -13.92 2.29 15.29
CA THR A 265 -13.86 0.82 15.28
C THR A 265 -13.65 0.25 16.69
N ASN A 266 -13.69 1.12 17.70
CA ASN A 266 -13.44 0.68 19.07
C ASN A 266 -12.18 -0.22 19.19
N GLY A 267 -11.14 0.09 18.41
CA GLY A 267 -9.91 -0.68 18.40
C GLY A 267 -8.70 0.18 18.76
N ASN A 268 -7.53 -0.27 18.34
CA ASN A 268 -6.29 0.43 18.65
C ASN A 268 -5.44 0.60 17.41
N SER A 269 -4.94 1.82 17.18
CA SER A 269 -4.06 2.10 16.04
C SER A 269 -2.91 1.13 16.02
N ASN A 270 -2.42 0.85 14.80
CA ASN A 270 -1.26 -0.01 14.63
C ASN A 270 0.07 0.74 14.64
N GLY A 271 0.01 2.07 14.65
CA GLY A 271 1.19 2.92 14.74
C GLY A 271 1.73 3.29 13.36
N LEU A 272 2.96 3.78 13.35
CA LEU A 272 3.68 4.18 12.15
C LEU A 272 4.20 2.99 11.35
N VAL A 273 4.86 2.04 11.99
CA VAL A 273 5.56 0.95 11.30
C VAL A 273 4.79 0.21 10.20
N PRO A 274 3.69 -0.48 10.55
CA PRO A 274 2.96 -1.12 9.46
C PRO A 274 2.36 -0.14 8.43
N MET A 275 2.17 1.13 8.77
CA MET A 275 1.73 2.12 7.78
C MET A 275 2.82 2.35 6.77
N LEU A 276 4.04 2.51 7.28
CA LEU A 276 5.21 2.81 6.50
C LEU A 276 5.62 1.62 5.61
N ARG A 277 5.31 0.39 6.05
CA ARG A 277 5.46 -0.82 5.21
C ARG A 277 4.74 -0.61 3.88
N VAL A 278 3.55 -0.02 3.92
CA VAL A 278 2.79 0.28 2.69
C VAL A 278 3.48 1.34 1.83
N TYR A 279 4.01 2.37 2.48
CA TYR A 279 4.71 3.41 1.76
C TYR A 279 5.98 2.87 1.12
N ASN A 280 6.67 2.01 1.87
CA ASN A 280 7.86 1.34 1.41
C ASN A 280 7.58 0.47 0.17
N ASN A 281 6.49 -0.27 0.18
CA ASN A 281 6.19 -1.11 -0.98
C ASN A 281 5.73 -0.32 -2.17
N THR A 282 5.14 0.86 -1.95
CA THR A 282 4.71 1.77 -3.01
C THR A 282 5.96 2.39 -3.67
N ALA A 283 7.02 2.58 -2.90
CA ALA A 283 8.23 3.12 -3.46
C ALA A 283 8.92 2.08 -4.33
N ARG A 284 9.00 0.84 -3.84
CA ARG A 284 9.46 -0.29 -4.67
C ARG A 284 8.60 -0.48 -5.92
N TYR A 285 7.28 -0.31 -5.80
CA TYR A 285 6.37 -0.58 -6.91
C TYR A 285 6.40 0.49 -8.00
N VAL A 286 6.38 1.76 -7.61
CA VAL A 286 6.33 2.85 -8.59
C VAL A 286 7.73 3.46 -8.70
N ASP A 287 8.55 2.80 -9.49
CA ASP A 287 9.92 3.20 -9.78
C ASP A 287 10.13 3.41 -11.26
N GLN A 288 9.21 4.12 -11.90
CA GLN A 288 9.14 4.25 -13.38
C GLN A 288 9.19 2.90 -14.16
N GLY A 289 9.75 1.85 -13.53
CA GLY A 289 9.59 0.47 -13.96
C GLY A 289 10.80 0.00 -14.72
N PRO A 294 13.89 3.88 -9.27
CA PRO A 294 13.95 3.22 -7.94
C PRO A 294 13.43 4.15 -6.81
N GLY A 295 12.16 4.57 -6.92
CA GLY A 295 11.47 5.49 -5.98
C GLY A 295 11.96 5.44 -4.53
N ALA A 296 12.30 6.59 -3.98
CA ALA A 296 12.76 6.70 -2.59
C ALA A 296 11.99 7.82 -1.91
N PHE A 297 11.38 7.50 -0.76
CA PHE A 297 10.72 8.51 0.04
C PHE A 297 11.52 8.72 1.31
N ALA A 298 11.69 9.98 1.69
CA ALA A 298 12.24 10.30 3.00
C ALA A 298 11.11 10.59 3.98
N ILE A 299 11.13 9.92 5.12
CA ILE A 299 10.06 10.01 6.08
C ILE A 299 10.61 10.83 7.24
N TYR A 300 9.93 11.92 7.56
CA TYR A 300 10.38 12.87 8.56
C TYR A 300 9.55 12.68 9.82
N LEU A 301 10.19 12.44 10.98
CA LEU A 301 9.48 12.34 12.26
C LEU A 301 9.97 13.36 13.29
N GLU A 302 9.09 14.00 14.04
CA GLU A 302 9.55 14.76 15.20
C GLU A 302 9.80 13.83 16.42
N PRO A 303 10.89 14.05 17.20
CA PRO A 303 11.31 13.13 18.25
C PRO A 303 10.40 13.04 19.51
N TRP A 304 9.42 13.91 19.65
CA TRP A 304 8.41 13.76 20.70
C TRP A 304 7.36 12.67 20.38
N HIS A 305 7.31 12.17 19.14
CA HIS A 305 6.30 11.20 18.75
C HIS A 305 6.55 9.85 19.42
N LEU A 306 5.51 9.28 19.96
CA LEU A 306 5.63 8.12 20.82
C LEU A 306 6.27 6.89 20.14
N ASP A 307 6.12 6.79 18.82
CA ASP A 307 6.78 5.76 18.03
C ASP A 307 8.25 6.02 17.65
N ILE A 308 8.89 7.01 18.28
CA ILE A 308 10.26 7.37 17.94
C ILE A 308 11.26 6.22 18.04
N PHE A 309 11.17 5.44 19.11
CA PHE A 309 12.09 4.31 19.26
C PHE A 309 11.89 3.23 18.17
N GLU A 310 10.66 2.95 17.79
CA GLU A 310 10.44 1.90 16.82
C GLU A 310 10.90 2.38 15.45
N PHE A 311 10.69 3.67 15.18
CA PHE A 311 11.19 4.38 13.95
C PHE A 311 12.72 4.34 13.79
N LEU A 312 13.46 4.62 14.87
CA LEU A 312 14.94 4.60 14.83
C LEU A 312 15.57 3.19 14.76
N ASP A 313 14.74 2.17 14.70
CA ASP A 313 15.15 0.76 14.85
C ASP A 313 14.71 -0.08 13.65
N LEU A 314 13.96 0.52 12.74
CA LEU A 314 13.31 -0.17 11.66
C LEU A 314 14.40 -0.45 10.63
N LYS A 315 14.98 0.60 10.03
CA LYS A 315 15.95 0.45 8.94
C LYS A 315 17.08 -0.55 9.29
N LYS A 316 17.35 -0.74 10.57
CA LYS A 316 18.44 -1.61 11.06
C LYS A 316 18.90 -2.74 10.13
N ALA A 325 12.71 -1.62 5.78
CA ALA A 325 12.12 -0.48 5.06
C ALA A 325 13.12 0.13 4.10
N ARG A 326 13.59 -0.67 3.16
CA ARG A 326 14.73 -0.32 2.34
C ARG A 326 14.55 0.81 1.35
N ASP A 327 13.32 1.20 1.05
CA ASP A 327 13.10 2.25 0.06
C ASP A 327 12.58 3.53 0.71
N LEU A 328 12.60 3.51 2.04
CA LEU A 328 12.36 4.69 2.81
C LEU A 328 13.68 5.14 3.41
N PHE A 329 13.82 6.46 3.60
CA PHE A 329 14.97 7.07 4.24
C PHE A 329 14.47 7.93 5.35
N PHE A 330 15.11 7.88 6.50
CA PHE A 330 14.54 8.38 7.72
C PHE A 330 15.19 9.67 8.15
N ALA A 331 14.42 10.60 8.70
CA ALA A 331 14.96 11.89 9.13
C ALA A 331 14.23 12.37 10.35
N LEU A 332 14.96 12.95 11.26
CA LEU A 332 14.36 13.58 12.39
C LEU A 332 14.19 15.06 12.08
N TRP A 333 13.02 15.60 12.42
CA TRP A 333 12.71 17.03 12.32
C TRP A 333 12.75 17.53 13.77
N ILE A 334 13.91 18.02 14.19
CA ILE A 334 14.23 18.19 15.61
C ILE A 334 14.04 19.61 16.15
N PRO A 335 13.24 19.78 17.25
CA PRO A 335 13.09 21.05 17.93
C PRO A 335 14.21 21.29 18.92
N ASP A 336 14.55 22.57 19.10
CA ASP A 336 15.58 23.00 20.02
C ASP A 336 15.37 22.38 21.42
N LEU A 337 14.13 22.34 21.90
CA LEU A 337 13.86 21.80 23.21
C LEU A 337 14.47 20.41 23.38
N PHE A 338 14.31 19.53 22.39
CA PHE A 338 14.86 18.19 22.54
C PHE A 338 16.34 18.25 22.78
N MET A 339 17.02 19.07 21.99
CA MET A 339 18.44 19.21 22.10
C MET A 339 18.84 19.77 23.47
N LYS A 340 18.11 20.77 23.99
CA LYS A 340 18.38 21.36 25.35
C LYS A 340 18.18 20.34 26.45
N ARG A 341 17.15 19.52 26.29
CA ARG A 341 16.80 18.49 27.27
C ARG A 341 17.89 17.44 27.33
N VAL A 342 18.53 17.16 26.19
CA VAL A 342 19.56 16.12 26.10
C VAL A 342 20.81 16.62 26.80
N GLU A 343 21.17 17.84 26.45
CA GLU A 343 22.35 18.51 26.95
C GLU A 343 22.28 18.83 28.47
N THR A 344 21.12 19.13 29.02
CA THR A 344 20.98 19.38 30.47
C THR A 344 20.50 18.14 31.26
N ASN A 345 20.53 16.97 30.62
CA ASN A 345 20.21 15.71 31.23
C ASN A 345 18.86 15.65 31.93
N GLN A 346 17.85 16.31 31.38
CA GLN A 346 16.47 16.21 31.86
C GLN A 346 15.67 15.13 31.12
N ASP A 347 14.42 14.99 31.51
CA ASP A 347 13.51 13.99 30.95
C ASP A 347 12.83 14.51 29.68
N TRP A 348 12.29 13.55 28.90
CA TRP A 348 11.74 13.82 27.58
C TRP A 348 10.42 13.09 27.46
N SER A 349 9.38 13.83 27.12
CA SER A 349 8.03 13.28 27.17
C SER A 349 7.62 12.88 25.75
N LEU A 350 7.28 11.61 25.57
CA LEU A 350 6.76 11.09 24.30
C LEU A 350 5.26 11.13 24.29
N MET A 351 4.73 11.56 23.14
CA MET A 351 3.32 11.92 22.98
C MET A 351 2.66 11.24 21.74
N CYS A 352 1.34 11.04 21.82
CA CYS A 352 0.53 10.67 20.66
C CYS A 352 -0.16 11.92 20.13
N PRO A 353 0.09 12.30 18.87
CA PRO A 353 -0.43 13.57 18.31
C PRO A 353 -1.95 13.73 18.36
N ASN A 354 -2.66 12.61 18.51
CA ASN A 354 -4.12 12.66 18.68
C ASN A 354 -4.58 13.06 20.09
N GLU A 355 -3.82 12.66 21.11
CA GLU A 355 -3.94 13.21 22.46
C GLU A 355 -3.41 14.64 22.61
N CYS A 356 -2.37 15.00 21.84
CA CYS A 356 -1.64 16.25 22.00
C CYS A 356 -1.49 16.85 20.62
N PRO A 357 -2.53 17.54 20.16
CA PRO A 357 -2.54 17.94 18.75
C PRO A 357 -1.78 19.21 18.52
N GLY A 358 -1.38 19.42 17.25
CA GLY A 358 -0.74 20.65 16.78
C GLY A 358 0.68 20.89 17.17
N LEU A 359 1.40 19.89 17.66
CA LEU A 359 2.82 20.05 17.98
C LEU A 359 3.64 20.22 16.72
N ASP A 360 3.16 19.68 15.61
CA ASP A 360 3.86 19.78 14.32
C ASP A 360 3.49 21.01 13.48
N GLU A 361 2.51 21.77 13.94
CA GLU A 361 1.97 22.98 13.29
C GLU A 361 2.62 24.22 13.88
N VAL A 362 3.57 24.06 14.78
CA VAL A 362 4.06 25.17 15.58
C VAL A 362 5.54 24.89 15.95
N TRP A 363 6.34 25.96 16.08
CA TRP A 363 7.78 25.86 16.36
C TRP A 363 8.29 26.88 17.37
N GLY A 364 9.54 26.70 17.77
CA GLY A 364 10.24 27.64 18.66
C GLY A 364 9.47 27.81 19.94
N GLU A 365 9.29 29.05 20.37
CA GLU A 365 8.60 29.35 21.64
C GLU A 365 7.24 28.77 21.69
N GLU A 366 6.48 29.02 20.65
CA GLU A 366 5.10 28.52 20.59
C GLU A 366 4.98 26.98 20.66
N PHE A 367 5.91 26.24 20.06
CA PHE A 367 6.05 24.78 20.31
C PHE A 367 6.40 24.46 21.76
N GLU A 368 7.46 25.07 22.27
CA GLU A 368 7.97 24.79 23.62
C GLU A 368 6.91 25.03 24.72
N LYS A 369 6.09 26.04 24.49
CA LYS A 369 5.03 26.41 25.42
C LYS A 369 3.87 25.40 25.32
N LEU A 370 3.43 25.08 24.11
CA LEU A 370 2.32 24.14 23.92
C LEU A 370 2.73 22.74 24.41
N TYR A 371 3.93 22.28 24.05
CA TYR A 371 4.51 20.98 24.51
C TYR A 371 4.62 20.89 26.03
N ALA A 372 5.21 21.91 26.63
CA ALA A 372 5.27 22.10 28.08
C ALA A 372 3.89 22.08 28.74
N SER A 373 2.93 22.71 28.08
CA SER A 373 1.55 22.70 28.56
C SER A 373 0.90 21.32 28.52
N TYR A 374 1.17 20.51 27.50
CA TYR A 374 0.66 19.15 27.51
C TYR A 374 1.35 18.37 28.65
N GLU A 375 2.60 18.70 28.93
CA GLU A 375 3.34 18.02 29.99
C GLU A 375 2.70 18.31 31.36
N LYS A 376 2.44 19.61 31.63
CA LYS A 376 1.82 20.06 32.89
C LYS A 376 0.45 19.43 33.07
N GLN A 377 -0.27 19.25 31.97
CA GLN A 377 -1.55 18.52 31.98
C GLN A 377 -1.39 16.98 32.16
N GLY A 378 -0.16 16.45 32.29
CA GLY A 378 0.06 14.99 32.24
C GLY A 378 -0.54 14.27 31.02
N ARG A 379 -0.67 14.96 29.89
CA ARG A 379 -1.02 14.31 28.63
C ARG A 379 0.26 13.74 27.95
N VAL A 380 0.77 12.65 28.50
CA VAL A 380 2.09 12.15 28.14
C VAL A 380 1.89 10.67 28.12
N ARG A 381 2.41 10.00 27.11
CA ARG A 381 2.23 8.55 27.02
C ARG A 381 3.42 7.73 27.55
N LYS A 382 4.60 8.33 27.61
CA LYS A 382 5.77 7.67 28.17
C LYS A 382 6.82 8.73 28.44
N VAL A 383 7.51 8.60 29.59
CA VAL A 383 8.60 9.54 29.93
C VAL A 383 9.88 8.75 29.89
N VAL A 384 10.87 9.28 29.17
CA VAL A 384 12.17 8.70 29.10
C VAL A 384 13.16 9.80 29.40
N LYS A 385 14.38 9.42 29.73
CA LYS A 385 15.48 10.36 29.85
C LYS A 385 15.78 10.80 28.44
N ALA A 386 15.96 12.10 28.21
CA ALA A 386 16.30 12.63 26.88
C ALA A 386 17.55 11.96 26.30
N GLN A 387 18.51 11.64 27.16
CA GLN A 387 19.74 10.98 26.73
C GLN A 387 19.55 9.49 26.32
N GLN A 388 18.54 8.83 26.83
CA GLN A 388 18.23 7.48 26.36
C GLN A 388 17.84 7.53 24.87
N LEU A 389 16.96 8.48 24.52
CA LEU A 389 16.57 8.71 23.13
C LEU A 389 17.74 9.23 22.31
N TRP A 390 18.52 10.13 22.89
CA TRP A 390 19.66 10.67 22.17
C TRP A 390 20.60 9.56 21.62
N TYR A 391 20.82 8.52 22.44
CA TYR A 391 21.80 7.50 22.13
C TYR A 391 21.20 6.39 21.31
N ALA A 392 19.88 6.23 21.39
CA ALA A 392 19.15 5.47 20.37
C ALA A 392 19.36 6.10 18.98
N ILE A 393 19.41 7.43 18.93
CA ILE A 393 19.55 8.12 17.65
C ILE A 393 20.93 7.89 17.06
N ILE A 394 21.97 8.08 17.87
CA ILE A 394 23.31 7.98 17.35
C ILE A 394 23.68 6.51 17.11
N GLU A 395 23.12 5.57 17.88
CA GLU A 395 23.26 4.14 17.55
C GLU A 395 22.64 3.78 16.18
N SER A 396 21.52 4.41 15.87
CA SER A 396 20.92 4.31 14.55
C SER A 396 21.81 4.80 13.46
N GLN A 397 22.46 5.92 13.71
CA GLN A 397 23.29 6.57 12.70
C GLN A 397 24.54 5.77 12.45
N THR A 398 25.04 5.10 13.48
CA THR A 398 26.23 4.27 13.37
C THR A 398 25.96 3.07 12.45
N GLU A 399 24.79 2.51 12.52
CA GLU A 399 24.51 1.36 11.69
C GLU A 399 24.12 1.68 10.27
N THR A 400 23.21 2.61 10.08
CA THR A 400 22.75 2.94 8.77
C THR A 400 23.20 4.27 8.26
N GLY A 401 23.61 5.11 9.16
CA GLY A 401 23.96 6.46 8.82
C GLY A 401 22.73 7.32 8.75
N THR A 402 21.63 6.89 9.32
CA THR A 402 20.41 7.62 9.28
C THR A 402 19.77 7.49 10.65
N PRO A 403 19.13 8.52 11.12
CA PRO A 403 18.35 9.43 10.31
C PRO A 403 19.08 10.70 10.05
N TYR A 404 18.58 11.47 9.10
CA TYR A 404 19.15 12.75 8.83
C TYR A 404 18.76 13.66 9.98
N MET A 405 19.58 14.62 10.27
CA MET A 405 19.34 15.48 11.40
C MET A 405 19.01 16.87 10.90
N LEU A 406 17.77 17.26 11.08
CA LEU A 406 17.32 18.60 10.74
C LEU A 406 16.79 19.29 11.98
N TYR A 407 17.04 20.60 12.05
CA TYR A 407 16.72 21.40 13.21
C TYR A 407 15.53 22.27 12.83
N LYS A 408 14.39 21.78 13.26
CA LYS A 408 13.11 22.34 12.90
C LYS A 408 13.05 23.82 13.15
N ASP A 409 13.62 24.24 14.25
CA ASP A 409 13.38 25.59 14.70
C ASP A 409 14.28 26.52 13.89
N SER A 410 15.50 26.07 13.58
CA SER A 410 16.40 26.80 12.67
C SER A 410 15.86 26.94 11.26
N CYS A 411 15.23 25.86 10.77
CA CYS A 411 14.58 25.84 9.48
C CYS A 411 13.49 26.87 9.36
N ASN A 412 12.67 26.97 10.40
CA ASN A 412 11.54 27.90 10.42
C ASN A 412 11.97 29.35 10.76
N ARG A 413 12.86 29.48 11.75
CA ARG A 413 13.25 30.77 12.26
C ARG A 413 13.86 31.59 11.15
N LYS A 414 14.55 30.89 10.24
CA LYS A 414 15.30 31.56 9.19
C LYS A 414 14.76 31.34 7.78
N SER A 415 13.48 30.95 7.66
CA SER A 415 12.84 30.74 6.36
C SER A 415 12.07 31.95 5.89
N ASN A 416 12.26 32.35 4.65
CA ASN A 416 11.47 33.44 4.09
C ASN A 416 10.04 33.04 3.82
N GLN A 417 9.75 31.74 3.80
CA GLN A 417 8.36 31.27 3.73
C GLN A 417 7.59 31.26 5.11
N GLN A 418 8.19 31.84 6.16
CA GLN A 418 7.63 31.94 7.53
C GLN A 418 6.19 32.30 7.64
N ASN A 419 5.82 33.34 6.92
CA ASN A 419 4.44 33.84 6.88
C ASN A 419 3.41 32.81 6.36
N LEU A 420 3.86 31.77 5.67
CA LEU A 420 2.93 30.77 5.25
C LEU A 420 2.49 29.85 6.36
N GLY A 421 3.33 29.67 7.39
CA GLY A 421 3.03 28.73 8.49
C GLY A 421 4.24 27.91 8.80
N THR A 422 4.08 26.91 9.68
CA THR A 422 5.20 26.07 10.10
C THR A 422 5.60 25.10 9.00
N ILE A 423 6.88 25.00 8.77
CA ILE A 423 7.42 24.02 7.84
C ILE A 423 7.66 22.68 8.58
N LYS A 424 7.00 21.65 8.09
CA LYS A 424 6.96 20.36 8.72
C LYS A 424 8.05 19.39 8.32
N CYS A 425 8.73 19.60 7.20
CA CYS A 425 9.78 18.65 6.76
C CYS A 425 10.66 19.23 5.71
N SER A 426 11.72 18.51 5.35
CA SER A 426 12.58 18.79 4.19
C SER A 426 12.42 17.68 3.11
N ASN A 427 13.32 17.64 2.16
CA ASN A 427 13.20 16.76 1.03
C ASN A 427 14.12 15.56 1.20
N LEU A 428 14.28 14.81 0.11
CA LEU A 428 14.98 13.53 0.14
C LEU A 428 16.46 13.67 0.49
N CYS A 429 17.03 14.80 0.05
CA CYS A 429 18.45 15.12 0.23
C CYS A 429 18.77 16.28 1.22
N THR A 430 17.74 16.80 1.87
CA THR A 430 17.88 17.71 3.02
C THR A 430 18.30 19.12 2.68
N GLU A 431 18.22 19.56 1.41
CA GLU A 431 18.63 20.95 1.04
C GLU A 431 17.43 21.87 0.98
N ILE A 432 16.24 21.28 0.86
CA ILE A 432 14.99 22.05 0.62
C ILE A 432 14.14 22.19 1.86
N VAL A 433 13.89 23.42 2.24
CA VAL A 433 13.09 23.75 3.39
C VAL A 433 12.01 24.66 2.82
N GLU A 434 10.85 24.04 2.52
CA GLU A 434 9.66 24.72 1.95
C GLU A 434 8.35 24.25 2.58
N TYR A 435 7.42 25.20 2.58
CA TYR A 435 6.12 25.04 3.20
C TYR A 435 5.27 24.02 2.44
N THR A 436 4.61 23.15 3.19
CA THR A 436 3.70 22.14 2.66
C THR A 436 2.46 22.05 3.55
N SER A 437 1.39 21.50 2.97
CA SER A 437 0.06 21.50 3.56
C SER A 437 -0.85 20.56 2.80
N LYS A 438 -2.13 20.58 3.13
CA LYS A 438 -3.11 19.62 2.63
C LYS A 438 -3.31 19.98 1.17
N ASP A 439 -3.29 21.28 0.89
CA ASP A 439 -3.56 21.86 -0.43
C ASP A 439 -2.33 22.11 -1.27
N GLU A 440 -1.15 21.93 -0.68
CA GLU A 440 0.13 22.28 -1.29
C GLU A 440 1.20 21.20 -1.14
N VAL A 441 1.72 20.78 -2.27
CA VAL A 441 2.90 19.96 -2.34
C VAL A 441 4.03 20.85 -2.84
N ALA A 442 5.08 21.01 -2.02
CA ALA A 442 6.25 21.79 -2.41
C ALA A 442 7.10 21.10 -3.47
N VAL A 443 7.77 21.91 -4.28
CA VAL A 443 8.47 21.43 -5.48
C VAL A 443 9.86 22.04 -5.46
N CYS A 444 10.84 21.28 -5.92
CA CYS A 444 12.23 21.70 -5.97
C CYS A 444 12.61 21.91 -7.41
N ASN A 445 12.84 23.15 -7.82
CA ASN A 445 13.30 23.44 -9.21
C ASN A 445 14.78 23.82 -9.14
N LEU A 446 15.65 22.99 -9.70
CA LEU A 446 17.08 22.99 -9.36
C LEU A 446 18.05 23.18 -10.52
N ALA A 447 19.18 23.82 -10.22
CA ALA A 447 20.30 23.96 -11.12
C ALA A 447 21.54 24.04 -10.25
N SER A 448 22.72 23.91 -10.85
CA SER A 448 23.98 24.16 -10.11
C SER A 448 25.03 25.00 -10.91
N LEU A 449 25.85 25.80 -10.21
CA LEU A 449 26.93 26.54 -10.82
C LEU A 449 28.22 25.76 -10.63
N ALA A 450 29.07 25.82 -11.65
CA ALA A 450 30.34 25.12 -11.66
C ALA A 450 31.46 26.04 -11.15
N LEU A 451 31.68 25.99 -9.85
CA LEU A 451 32.50 26.99 -9.15
C LEU A 451 33.94 27.03 -9.65
N ASN A 452 34.44 25.89 -10.09
CA ASN A 452 35.81 25.84 -10.63
C ASN A 452 36.01 26.63 -11.91
N MET A 453 34.97 26.78 -12.70
CA MET A 453 35.08 27.50 -13.95
C MET A 453 35.32 29.00 -13.76
N TYR A 454 35.09 29.54 -12.56
CA TYR A 454 35.20 30.98 -12.29
C TYR A 454 36.59 31.41 -11.74
N VAL A 455 37.51 30.45 -11.61
CA VAL A 455 38.88 30.72 -11.22
C VAL A 455 39.63 31.17 -12.46
N THR A 456 40.30 32.32 -12.40
CA THR A 456 41.05 32.88 -13.55
C THR A 456 42.36 32.14 -13.69
N SER A 457 42.96 32.23 -14.88
CA SER A 457 44.29 31.67 -15.14
C SER A 457 45.41 32.38 -14.32
N GLU A 458 45.05 33.49 -13.65
CA GLU A 458 45.91 34.26 -12.75
C GLU A 458 45.63 33.97 -11.23
N HIS A 459 45.00 32.84 -10.89
CA HIS A 459 44.65 32.52 -9.49
C HIS A 459 43.89 33.64 -8.74
N THR A 460 42.87 34.19 -9.39
CA THR A 460 41.89 35.08 -8.76
C THR A 460 40.52 34.56 -9.13
N TYR A 461 39.52 34.91 -8.31
CA TYR A 461 38.15 34.40 -8.47
C TYR A 461 37.28 35.43 -9.15
N ASP A 462 36.67 35.06 -10.27
CA ASP A 462 35.84 35.99 -11.04
C ASP A 462 34.44 36.03 -10.47
N PHE A 463 34.28 36.85 -9.43
CA PHE A 463 32.98 37.06 -8.77
C PHE A 463 31.94 37.72 -9.64
N LYS A 464 32.32 38.60 -10.56
CA LYS A 464 31.37 39.33 -11.38
C LYS A 464 30.73 38.42 -12.44
N LYS A 465 31.52 37.52 -13.00
CA LYS A 465 30.97 36.51 -13.92
C LYS A 465 30.02 35.54 -13.17
N LEU A 466 30.43 35.05 -11.99
CA LEU A 466 29.58 34.20 -11.13
C LEU A 466 28.21 34.77 -10.91
N ALA A 467 28.19 36.05 -10.60
CA ALA A 467 26.93 36.78 -10.39
C ALA A 467 26.15 36.86 -11.64
N GLU A 468 26.82 37.13 -12.75
CA GLU A 468 26.11 37.31 -14.00
C GLU A 468 25.54 35.98 -14.47
N VAL A 469 26.24 34.88 -14.24
CA VAL A 469 25.71 33.53 -14.53
C VAL A 469 24.54 33.15 -13.62
N THR A 470 24.65 33.42 -12.34
CA THR A 470 23.53 33.18 -11.43
C THR A 470 22.24 33.92 -11.82
N LYS A 471 22.37 35.12 -12.39
CA LYS A 471 21.19 35.86 -12.89
C LYS A 471 20.48 35.07 -13.98
N VAL A 472 21.25 34.50 -14.88
CA VAL A 472 20.69 33.71 -15.96
C VAL A 472 19.99 32.44 -15.41
N VAL A 473 20.58 31.80 -14.41
CA VAL A 473 20.01 30.56 -13.86
C VAL A 473 18.66 30.87 -13.19
N VAL A 474 18.63 31.97 -12.45
CA VAL A 474 17.38 32.41 -11.82
C VAL A 474 16.31 32.54 -12.86
N ARG A 475 16.58 33.29 -13.94
CA ARG A 475 15.59 33.54 -15.01
C ARG A 475 15.10 32.25 -15.68
N ASN A 476 16.00 31.27 -15.83
CA ASN A 476 15.69 29.94 -16.35
C ASN A 476 14.87 29.16 -15.36
N LEU A 477 15.25 29.16 -14.10
CA LEU A 477 14.43 28.43 -13.12
C LEU A 477 13.01 28.99 -13.00
N ASN A 478 12.85 30.32 -13.03
CA ASN A 478 11.51 30.94 -13.15
C ASN A 478 10.72 30.53 -14.36
N LYS A 479 11.35 30.45 -15.51
CA LYS A 479 10.63 30.00 -16.71
C LYS A 479 10.20 28.52 -16.58
N ILE A 480 11.02 27.71 -15.93
CA ILE A 480 10.71 26.29 -15.70
C ILE A 480 9.48 26.13 -14.81
N ILE A 481 9.37 26.92 -13.73
CA ILE A 481 8.19 26.90 -12.86
C ILE A 481 6.93 26.99 -13.71
N ASP A 482 6.96 27.86 -14.71
CA ASP A 482 5.85 28.12 -15.61
C ASP A 482 5.61 27.09 -16.71
N ILE A 483 6.63 26.35 -17.15
CA ILE A 483 6.41 25.28 -18.13
C ILE A 483 6.18 23.89 -17.51
N ASN A 484 6.53 23.68 -16.26
CA ASN A 484 6.63 22.33 -15.73
C ASN A 484 5.29 21.57 -15.84
N TYR A 485 5.40 20.28 -16.10
CA TYR A 485 4.29 19.35 -16.01
C TYR A 485 4.29 18.89 -14.55
N TYR A 486 3.24 19.20 -13.83
CA TYR A 486 3.12 18.82 -12.42
C TYR A 486 2.35 17.50 -12.31
N PRO A 487 2.84 16.60 -11.48
CA PRO A 487 2.21 15.29 -11.32
C PRO A 487 0.88 15.30 -10.54
N VAL A 488 0.68 16.32 -9.71
CA VAL A 488 -0.58 16.51 -8.97
C VAL A 488 -0.86 18.01 -8.94
N PRO A 489 -2.12 18.41 -8.84
CA PRO A 489 -2.38 19.85 -8.90
C PRO A 489 -1.92 20.65 -7.66
N GLU A 490 -1.83 19.98 -6.53
CA GLU A 490 -1.29 20.62 -5.31
C GLU A 490 0.17 21.07 -5.44
N ALA A 491 0.98 20.34 -6.19
CA ALA A 491 2.33 20.78 -6.60
C ALA A 491 2.33 22.07 -7.40
N CYS A 492 1.54 22.08 -8.47
CA CYS A 492 1.35 23.26 -9.30
C CYS A 492 0.90 24.50 -8.51
N LEU A 493 -0.02 24.31 -7.57
CA LEU A 493 -0.53 25.39 -6.80
C LEU A 493 0.59 25.95 -5.97
N SER A 494 1.29 25.08 -5.24
CA SER A 494 2.44 25.47 -4.39
C SER A 494 3.40 26.37 -5.18
N ASN A 495 3.90 25.83 -6.29
CA ASN A 495 4.94 26.47 -7.09
C ASN A 495 4.52 27.81 -7.59
N LYS A 496 3.30 27.94 -8.07
CA LYS A 496 2.84 29.22 -8.64
C LYS A 496 2.59 30.29 -7.58
N ARG A 497 2.21 29.88 -6.38
CA ARG A 497 1.99 30.82 -5.29
C ARG A 497 3.25 31.50 -4.69
N HIS A 498 4.34 30.73 -4.57
CA HIS A 498 5.57 31.18 -3.87
C HIS A 498 6.80 31.21 -4.75
N ARG A 499 6.76 30.47 -5.87
CA ARG A 499 7.83 30.42 -6.85
C ARG A 499 9.23 30.22 -6.28
N PRO A 500 9.42 29.21 -5.39
CA PRO A 500 10.76 29.03 -4.87
C PRO A 500 11.67 28.37 -5.89
N ILE A 501 12.98 28.58 -5.76
CA ILE A 501 13.96 27.92 -6.61
C ILE A 501 15.19 27.53 -5.80
N GLY A 502 15.93 26.56 -6.30
CA GLY A 502 17.03 25.98 -5.56
C GLY A 502 18.26 26.00 -6.43
N ILE A 503 19.09 27.04 -6.28
CA ILE A 503 20.36 27.14 -6.97
C ILE A 503 21.46 26.66 -6.04
N GLY A 504 22.15 25.62 -6.50
CA GLY A 504 23.24 25.03 -5.77
C GLY A 504 24.52 25.23 -6.53
N VAL A 505 25.55 24.52 -6.08
CA VAL A 505 26.87 24.55 -6.66
C VAL A 505 27.49 23.16 -6.77
N GLN A 506 28.58 23.11 -7.55
CA GLN A 506 29.48 21.97 -7.64
C GLN A 506 30.87 22.43 -7.87
N GLY A 507 31.81 21.57 -7.52
CA GLY A 507 33.23 21.88 -7.69
C GLY A 507 33.81 22.94 -6.79
N LEU A 508 33.27 23.12 -5.59
CA LEU A 508 33.93 23.95 -4.61
C LEU A 508 35.31 23.43 -4.28
N ALA A 509 35.47 22.13 -4.07
CA ALA A 509 36.78 21.58 -3.76
C ALA A 509 37.74 21.88 -4.88
N ASP A 510 37.28 21.72 -6.10
CA ASP A 510 38.11 22.00 -7.27
C ASP A 510 38.49 23.46 -7.35
N ALA A 511 37.62 24.38 -6.99
CA ALA A 511 37.97 25.81 -6.99
C ALA A 511 39.09 26.14 -6.01
N PHE A 512 38.97 25.59 -4.83
CA PHE A 512 40.01 25.71 -3.80
C PHE A 512 41.35 25.27 -4.36
N ILE A 513 41.38 24.04 -4.85
CA ILE A 513 42.62 23.46 -5.42
C ILE A 513 43.15 24.33 -6.55
N LEU A 514 42.31 24.73 -7.51
CA LEU A 514 42.76 25.64 -8.58
C LEU A 514 43.26 26.99 -8.07
N MET A 515 42.79 27.46 -6.89
CA MET A 515 43.37 28.65 -6.23
C MET A 515 44.58 28.28 -5.35
N ARG A 516 44.87 27.00 -5.19
CA ARG A 516 45.99 26.53 -4.35
C ARG A 516 45.74 26.71 -2.84
N TYR A 517 44.47 26.68 -2.44
CA TYR A 517 44.06 26.80 -1.03
C TYR A 517 43.71 25.42 -0.42
N PRO A 518 44.38 25.04 0.66
CA PRO A 518 43.87 23.95 1.49
C PRO A 518 42.44 24.24 1.98
N PHE A 519 41.61 23.21 1.96
CA PHE A 519 40.19 23.35 2.26
C PHE A 519 39.92 24.09 3.61
N GLU A 520 40.77 23.87 4.61
CA GLU A 520 40.62 24.44 5.97
C GLU A 520 41.37 25.77 6.16
N SER A 521 42.10 26.21 5.16
CA SER A 521 42.87 27.42 5.23
C SER A 521 41.98 28.62 5.34
N ALA A 522 42.54 29.66 5.92
CA ALA A 522 41.86 30.93 6.00
C ALA A 522 41.59 31.52 4.62
N GLU A 523 42.40 31.20 3.63
CA GLU A 523 42.18 31.71 2.28
C GLU A 523 40.88 31.13 1.67
N ALA A 524 40.65 29.85 1.93
CA ALA A 524 39.44 29.15 1.47
C ALA A 524 38.23 29.60 2.27
N GLN A 525 38.38 29.71 3.59
CA GLN A 525 37.26 30.11 4.43
C GLN A 525 36.67 31.47 4.00
N LEU A 526 37.50 32.35 3.45
CA LEU A 526 37.03 33.65 3.01
C LEU A 526 36.44 33.55 1.61
N LEU A 527 37.17 32.90 0.72
CA LEU A 527 36.62 32.58 -0.59
C LEU A 527 35.25 31.88 -0.49
N ASN A 528 35.18 30.88 0.37
CA ASN A 528 33.90 30.26 0.69
C ASN A 528 32.80 31.25 1.05
N LYS A 529 33.06 32.19 1.95
CA LYS A 529 32.07 33.21 2.29
C LYS A 529 31.74 34.13 1.13
N GLN A 530 32.75 34.48 0.36
CA GLN A 530 32.56 35.39 -0.81
C GLN A 530 31.82 34.77 -1.97
N ILE A 531 32.07 33.49 -2.23
CA ILE A 531 31.40 32.76 -3.30
C ILE A 531 29.91 32.84 -3.09
N PHE A 532 29.51 32.54 -1.85
CA PHE A 532 28.09 32.48 -1.52
C PHE A 532 27.41 33.81 -1.27
N GLU A 533 28.13 34.83 -0.82
CA GLU A 533 27.65 36.22 -0.88
C GLU A 533 27.30 36.57 -2.30
N THR A 534 28.19 36.24 -3.22
CA THR A 534 28.04 36.56 -4.63
C THR A 534 26.80 35.88 -5.23
N ILE A 535 26.62 34.59 -5.00
CA ILE A 535 25.48 33.87 -5.58
C ILE A 535 24.17 34.43 -5.05
N TYR A 536 24.05 34.55 -3.76
CA TYR A 536 22.86 35.13 -3.16
C TYR A 536 22.63 36.52 -3.73
N TYR A 537 23.69 37.25 -4.04
CA TYR A 537 23.54 38.63 -4.49
C TYR A 537 22.93 38.66 -5.86
N GLY A 538 23.59 38.01 -6.80
CA GLY A 538 23.11 37.89 -8.17
C GLY A 538 21.71 37.34 -8.21
N ALA A 539 21.45 36.30 -7.42
CA ALA A 539 20.16 35.64 -7.43
C ALA A 539 19.08 36.64 -7.03
N LEU A 540 19.28 37.29 -5.91
CA LEU A 540 18.36 38.32 -5.45
C LEU A 540 18.20 39.39 -6.48
N GLU A 541 19.28 39.73 -7.17
CA GLU A 541 19.25 40.80 -8.15
C GLU A 541 18.37 40.46 -9.35
N ALA A 542 18.54 39.26 -9.88
CA ALA A 542 17.65 38.76 -10.93
C ALA A 542 16.22 38.55 -10.43
N SER A 543 16.08 38.03 -9.22
CA SER A 543 14.73 37.79 -8.70
C SER A 543 13.97 39.11 -8.54
N CYS A 544 14.65 40.14 -8.02
CA CYS A 544 14.13 41.53 -8.01
C CYS A 544 13.86 42.15 -9.41
N ASP A 545 14.75 41.94 -10.39
CA ASP A 545 14.51 42.40 -11.78
C ASP A 545 13.24 41.75 -12.35
N LEU A 546 13.08 40.43 -12.16
CA LEU A 546 11.86 39.73 -12.57
C LEU A 546 10.60 40.25 -11.86
N ALA A 547 10.74 40.71 -10.63
CA ALA A 547 9.61 41.28 -9.88
C ALA A 547 9.18 42.63 -10.48
N LYS A 548 10.16 43.38 -10.94
CA LYS A 548 9.94 44.64 -11.63
C LYS A 548 9.14 44.42 -12.89
N GLU A 549 9.45 43.34 -13.61
CA GLU A 549 8.82 43.04 -14.90
C GLU A 549 7.41 42.43 -14.73
N GLN A 550 7.24 41.61 -13.68
CA GLN A 550 6.08 40.73 -13.52
C GLN A 550 5.35 40.79 -12.16
N GLY A 551 5.89 41.54 -11.22
CA GLY A 551 5.33 41.64 -9.87
C GLY A 551 5.84 40.57 -8.93
N PRO A 552 5.86 40.88 -7.63
CA PRO A 552 6.29 39.90 -6.63
C PRO A 552 5.44 38.66 -6.69
N TYR A 553 5.98 37.56 -6.20
CA TYR A 553 5.19 36.34 -6.07
C TYR A 553 4.00 36.66 -5.15
N GLU A 554 2.90 35.91 -5.31
CA GLU A 554 1.64 36.13 -4.59
C GLU A 554 1.67 36.25 -3.06
N THR A 555 2.50 35.44 -2.37
CA THR A 555 2.63 35.46 -0.89
C THR A 555 3.84 36.24 -0.41
N TYR A 556 4.27 37.21 -1.20
CA TYR A 556 5.46 38.01 -0.85
C TYR A 556 5.14 39.02 0.25
N GLU A 557 4.00 39.68 0.22
CA GLU A 557 3.66 40.65 1.30
C GLU A 557 3.44 39.94 2.63
N GLY A 558 4.28 40.24 3.62
CA GLY A 558 4.38 39.49 4.89
C GLY A 558 5.75 38.85 5.17
N SER A 559 6.35 38.32 4.10
CA SER A 559 7.62 37.60 4.20
C SER A 559 8.72 38.45 4.80
N PRO A 560 9.69 37.78 5.49
CA PRO A 560 10.85 38.50 6.04
C PRO A 560 11.55 39.41 5.01
N VAL A 561 11.70 38.95 3.77
CA VAL A 561 12.29 39.81 2.75
C VAL A 561 11.42 41.07 2.48
N SER A 562 10.10 40.98 2.51
CA SER A 562 9.27 42.18 2.34
C SER A 562 9.44 43.21 3.45
N LYS A 563 9.93 42.77 4.61
CA LYS A 563 10.24 43.63 5.74
C LYS A 563 11.69 44.14 5.74
N GLY A 564 12.40 43.99 4.61
CA GLY A 564 13.83 44.33 4.48
C GLY A 564 14.82 43.38 5.12
N ILE A 565 14.40 42.17 5.52
CA ILE A 565 15.28 41.18 6.19
C ILE A 565 15.72 40.09 5.20
N LEU A 566 17.03 40.01 4.97
CA LEU A 566 17.60 38.97 4.08
C LEU A 566 18.26 37.86 4.91
N GLN A 567 18.64 36.74 4.27
CA GLN A 567 19.00 35.52 5.03
C GLN A 567 20.06 35.78 6.10
N TYR A 568 21.12 36.45 5.68
CA TYR A 568 22.18 36.82 6.61
C TYR A 568 21.73 37.64 7.84
N ASP A 569 20.71 38.47 7.70
CA ASP A 569 20.21 39.16 8.87
C ASP A 569 19.62 38.18 9.85
N MET A 570 19.03 37.09 9.38
CA MET A 570 18.47 36.10 10.30
C MET A 570 19.55 35.30 11.04
N TRP A 571 20.76 35.29 10.50
CA TRP A 571 21.93 34.66 11.11
C TRP A 571 22.77 35.66 11.90
N ASN A 572 22.30 36.91 11.96
CA ASN A 572 23.01 37.99 12.62
C ASN A 572 24.45 38.14 12.10
N VAL A 573 24.64 38.01 10.79
CA VAL A 573 25.96 38.03 10.16
C VAL A 573 25.98 39.29 9.38
N THR A 574 27.17 39.89 9.22
CA THR A 574 27.40 41.09 8.39
C THR A 574 28.21 40.66 7.20
N PRO A 575 27.70 40.85 5.99
CA PRO A 575 28.53 40.42 4.85
C PRO A 575 29.89 41.16 4.79
N THR A 576 30.85 40.60 4.03
CA THR A 576 32.10 41.25 3.75
C THR A 576 31.83 42.51 2.89
N ASP A 577 32.88 43.26 2.58
CA ASP A 577 32.75 44.48 1.77
C ASP A 577 32.57 44.19 0.26
N LEU A 578 32.59 42.92 -0.14
CA LEU A 578 32.58 42.56 -1.57
C LEU A 578 31.44 43.09 -2.44
N TRP A 579 30.24 43.17 -1.89
CA TRP A 579 29.04 43.55 -2.65
C TRP A 579 28.24 44.62 -1.88
N ASP A 580 27.68 45.57 -2.61
CA ASP A 580 26.86 46.60 -2.01
C ASP A 580 25.43 46.12 -1.72
N TRP A 581 25.24 45.63 -0.50
CA TRP A 581 23.94 45.19 -0.05
C TRP A 581 22.95 46.30 0.17
N LYS A 582 23.40 47.49 0.59
CA LYS A 582 22.55 48.68 0.81
C LYS A 582 21.68 48.95 -0.43
N VAL A 583 22.33 48.96 -1.59
CA VAL A 583 21.68 49.30 -2.86
C VAL A 583 20.72 48.25 -3.33
N LEU A 584 21.10 46.98 -3.19
CA LEU A 584 20.15 45.89 -3.45
C LEU A 584 18.91 45.98 -2.57
N LYS A 585 19.10 46.13 -1.27
CA LYS A 585 17.93 46.33 -0.36
C LYS A 585 16.97 47.44 -0.82
N GLU A 586 17.50 48.53 -1.37
CA GLU A 586 16.67 49.62 -1.89
C GLU A 586 15.94 49.14 -3.12
N LYS A 587 16.64 48.42 -4.00
CA LYS A 587 15.98 47.79 -5.15
C LYS A 587 14.88 46.83 -4.68
N ILE A 588 15.15 45.99 -3.67
CA ILE A 588 14.14 45.02 -3.20
C ILE A 588 12.97 45.71 -2.48
N ALA A 589 13.27 46.72 -1.69
CA ALA A 589 12.23 47.50 -0.99
C ALA A 589 11.23 48.15 -1.93
N LYS A 590 11.70 48.55 -3.11
CA LYS A 590 10.90 49.16 -4.13
C LYS A 590 10.12 48.12 -4.96
N TYR A 591 10.78 47.05 -5.41
CA TYR A 591 10.18 46.14 -6.39
C TYR A 591 9.71 44.77 -5.86
N GLY A 592 10.23 44.35 -4.72
CA GLY A 592 10.07 42.98 -4.24
C GLY A 592 10.96 42.02 -5.01
N ILE A 593 10.69 40.73 -4.81
CA ILE A 593 11.35 39.65 -5.52
C ILE A 593 10.30 38.70 -6.08
N ARG A 594 10.71 38.02 -7.13
CA ARG A 594 9.85 37.10 -7.86
C ARG A 594 9.77 35.73 -7.17
N ASN A 595 10.75 35.41 -6.33
CA ASN A 595 10.86 34.05 -5.79
C ASN A 595 11.00 34.04 -4.30
N SER A 596 10.21 33.21 -3.63
CA SER A 596 10.26 33.13 -2.15
C SER A 596 11.58 32.62 -1.59
N LEU A 597 12.29 31.83 -2.35
CA LEU A 597 13.55 31.24 -1.94
C LEU A 597 14.40 31.04 -3.20
N LEU A 598 15.69 31.06 -3.06
CA LEU A 598 16.58 31.05 -4.20
C LEU A 598 17.76 30.04 -4.17
N ILE A 599 18.25 29.66 -2.98
CA ILE A 599 19.53 28.98 -2.87
C ILE A 599 19.42 27.72 -2.03
N ALA A 600 19.95 26.62 -2.58
CA ALA A 600 19.95 25.36 -1.90
C ALA A 600 20.99 24.42 -2.50
N PRO A 601 22.19 24.37 -1.92
CA PRO A 601 23.20 23.42 -2.42
C PRO A 601 22.78 21.98 -2.25
N MET A 602 22.41 21.36 -3.36
CA MET A 602 21.97 19.98 -3.40
C MET A 602 23.14 19.01 -3.67
N PRO A 603 22.88 17.67 -3.59
CA PRO A 603 24.00 16.74 -3.75
C PRO A 603 24.74 16.69 -5.08
N THR A 604 24.11 17.11 -6.15
CA THR A 604 24.75 17.07 -7.49
C THR A 604 25.48 15.77 -7.84
N ALA A 605 25.01 14.61 -7.36
CA ALA A 605 25.65 13.31 -7.69
C ALA A 605 25.85 13.08 -9.21
N SER A 606 24.77 13.08 -9.98
CA SER A 606 24.83 12.84 -11.43
C SER A 606 25.45 13.97 -12.27
N THR A 607 25.11 15.24 -12.01
CA THR A 607 25.66 16.35 -12.84
C THR A 607 27.13 16.64 -12.55
N ALA A 608 27.62 16.37 -11.33
CA ALA A 608 29.02 16.60 -11.05
C ALA A 608 29.83 15.60 -11.84
N GLN A 609 29.34 14.37 -11.89
CA GLN A 609 30.00 13.29 -12.64
C GLN A 609 30.05 13.55 -14.14
N ILE A 610 29.14 14.37 -14.67
CA ILE A 610 29.17 14.76 -16.10
C ILE A 610 30.13 15.88 -16.38
N LEU A 611 30.12 16.93 -15.58
CA LEU A 611 31.07 18.03 -15.75
C LEU A 611 32.47 17.74 -15.23
N GLY A 612 32.65 16.63 -14.49
CA GLY A 612 33.95 16.17 -13.99
C GLY A 612 34.43 16.90 -12.76
N ASN A 613 33.50 17.51 -12.02
CA ASN A 613 33.83 18.16 -10.78
C ASN A 613 33.49 17.23 -9.65
N ASN A 614 33.97 17.59 -8.47
CA ASN A 614 33.58 16.93 -7.24
C ASN A 614 32.25 17.51 -6.82
N GLU A 615 31.55 16.71 -6.03
CA GLU A 615 30.15 16.95 -5.71
C GLU A 615 30.03 18.14 -4.81
N SER A 616 29.26 19.13 -5.23
CA SER A 616 28.69 20.07 -4.30
C SER A 616 29.72 20.91 -3.53
N ILE A 617 29.60 20.89 -2.20
CA ILE A 617 30.43 21.61 -1.20
C ILE A 617 31.40 20.66 -0.49
N GLU A 618 31.39 19.41 -0.95
CA GLU A 618 32.09 18.36 -0.28
C GLU A 618 33.57 18.40 -0.72
N PRO A 619 34.52 18.17 0.21
CA PRO A 619 35.91 17.95 -0.20
C PRO A 619 36.07 16.61 -0.90
N TYR A 620 37.25 16.37 -1.49
CA TYR A 620 37.51 15.09 -2.15
C TYR A 620 37.50 14.02 -1.10
N THR A 621 36.68 12.99 -1.27
CA THR A 621 36.56 11.96 -0.23
C THR A 621 37.78 11.05 -0.21
N SER A 622 38.47 11.02 -1.35
CA SER A 622 39.61 10.20 -1.57
C SER A 622 40.34 10.77 -2.78
N ASN A 623 41.64 10.52 -2.86
CA ASN A 623 42.41 10.95 -4.00
C ASN A 623 42.51 9.85 -5.04
N ILE A 624 41.96 8.68 -4.77
CA ILE A 624 41.90 7.67 -5.80
C ILE A 624 40.57 6.91 -5.68
N TYR A 625 39.91 6.73 -6.81
CA TYR A 625 38.56 6.22 -6.83
C TYR A 625 38.35 5.53 -8.14
N THR A 626 37.35 4.64 -8.20
CA THR A 626 37.00 3.94 -9.44
C THR A 626 35.65 4.39 -10.03
N ARG A 627 35.57 4.40 -11.35
CA ARG A 627 34.30 4.50 -12.04
C ARG A 627 34.04 3.18 -12.74
N ARG A 628 32.78 2.73 -12.72
CA ARG A 628 32.28 1.68 -13.63
C ARG A 628 31.77 2.39 -14.90
N VAL A 629 32.01 1.79 -16.05
CA VAL A 629 31.37 2.18 -17.32
C VAL A 629 30.98 0.85 -17.99
N LEU A 630 29.73 0.47 -17.79
CA LEU A 630 29.19 -0.81 -18.25
C LEU A 630 29.98 -1.97 -17.61
N SER A 631 30.68 -2.79 -18.40
CA SER A 631 31.52 -3.85 -17.86
C SER A 631 32.92 -3.37 -17.49
N GLY A 632 33.24 -2.10 -17.76
CA GLY A 632 34.53 -1.51 -17.41
C GLY A 632 34.64 -0.99 -15.96
N GLU A 633 35.84 -1.13 -15.41
CA GLU A 633 36.19 -0.64 -14.07
C GLU A 633 37.49 0.16 -14.29
N PHE A 634 37.49 1.44 -13.92
CA PHE A 634 38.62 2.37 -14.18
C PHE A 634 39.09 3.04 -12.91
N GLN A 635 40.41 3.13 -12.69
CA GLN A 635 40.99 3.74 -11.47
C GLN A 635 41.33 5.17 -11.81
N ILE A 636 40.79 6.12 -11.04
CA ILE A 636 41.05 7.52 -11.29
C ILE A 636 41.74 8.15 -10.09
N VAL A 637 42.76 8.95 -10.38
CA VAL A 637 43.50 9.73 -9.39
C VAL A 637 43.00 11.15 -9.46
N ASN A 638 42.98 11.84 -8.33
CA ASN A 638 42.50 13.23 -8.29
C ASN A 638 43.29 13.91 -9.40
N PRO A 639 42.61 14.47 -10.40
CA PRO A 639 43.33 15.00 -11.54
C PRO A 639 44.28 16.19 -11.20
N HIS A 640 43.87 17.04 -10.26
CA HIS A 640 44.75 18.10 -9.82
C HIS A 640 46.00 17.50 -9.23
N LEU A 641 45.85 16.61 -8.24
CA LEU A 641 46.96 15.86 -7.66
C LEU A 641 47.85 15.20 -8.71
N LEU A 642 47.29 14.49 -9.69
CA LEU A 642 48.10 13.67 -10.58
C LEU A 642 48.97 14.53 -11.47
N LYS A 643 48.45 15.70 -11.87
CA LYS A 643 49.24 16.74 -12.54
C LYS A 643 50.41 17.23 -11.67
N ASP A 644 50.13 17.52 -10.42
CA ASP A 644 51.20 17.94 -9.50
C ASP A 644 52.25 16.83 -9.33
N LEU A 645 51.82 15.58 -9.16
CA LEU A 645 52.78 14.49 -8.95
C LEU A 645 53.61 14.19 -10.20
N THR A 646 52.96 14.10 -11.36
CA THR A 646 53.68 13.93 -12.62
C THR A 646 54.67 15.04 -12.98
N GLU A 647 54.28 16.31 -12.78
CA GLU A 647 55.18 17.45 -13.10
C GLU A 647 56.37 17.58 -12.13
N ARG A 648 56.38 16.84 -11.03
CA ARG A 648 57.46 16.94 -10.07
C ARG A 648 58.22 15.63 -10.15
N GLY A 649 58.01 14.88 -11.24
CA GLY A 649 58.68 13.61 -11.43
C GLY A 649 58.59 12.65 -10.26
N LEU A 650 57.49 12.74 -9.51
CA LEU A 650 57.21 11.85 -8.36
C LEU A 650 56.32 10.64 -8.67
N TRP A 651 55.54 10.66 -9.75
CA TRP A 651 54.51 9.64 -9.96
C TRP A 651 55.08 8.33 -10.53
N HIS A 652 54.81 7.20 -9.89
CA HIS A 652 54.99 5.83 -10.48
C HIS A 652 54.01 4.82 -9.86
N GLU A 653 53.93 3.62 -10.42
CA GLU A 653 52.89 2.65 -10.01
C GLU A 653 53.01 2.24 -8.54
N GLU A 654 54.22 1.95 -8.09
CA GLU A 654 54.47 1.59 -6.68
C GLU A 654 53.93 2.65 -5.70
N MET A 655 53.83 3.92 -6.15
CA MET A 655 53.25 5.00 -5.33
C MET A 655 51.71 5.03 -5.39
N LYS A 656 51.14 4.86 -6.58
CA LYS A 656 49.71 4.69 -6.70
C LYS A 656 49.24 3.66 -5.67
N ASN A 657 49.89 2.50 -5.67
CA ASN A 657 49.52 1.42 -4.73
C ASN A 657 49.70 1.76 -3.23
N GLN A 658 50.67 2.61 -2.89
CA GLN A 658 50.79 3.12 -1.52
C GLN A 658 49.57 4.00 -1.19
N ILE A 659 49.12 4.81 -2.15
CA ILE A 659 47.98 5.70 -1.94
C ILE A 659 46.68 4.89 -1.75
N ILE A 660 46.54 3.81 -2.52
CA ILE A 660 45.41 2.92 -2.34
C ILE A 660 45.49 2.29 -0.96
N ALA A 661 46.64 1.70 -0.62
CA ALA A 661 46.91 1.14 0.72
C ALA A 661 46.66 2.09 1.93
N CYS A 662 46.66 3.41 1.72
CA CYS A 662 46.30 4.39 2.74
C CYS A 662 44.91 4.96 2.51
N ASN A 663 44.01 4.17 1.94
CA ASN A 663 42.65 4.59 1.66
C ASN A 663 42.56 5.96 0.99
N GLY A 664 43.36 6.17 -0.07
CA GLY A 664 43.34 7.43 -0.84
C GLY A 664 44.09 8.60 -0.24
N SER A 665 44.74 8.41 0.89
CA SER A 665 45.51 9.47 1.52
C SER A 665 46.91 9.50 0.95
N ILE A 666 47.46 10.70 0.92
CA ILE A 666 48.85 10.93 0.53
C ILE A 666 49.64 11.43 1.73
N GLN A 667 49.07 11.38 2.94
CA GLN A 667 49.66 12.05 4.13
C GLN A 667 50.88 11.32 4.68
N SER A 668 50.94 10.00 4.55
CA SER A 668 52.11 9.26 5.05
C SER A 668 53.17 8.88 3.96
N ILE A 669 52.96 9.30 2.73
CA ILE A 669 53.95 9.17 1.67
C ILE A 669 55.01 10.24 1.87
N PRO A 670 56.22 9.85 2.33
CA PRO A 670 57.31 10.82 2.68
C PRO A 670 57.83 11.78 1.58
N GLU A 671 57.75 11.36 0.33
CA GLU A 671 58.34 12.10 -0.82
C GLU A 671 57.46 13.23 -1.36
N ILE A 672 56.23 13.33 -0.87
CA ILE A 672 55.36 14.39 -1.34
C ILE A 672 55.66 15.54 -0.46
N PRO A 673 55.85 16.72 -1.04
CA PRO A 673 56.04 17.92 -0.26
C PRO A 673 54.79 18.36 0.50
N ASP A 674 55.00 18.96 1.67
CA ASP A 674 53.93 19.29 2.62
C ASP A 674 52.88 20.28 2.13
N ASP A 675 53.23 21.13 1.16
CA ASP A 675 52.24 22.04 0.57
C ASP A 675 51.13 21.28 -0.20
N LEU A 676 51.52 20.28 -0.99
CA LEU A 676 50.56 19.40 -1.68
C LEU A 676 49.80 18.53 -0.69
N LYS A 677 50.46 18.11 0.40
CA LYS A 677 49.78 17.35 1.44
C LYS A 677 48.66 18.10 2.10
N GLN A 678 48.91 19.39 2.45
CA GLN A 678 47.86 20.34 2.87
C GLN A 678 46.74 20.46 1.85
N LEU A 679 47.09 20.53 0.58
CA LEU A 679 46.09 20.78 -0.45
C LEU A 679 45.18 19.58 -0.74
N TYR A 680 45.76 18.37 -0.61
CA TYR A 680 45.08 17.14 -0.95
C TYR A 680 44.72 16.27 0.23
N LYS A 681 44.31 16.93 1.31
CA LYS A 681 43.72 16.19 2.41
C LYS A 681 42.39 15.63 1.93
N THR A 682 42.11 14.38 2.29
CA THR A 682 40.81 13.79 1.99
C THR A 682 39.85 14.36 3.04
N VAL A 683 38.57 14.14 2.82
CA VAL A 683 37.55 14.61 3.77
C VAL A 683 37.71 13.94 5.19
N TRP A 684 38.25 12.72 5.21
CA TRP A 684 38.49 12.02 6.48
C TRP A 684 39.49 12.74 7.35
N GLU A 685 40.45 13.39 6.71
CA GLU A 685 41.55 14.07 7.37
C GLU A 685 41.30 15.54 7.65
N ILE A 686 40.20 16.09 7.15
CA ILE A 686 39.81 17.48 7.35
C ILE A 686 38.86 17.49 8.57
N SER A 687 39.03 18.45 9.46
CA SER A 687 38.18 18.53 10.65
C SER A 687 36.70 18.70 10.23
N GLN A 688 35.85 17.79 10.71
CA GLN A 688 34.39 17.92 10.47
C GLN A 688 33.84 19.14 11.19
N LYS A 689 34.51 19.57 12.25
CA LYS A 689 34.11 20.82 12.90
C LYS A 689 34.27 21.99 11.98
N THR A 690 35.38 22.01 11.24
CA THR A 690 35.61 23.07 10.25
C THR A 690 34.56 22.98 9.12
N VAL A 691 34.31 21.74 8.67
CA VAL A 691 33.34 21.49 7.63
C VAL A 691 32.01 22.10 8.05
N LEU A 692 31.60 21.83 9.29
CA LEU A 692 30.29 22.30 9.80
C LEU A 692 30.31 23.81 9.95
N LYS A 693 31.48 24.35 10.32
CA LYS A 693 31.66 25.79 10.45
C LYS A 693 31.55 26.53 9.13
N MET A 694 32.26 26.05 8.12
CA MET A 694 32.16 26.68 6.82
C MET A 694 30.71 26.59 6.30
N ALA A 695 29.98 25.55 6.70
CA ALA A 695 28.61 25.39 6.28
C ALA A 695 27.76 26.49 6.89
N ALA A 696 27.96 26.76 8.17
CA ALA A 696 27.26 27.85 8.83
C ALA A 696 27.64 29.21 8.23
N GLU A 697 28.88 29.34 7.77
CA GLU A 697 29.37 30.62 7.30
C GLU A 697 28.79 30.98 5.95
N ARG A 698 28.77 30.03 5.03
CA ARG A 698 28.08 30.22 3.74
C ARG A 698 26.52 30.13 3.92
N GLY A 699 26.12 29.45 4.99
CA GLY A 699 24.73 29.23 5.30
C GLY A 699 23.96 30.46 5.56
N ALA A 700 24.62 31.50 6.04
CA ALA A 700 24.02 32.81 6.18
C ALA A 700 23.58 33.44 4.84
N PHE A 701 24.09 32.92 3.72
CA PHE A 701 23.67 33.37 2.40
C PHE A 701 22.90 32.32 1.57
N ILE A 702 22.36 31.30 2.26
CA ILE A 702 21.63 30.20 1.65
C ILE A 702 20.27 30.21 2.30
N ASP A 703 19.27 30.66 1.55
CA ASP A 703 17.95 30.83 2.12
C ASP A 703 17.14 29.54 2.29
N GLN A 704 17.63 28.43 1.76
CA GLN A 704 17.10 27.14 2.13
C GLN A 704 18.15 26.47 3.02
N SER A 705 18.56 25.22 2.73
CA SER A 705 19.55 24.52 3.50
C SER A 705 20.63 24.03 2.57
N GLN A 706 21.43 23.04 3.01
CA GLN A 706 22.47 22.36 2.20
C GLN A 706 22.67 20.90 2.60
N SER A 707 22.98 20.06 1.61
CA SER A 707 23.12 18.61 1.81
C SER A 707 24.46 18.34 2.36
N LEU A 708 24.57 18.01 3.63
CA LEU A 708 25.90 18.05 4.27
C LEU A 708 26.22 16.77 4.98
N ASN A 709 27.07 15.93 4.41
CA ASN A 709 27.45 14.66 5.07
C ASN A 709 28.53 14.89 6.10
N ILE A 710 28.53 14.06 7.13
CA ILE A 710 29.61 14.04 8.09
C ILE A 710 30.43 12.76 7.89
N HIS A 711 31.75 12.96 7.76
CA HIS A 711 32.70 11.89 7.58
C HIS A 711 33.51 11.77 8.85
N ILE A 712 33.23 10.76 9.64
CA ILE A 712 34.04 10.47 10.80
C ILE A 712 34.60 9.07 10.60
N ALA A 713 35.92 8.99 10.60
CA ALA A 713 36.68 7.80 10.18
C ALA A 713 36.20 6.56 10.84
N GLU A 714 36.32 6.51 12.18
CA GLU A 714 35.67 5.46 12.97
C GLU A 714 34.70 6.04 14.01
N PRO A 715 33.44 5.55 14.01
CA PRO A 715 32.40 6.18 14.83
C PRO A 715 32.73 6.07 16.30
N ASN A 716 32.51 7.16 16.99
CA ASN A 716 32.70 7.18 18.42
C ASN A 716 31.55 7.98 19.00
N TYR A 717 30.63 7.31 19.68
CA TYR A 717 29.41 7.94 20.16
C TYR A 717 29.62 9.34 20.75
N GLY A 718 30.71 9.51 21.51
CA GLY A 718 31.07 10.78 22.13
C GLY A 718 31.39 11.84 21.09
N LYS A 719 32.14 11.41 20.08
CA LYS A 719 32.60 12.31 19.01
C LYS A 719 31.43 12.72 18.12
N LEU A 720 30.45 11.83 17.98
CA LEU A 720 29.31 12.10 17.11
C LEU A 720 28.35 13.06 17.76
N THR A 721 28.08 12.82 19.04
CA THR A 721 27.30 13.74 19.85
C THR A 721 27.90 15.15 19.83
N SER A 722 29.21 15.21 19.77
CA SER A 722 29.87 16.47 19.85
C SER A 722 29.79 17.18 18.50
N MET A 723 29.82 16.42 17.39
CA MET A 723 29.57 16.99 16.04
C MET A 723 28.14 17.51 15.90
N HIS A 724 27.18 16.76 16.42
CA HIS A 724 25.78 17.16 16.31
C HIS A 724 25.50 18.47 17.04
N PHE A 725 25.95 18.54 18.28
CA PHE A 725 25.76 19.75 19.09
C PHE A 725 26.49 20.96 18.53
N TYR A 726 27.61 20.73 17.85
CA TYR A 726 28.35 21.83 17.26
C TYR A 726 27.53 22.39 16.09
N GLY A 727 27.03 21.50 15.23
CA GLY A 727 26.19 21.89 14.07
C GLY A 727 24.93 22.64 14.50
N TRP A 728 24.28 22.09 15.53
CA TRP A 728 23.07 22.67 16.10
C TRP A 728 23.34 24.08 16.62
N LYS A 729 24.41 24.23 17.40
CA LYS A 729 24.76 25.52 17.98
C LYS A 729 25.27 26.50 16.96
N GLN A 730 25.87 26.01 15.89
CA GLN A 730 26.27 26.92 14.80
C GLN A 730 25.07 27.53 14.05
N GLY A 731 23.90 26.92 14.18
CA GLY A 731 22.71 27.46 13.61
C GLY A 731 22.25 26.71 12.39
N LEU A 732 22.97 25.64 12.01
CA LEU A 732 22.64 24.90 10.79
C LEU A 732 21.20 24.40 10.80
N LYS A 733 20.54 24.53 9.64
CA LYS A 733 19.22 23.96 9.38
C LYS A 733 19.40 22.44 9.21
N THR A 734 20.41 22.05 8.45
CA THR A 734 20.71 20.65 8.30
C THR A 734 21.99 20.35 9.03
N GLY A 735 21.89 19.60 10.10
CA GLY A 735 23.07 19.23 10.85
C GLY A 735 23.81 18.11 10.20
N MET A 736 23.09 17.21 9.57
CA MET A 736 23.72 16.04 8.98
C MET A 736 22.76 15.43 7.98
N TYR A 737 23.25 15.25 6.76
CA TYR A 737 22.61 14.39 5.75
C TYR A 737 23.04 12.99 6.13
N TYR A 738 23.90 12.32 5.38
CA TYR A 738 24.38 10.99 5.79
C TYR A 738 25.60 11.11 6.70
N LEU A 739 25.68 10.20 7.65
CA LEU A 739 26.94 9.88 8.33
C LEU A 739 27.73 8.89 7.45
N ARG A 740 29.00 9.16 7.21
CA ARG A 740 29.86 8.19 6.55
C ARG A 740 30.99 7.83 7.53
N THR A 741 31.12 6.53 7.75
CA THR A 741 32.31 5.93 8.34
C THR A 741 32.92 5.03 7.24
N ARG A 742 34.23 4.74 7.29
CA ARG A 742 34.84 3.87 6.27
C ARG A 742 35.48 2.66 6.94
N MET B 1 -16.51 -25.23 54.58
CA MET B 1 -16.44 -24.54 53.26
C MET B 1 -17.63 -23.64 53.00
N HIS B 2 -17.37 -22.37 52.73
CA HIS B 2 -18.45 -21.40 52.51
C HIS B 2 -18.37 -20.79 51.12
N VAL B 3 -19.55 -20.47 50.58
CA VAL B 3 -19.69 -19.71 49.34
C VAL B 3 -20.11 -18.30 49.72
N ILE B 4 -19.48 -17.31 49.09
CA ILE B 4 -19.83 -15.92 49.31
C ILE B 4 -20.90 -15.56 48.30
N LYS B 5 -22.12 -15.26 48.79
CA LYS B 5 -23.25 -14.97 47.92
C LYS B 5 -23.05 -13.63 47.20
N ARG B 6 -23.87 -13.32 46.19
CA ARG B 6 -23.86 -12.00 45.48
C ARG B 6 -24.01 -10.81 46.43
N ASP B 7 -24.85 -10.93 47.47
CA ASP B 7 -25.02 -9.86 48.45
C ASP B 7 -23.84 -9.74 49.42
N GLY B 8 -22.86 -10.64 49.31
CA GLY B 8 -21.69 -10.65 50.18
C GLY B 8 -21.79 -11.59 51.40
N ARG B 9 -22.94 -12.21 51.67
CA ARG B 9 -23.11 -13.11 52.81
C ARG B 9 -22.52 -14.48 52.58
N GLN B 10 -21.93 -15.05 53.66
CA GLN B 10 -21.43 -16.42 53.69
C GLN B 10 -22.56 -17.42 53.75
N GLU B 11 -22.51 -18.44 52.90
CA GLU B 11 -23.38 -19.61 53.05
C GLU B 11 -22.51 -20.83 52.96
N ARG B 12 -22.95 -21.87 53.62
CA ARG B 12 -22.27 -23.17 53.58
C ARG B 12 -22.48 -23.82 52.22
N VAL B 13 -21.43 -24.44 51.70
CA VAL B 13 -21.53 -25.28 50.51
C VAL B 13 -22.25 -26.58 50.89
N MET B 14 -23.36 -26.87 50.21
CA MET B 14 -24.13 -28.10 50.38
C MET B 14 -24.47 -28.74 49.01
N PHE B 15 -24.06 -29.99 48.85
CA PHE B 15 -24.41 -30.84 47.71
C PHE B 15 -25.87 -30.73 47.24
N ASP B 16 -26.79 -30.68 48.20
CA ASP B 16 -28.23 -30.66 47.94
C ASP B 16 -28.68 -29.35 47.34
N LYS B 17 -28.14 -28.24 47.80
CA LYS B 17 -28.52 -26.93 47.26
C LYS B 17 -28.01 -26.80 45.84
N ILE B 18 -26.74 -27.10 45.61
CA ILE B 18 -26.14 -26.98 44.27
C ILE B 18 -26.92 -27.88 43.28
N THR B 19 -27.22 -29.11 43.69
CA THR B 19 -28.00 -30.00 42.82
C THR B 19 -29.44 -29.47 42.51
N SER B 20 -30.08 -28.88 43.51
CA SER B 20 -31.41 -28.26 43.31
C SER B 20 -31.40 -27.13 42.29
N ARG B 21 -30.43 -26.22 42.40
CA ARG B 21 -30.32 -25.11 41.46
C ARG B 21 -30.12 -25.64 40.03
N ILE B 22 -29.28 -26.70 39.89
CA ILE B 22 -29.02 -27.31 38.57
C ILE B 22 -30.27 -28.07 38.07
N GLN B 23 -30.99 -28.75 38.96
CA GLN B 23 -32.22 -29.48 38.52
C GLN B 23 -33.30 -28.52 38.02
N LYS B 24 -33.38 -27.31 38.56
CA LYS B 24 -34.39 -26.30 38.15
C LYS B 24 -34.27 -25.90 36.70
N LEU B 25 -33.07 -26.05 36.15
CA LEU B 25 -32.79 -25.72 34.76
C LEU B 25 -32.86 -26.92 33.81
N CYS B 26 -33.31 -28.09 34.29
CA CYS B 26 -33.36 -29.30 33.46
C CYS B 26 -34.73 -29.54 32.85
N TYR B 27 -35.60 -28.53 32.82
CA TYR B 27 -36.94 -28.68 32.22
C TYR B 27 -36.82 -29.09 30.76
N GLY B 28 -37.57 -30.13 30.38
CA GLY B 28 -37.56 -30.62 29.01
C GLY B 28 -36.37 -31.47 28.57
N LEU B 29 -35.34 -31.59 29.42
CA LEU B 29 -34.13 -32.33 29.10
C LEU B 29 -34.27 -33.82 29.43
N ASN B 30 -33.51 -34.66 28.76
CA ASN B 30 -33.66 -36.09 28.90
C ASN B 30 -32.98 -36.58 30.16
N MET B 31 -33.79 -36.73 31.21
CA MET B 31 -33.32 -37.11 32.53
C MET B 31 -32.91 -38.57 32.70
N ASP B 32 -33.00 -39.38 31.65
CA ASP B 32 -32.40 -40.72 31.66
C ASP B 32 -30.88 -40.66 31.55
N PHE B 33 -30.36 -39.57 30.98
CA PHE B 33 -28.90 -39.39 30.78
C PHE B 33 -28.27 -38.19 31.53
N VAL B 34 -29.05 -37.09 31.67
CA VAL B 34 -28.62 -35.92 32.38
C VAL B 34 -28.90 -36.17 33.84
N ASP B 35 -27.85 -36.02 34.66
CA ASP B 35 -27.90 -36.23 36.09
C ASP B 35 -27.23 -35.05 36.77
N PRO B 36 -28.03 -34.09 37.29
CA PRO B 36 -27.44 -32.94 37.99
C PRO B 36 -26.38 -33.25 39.10
N ALA B 37 -26.50 -34.39 39.80
CA ALA B 37 -25.55 -34.76 40.87
C ALA B 37 -24.15 -35.09 40.34
N GLN B 38 -24.07 -35.51 39.09
CA GLN B 38 -22.74 -35.69 38.48
C GLN B 38 -21.95 -34.39 38.47
N ILE B 39 -22.64 -33.32 38.06
CA ILE B 39 -22.09 -31.96 37.96
C ILE B 39 -21.70 -31.53 39.35
N THR B 40 -22.63 -31.61 40.30
CA THR B 40 -22.36 -31.28 41.69
C THR B 40 -21.16 -32.06 42.27
N MET B 41 -21.06 -33.36 41.90
CA MET B 41 -19.98 -34.23 42.37
C MET B 41 -18.66 -33.66 41.98
N LYS B 42 -18.54 -33.33 40.71
CA LYS B 42 -17.27 -32.86 40.14
C LYS B 42 -16.94 -31.43 40.61
N VAL B 43 -17.93 -30.53 40.69
CA VAL B 43 -17.73 -29.18 41.18
C VAL B 43 -17.12 -29.18 42.59
N ILE B 44 -17.81 -29.86 43.50
CA ILE B 44 -17.47 -29.91 44.94
C ILE B 44 -16.08 -30.45 45.23
N GLN B 45 -15.64 -31.42 44.42
CA GLN B 45 -14.26 -31.95 44.50
C GLN B 45 -13.21 -30.83 44.45
N GLY B 46 -13.33 -29.92 43.48
CA GLY B 46 -12.42 -28.79 43.32
C GLY B 46 -12.90 -27.43 43.85
N LEU B 47 -13.88 -27.40 44.76
CA LEU B 47 -14.38 -26.13 45.37
C LEU B 47 -13.59 -25.77 46.62
N TYR B 48 -13.04 -24.56 46.65
CA TYR B 48 -12.25 -24.09 47.79
C TYR B 48 -13.07 -23.04 48.55
N SER B 49 -12.85 -22.95 49.86
CA SER B 49 -13.60 -22.02 50.72
C SER B 49 -13.23 -20.56 50.41
N GLY B 50 -14.24 -19.74 50.18
CA GLY B 50 -14.07 -18.34 49.76
C GLY B 50 -14.65 -18.10 48.38
N VAL B 51 -15.02 -19.16 47.69
CA VAL B 51 -15.57 -19.07 46.32
C VAL B 51 -16.86 -18.27 46.29
N THR B 52 -17.09 -17.49 45.22
CA THR B 52 -18.34 -16.76 45.03
C THR B 52 -19.36 -17.59 44.27
N THR B 53 -20.65 -17.32 44.48
CA THR B 53 -21.71 -18.02 43.76
C THR B 53 -21.52 -17.86 42.25
N VAL B 54 -20.95 -16.74 41.81
CA VAL B 54 -20.63 -16.50 40.39
C VAL B 54 -19.55 -17.48 39.87
N GLU B 55 -18.48 -17.66 40.65
CA GLU B 55 -17.39 -18.60 40.31
C GLU B 55 -17.86 -20.06 40.38
N LEU B 56 -18.84 -20.31 41.24
CA LEU B 56 -19.35 -21.64 41.41
C LEU B 56 -20.16 -21.95 40.19
N ASP B 57 -21.04 -21.02 39.84
CA ASP B 57 -21.87 -21.14 38.64
C ASP B 57 -21.04 -21.23 37.36
N THR B 58 -20.00 -20.41 37.26
CA THR B 58 -19.11 -20.49 36.10
C THR B 58 -18.52 -21.90 35.95
N LEU B 59 -18.02 -22.44 37.08
CA LEU B 59 -17.42 -23.79 37.14
C LEU B 59 -18.46 -24.93 36.92
N ALA B 60 -19.69 -24.72 37.41
CA ALA B 60 -20.77 -25.67 37.17
C ALA B 60 -21.11 -25.69 35.67
N ALA B 61 -21.26 -24.52 35.08
CA ALA B 61 -21.61 -24.44 33.65
C ALA B 61 -20.55 -25.15 32.76
N GLU B 62 -19.29 -24.83 33.04
CA GLU B 62 -18.16 -25.39 32.34
C GLU B 62 -18.06 -26.90 32.57
N THR B 63 -18.45 -27.37 33.76
CA THR B 63 -18.41 -28.81 34.07
C THR B 63 -19.53 -29.54 33.32
N ALA B 64 -20.73 -28.98 33.36
CA ALA B 64 -21.77 -29.52 32.49
C ALA B 64 -21.31 -29.57 31.01
N ALA B 65 -20.55 -28.58 30.56
CA ALA B 65 -20.15 -28.49 29.15
C ALA B 65 -19.19 -29.57 28.76
N THR B 66 -18.27 -29.97 29.63
CA THR B 66 -17.40 -31.11 29.29
C THR B 66 -18.15 -32.43 29.24
N LEU B 67 -19.32 -32.52 29.85
CA LEU B 67 -20.19 -33.70 29.78
C LEU B 67 -21.14 -33.78 28.54
N THR B 68 -20.95 -32.88 27.56
CA THR B 68 -21.66 -32.99 26.26
C THR B 68 -21.41 -34.37 25.61
N THR B 69 -20.22 -34.91 25.82
CA THR B 69 -19.86 -36.26 25.36
C THR B 69 -20.74 -37.42 25.97
N LYS B 70 -21.34 -37.19 27.14
CA LYS B 70 -22.30 -38.14 27.72
C LYS B 70 -23.68 -38.02 27.06
N HIS B 71 -24.19 -36.79 26.96
CA HIS B 71 -25.43 -36.47 26.26
C HIS B 71 -25.51 -34.97 25.83
N PRO B 72 -25.98 -34.68 24.61
CA PRO B 72 -25.98 -33.29 24.15
C PRO B 72 -26.81 -32.35 24.97
N ASP B 73 -27.80 -32.86 25.67
CA ASP B 73 -28.56 -32.03 26.62
C ASP B 73 -27.66 -31.33 27.66
N TYR B 74 -26.52 -31.92 28.03
CA TYR B 74 -25.66 -31.26 29.02
C TYR B 74 -25.18 -29.89 28.59
N ALA B 75 -24.90 -29.75 27.30
CA ALA B 75 -24.54 -28.44 26.68
C ALA B 75 -25.66 -27.39 26.77
N ILE B 76 -26.90 -27.87 26.71
CA ILE B 76 -28.08 -27.02 26.96
C ILE B 76 -28.04 -26.63 28.43
N LEU B 77 -27.90 -27.62 29.32
CA LEU B 77 -27.83 -27.33 30.75
C LEU B 77 -26.69 -26.39 31.14
N ALA B 78 -25.56 -26.55 30.47
CA ALA B 78 -24.41 -25.69 30.69
C ALA B 78 -24.74 -24.30 30.26
N ALA B 79 -25.49 -24.22 29.16
CA ALA B 79 -26.01 -22.95 28.63
C ALA B 79 -26.92 -22.24 29.61
N ARG B 80 -27.91 -22.99 30.12
CA ARG B 80 -28.88 -22.47 31.09
C ARG B 80 -28.25 -21.93 32.38
N ILE B 81 -27.26 -22.64 32.93
CA ILE B 81 -26.56 -22.13 34.13
C ILE B 81 -25.86 -20.81 33.84
N ALA B 82 -25.08 -20.81 32.76
CA ALA B 82 -24.36 -19.63 32.31
C ALA B 82 -25.29 -18.46 32.06
N VAL B 83 -26.42 -18.73 31.39
CA VAL B 83 -27.44 -17.72 31.11
C VAL B 83 -28.13 -17.26 32.37
N SER B 84 -28.50 -18.21 33.22
CA SER B 84 -29.08 -17.93 34.54
C SER B 84 -28.21 -16.97 35.31
N ASN B 85 -26.90 -17.20 35.26
CA ASN B 85 -25.92 -16.32 35.87
C ASN B 85 -25.85 -14.95 35.18
N LEU B 86 -26.01 -14.91 33.86
CA LEU B 86 -26.06 -13.64 33.10
C LEU B 86 -27.28 -12.79 33.42
N HIS B 87 -28.42 -13.44 33.59
CA HIS B 87 -29.62 -12.77 34.09
C HIS B 87 -29.41 -12.12 35.46
N LYS B 88 -28.79 -12.85 36.39
CA LYS B 88 -28.45 -12.30 37.71
C LYS B 88 -27.58 -11.05 37.62
N GLU B 89 -26.65 -11.01 36.68
CA GLU B 89 -25.72 -9.88 36.57
C GLU B 89 -26.15 -8.84 35.54
N THR B 90 -27.40 -8.89 35.08
CA THR B 90 -27.92 -7.96 34.05
C THR B 90 -29.31 -7.41 34.39
N LYS B 91 -29.65 -6.22 33.91
CA LYS B 91 -31.03 -5.72 34.02
C LYS B 91 -32.04 -6.51 33.17
N LYS B 92 -33.26 -6.71 33.69
CA LYS B 92 -34.37 -7.34 32.94
C LYS B 92 -34.98 -6.48 31.80
N VAL B 93 -35.18 -5.19 32.04
CA VAL B 93 -36.02 -4.41 31.14
C VAL B 93 -35.20 -3.95 29.92
N PHE B 94 -35.76 -4.19 28.74
CA PHE B 94 -35.05 -3.90 27.50
C PHE B 94 -34.75 -2.43 27.41
N SER B 95 -35.77 -1.59 27.62
CA SER B 95 -35.62 -0.15 27.40
C SER B 95 -34.60 0.48 28.38
N ASP B 96 -34.40 -0.13 29.55
CA ASP B 96 -33.39 0.32 30.50
C ASP B 96 -31.99 0.06 29.94
N VAL B 97 -31.74 -1.17 29.46
CA VAL B 97 -30.46 -1.52 28.82
C VAL B 97 -30.20 -0.61 27.60
N MET B 98 -31.21 -0.32 26.78
CA MET B 98 -31.07 0.67 25.68
C MET B 98 -30.69 2.10 26.14
N GLU B 99 -31.30 2.58 27.23
CA GLU B 99 -30.90 3.88 27.85
C GLU B 99 -29.45 3.81 28.35
N ASP B 100 -29.11 2.74 29.06
CA ASP B 100 -27.71 2.55 29.58
C ASP B 100 -26.66 2.60 28.46
N LEU B 101 -26.92 1.89 27.37
CA LEU B 101 -26.00 1.85 26.26
C LEU B 101 -25.85 3.23 25.64
N TYR B 102 -26.97 3.95 25.47
CA TYR B 102 -26.93 5.32 24.90
C TYR B 102 -26.26 6.35 25.80
N ASN B 103 -26.47 6.23 27.11
CA ASN B 103 -25.87 7.18 28.08
C ASN B 103 -24.46 6.81 28.52
N TYR B 104 -23.79 5.96 27.76
CA TYR B 104 -22.44 5.51 28.10
C TYR B 104 -21.45 6.65 27.90
N ILE B 105 -20.56 6.81 28.88
CA ILE B 105 -19.36 7.66 28.79
C ILE B 105 -18.20 6.79 29.18
N ASN B 106 -17.13 6.75 28.36
CA ASN B 106 -15.97 5.91 28.71
C ASN B 106 -15.09 6.64 29.75
N PRO B 107 -14.58 5.91 30.75
CA PRO B 107 -13.93 6.53 31.92
C PRO B 107 -12.49 7.08 31.67
N HIS B 108 -11.75 6.52 30.70
CA HIS B 108 -10.34 6.90 30.43
C HIS B 108 -10.25 8.18 29.56
N ASN B 109 -11.35 8.53 28.90
CA ASN B 109 -11.43 9.65 27.95
C ASN B 109 -12.49 10.71 28.36
N GLY B 110 -13.58 10.31 29.01
CA GLY B 110 -14.58 11.26 29.53
C GLY B 110 -15.63 11.81 28.55
N LYS B 111 -15.47 11.51 27.25
CA LYS B 111 -16.44 11.92 26.22
C LYS B 111 -17.64 10.89 26.09
N HIS B 112 -18.84 11.45 25.88
CA HIS B 112 -20.07 10.68 25.63
C HIS B 112 -19.93 9.85 24.36
N SER B 113 -20.16 8.55 24.50
CA SER B 113 -19.93 7.55 23.46
C SER B 113 -21.12 6.58 23.38
N PRO B 114 -22.27 7.02 22.84
CA PRO B 114 -23.46 6.17 22.80
C PRO B 114 -23.22 4.86 22.05
N MET B 115 -23.55 3.73 22.67
CA MET B 115 -23.40 2.42 22.02
C MET B 115 -24.63 2.00 21.22
N VAL B 116 -25.70 2.82 21.24
CA VAL B 116 -26.83 2.68 20.32
C VAL B 116 -27.13 4.04 19.71
N ALA B 117 -27.85 4.04 18.59
CA ALA B 117 -28.27 5.30 17.97
C ALA B 117 -29.39 5.94 18.78
N LYS B 118 -29.37 7.27 18.85
CA LYS B 118 -30.41 8.05 19.51
C LYS B 118 -31.73 7.78 18.79
N SER B 119 -31.69 7.82 17.47
CA SER B 119 -32.83 7.49 16.62
C SER B 119 -33.56 6.18 17.02
N THR B 120 -32.78 5.12 17.27
CA THR B 120 -33.29 3.84 17.73
C THR B 120 -33.84 3.97 19.14
N LEU B 121 -33.15 4.66 20.05
CA LEU B 121 -33.66 4.86 21.42
C LEU B 121 -34.99 5.65 21.50
N ASP B 122 -35.12 6.75 20.72
CA ASP B 122 -36.41 7.49 20.58
C ASP B 122 -37.60 6.61 20.19
N ILE B 123 -37.40 5.76 19.18
CA ILE B 123 -38.35 4.67 18.87
C ILE B 123 -38.56 3.71 20.06
N VAL B 124 -37.52 3.18 20.69
CA VAL B 124 -37.71 2.16 21.74
C VAL B 124 -38.49 2.72 22.91
N LEU B 125 -38.03 3.85 23.47
CA LEU B 125 -38.73 4.59 24.56
C LEU B 125 -40.17 4.96 24.20
N ALA B 126 -40.36 5.55 23.03
CA ALA B 126 -41.73 5.83 22.51
C ALA B 126 -42.69 4.62 22.54
N ASN B 127 -42.18 3.39 22.49
CA ASN B 127 -43.01 2.17 22.48
C ASN B 127 -42.48 1.17 23.51
N LYS B 128 -41.93 1.70 24.60
CA LYS B 128 -41.24 0.87 25.58
C LYS B 128 -42.09 -0.25 26.17
N ASP B 129 -43.39 -0.02 26.37
CA ASP B 129 -44.23 -0.98 27.08
C ASP B 129 -44.65 -2.15 26.21
N ARG B 130 -44.92 -1.91 24.93
CA ARG B 130 -45.15 -3.05 24.03
C ARG B 130 -43.88 -3.85 23.77
N LEU B 131 -42.75 -3.14 23.54
CA LEU B 131 -41.44 -3.75 23.29
C LEU B 131 -40.87 -4.48 24.50
N ASN B 132 -40.91 -3.87 25.67
CA ASN B 132 -40.37 -4.50 26.90
C ASN B 132 -41.02 -5.83 27.22
N SER B 133 -42.30 -5.99 26.87
CA SER B 133 -43.09 -7.17 27.22
C SER B 133 -43.27 -8.21 26.08
N ALA B 134 -43.03 -7.81 24.84
CA ALA B 134 -42.91 -8.77 23.71
C ALA B 134 -41.75 -9.80 23.89
N ILE B 135 -40.73 -9.37 24.62
CA ILE B 135 -39.56 -10.15 24.87
C ILE B 135 -39.86 -11.27 25.85
N ILE B 136 -39.41 -12.47 25.48
CA ILE B 136 -39.53 -13.69 26.30
C ILE B 136 -38.12 -14.07 26.73
N TYR B 137 -37.77 -13.77 27.97
CA TYR B 137 -36.44 -14.11 28.49
C TYR B 137 -36.19 -15.62 28.62
N ASP B 138 -37.22 -16.43 28.45
CA ASP B 138 -37.06 -17.88 28.46
C ASP B 138 -36.39 -18.44 27.24
N ARG B 139 -36.37 -17.64 26.18
CA ARG B 139 -35.73 -18.03 24.94
C ARG B 139 -34.20 -17.97 25.02
N ASP B 140 -33.65 -17.21 25.99
CA ASP B 140 -32.21 -17.24 26.32
C ASP B 140 -31.67 -18.62 26.72
N PHE B 141 -32.54 -19.46 27.28
CA PHE B 141 -32.22 -20.81 27.73
C PHE B 141 -32.31 -21.85 26.62
N SER B 142 -32.58 -21.40 25.38
CA SER B 142 -32.71 -22.28 24.22
C SER B 142 -31.38 -22.61 23.59
N TYR B 143 -30.34 -21.84 23.90
CA TYR B 143 -29.00 -22.05 23.32
C TYR B 143 -28.25 -23.26 23.94
N ASN B 144 -27.21 -23.71 23.23
CA ASN B 144 -26.20 -24.59 23.83
C ASN B 144 -24.99 -23.74 24.31
N TYR B 145 -24.14 -24.34 25.13
CA TYR B 145 -23.09 -23.58 25.82
C TYR B 145 -22.22 -22.81 24.86
N PHE B 146 -21.91 -23.47 23.74
CA PHE B 146 -20.95 -22.96 22.77
C PHE B 146 -21.55 -21.80 21.97
N GLY B 147 -22.83 -21.92 21.64
CA GLY B 147 -23.55 -20.83 20.99
C GLY B 147 -23.61 -19.61 21.88
N PHE B 148 -23.95 -19.84 23.14
CA PHE B 148 -24.06 -18.76 24.10
C PHE B 148 -22.71 -18.08 24.34
N LYS B 149 -21.63 -18.85 24.53
CA LYS B 149 -20.32 -18.22 24.80
C LYS B 149 -19.75 -17.51 23.54
N THR B 150 -20.24 -17.87 22.36
CA THR B 150 -19.98 -17.07 21.19
C THR B 150 -20.71 -15.74 21.23
N LEU B 151 -21.98 -15.80 21.61
CA LEU B 151 -22.76 -14.59 21.78
C LEU B 151 -22.14 -13.70 22.83
N GLU B 152 -21.71 -14.33 23.93
CA GLU B 152 -21.18 -13.60 25.07
C GLU B 152 -19.90 -12.88 24.69
N ARG B 153 -19.03 -13.55 23.93
CA ARG B 153 -17.74 -12.96 23.53
C ARG B 153 -17.87 -11.70 22.69
N SER B 154 -18.75 -11.72 21.69
CA SER B 154 -18.71 -10.71 20.61
C SER B 154 -20.00 -10.03 20.21
N TYR B 155 -21.14 -10.55 20.66
CA TYR B 155 -22.41 -10.12 20.17
C TYR B 155 -23.19 -9.29 21.15
N LEU B 156 -22.95 -9.43 22.44
CA LEU B 156 -23.78 -8.72 23.41
C LEU B 156 -23.05 -7.48 23.89
N LEU B 157 -23.59 -6.31 23.59
CA LEU B 157 -22.84 -5.09 23.82
C LEU B 157 -22.39 -5.00 25.26
N LYS B 158 -21.10 -4.81 25.50
CA LYS B 158 -20.56 -4.68 26.88
C LYS B 158 -20.48 -3.19 27.31
N ILE B 159 -20.72 -2.94 28.61
CA ILE B 159 -20.49 -1.65 29.29
C ILE B 159 -19.23 -1.84 30.16
N ASN B 160 -18.13 -1.20 29.77
CA ASN B 160 -16.83 -1.28 30.50
C ASN B 160 -16.40 -2.71 30.79
N GLY B 161 -16.44 -3.54 29.75
CA GLY B 161 -16.03 -4.94 29.83
C GLY B 161 -17.02 -5.95 30.39
N LYS B 162 -18.15 -5.50 30.90
CA LYS B 162 -19.17 -6.35 31.52
C LYS B 162 -20.44 -6.32 30.61
N VAL B 163 -20.94 -7.51 30.28
CA VAL B 163 -22.08 -7.69 29.38
C VAL B 163 -23.32 -7.00 29.95
N ALA B 164 -23.97 -6.20 29.11
CA ALA B 164 -25.16 -5.45 29.48
C ALA B 164 -26.38 -5.96 28.75
N GLU B 165 -26.19 -6.51 27.55
CA GLU B 165 -27.29 -7.10 26.78
C GLU B 165 -27.45 -8.59 27.04
N ARG B 166 -28.67 -8.98 27.34
CA ARG B 166 -29.10 -10.37 27.23
C ARG B 166 -29.26 -10.70 25.77
N PRO B 167 -29.10 -11.97 25.41
CA PRO B 167 -29.37 -12.35 24.03
C PRO B 167 -30.69 -11.82 23.48
N GLN B 168 -31.75 -11.78 24.28
CA GLN B 168 -33.03 -11.26 23.79
C GLN B 168 -33.01 -9.73 23.58
N HIS B 169 -32.16 -9.01 24.35
CA HIS B 169 -31.99 -7.56 24.20
C HIS B 169 -31.29 -7.21 22.89
N MET B 170 -30.24 -7.97 22.59
CA MET B 170 -29.56 -7.90 21.29
C MET B 170 -30.51 -8.18 20.08
N LEU B 171 -31.40 -9.14 20.25
CA LEU B 171 -32.30 -9.54 19.18
C LEU B 171 -33.37 -8.52 18.93
N MET B 172 -33.89 -7.92 20.01
CA MET B 172 -34.87 -6.86 19.85
C MET B 172 -34.24 -5.61 19.25
N ARG B 173 -33.00 -5.30 19.68
CA ARG B 173 -32.25 -4.18 19.13
C ARG B 173 -32.04 -4.33 17.64
N VAL B 174 -31.64 -5.52 17.22
CA VAL B 174 -31.54 -5.80 15.79
C VAL B 174 -32.87 -5.48 15.09
N SER B 175 -33.96 -6.00 15.65
CA SER B 175 -35.26 -5.92 15.03
C SER B 175 -35.80 -4.48 14.94
N VAL B 176 -35.65 -3.73 16.02
CA VAL B 176 -35.98 -2.29 15.96
C VAL B 176 -34.95 -1.55 15.06
N GLY B 177 -33.70 -1.97 15.11
CA GLY B 177 -32.66 -1.43 14.20
C GLY B 177 -32.96 -1.54 12.71
N ILE B 178 -33.71 -2.57 12.33
CA ILE B 178 -34.14 -2.83 10.95
C ILE B 178 -35.48 -2.13 10.67
N HIS B 179 -36.48 -2.43 11.49
CA HIS B 179 -37.83 -2.00 11.20
C HIS B 179 -38.22 -0.62 11.75
N LYS B 180 -37.37 -0.07 12.62
CA LYS B 180 -37.59 1.27 13.17
C LYS B 180 -39.05 1.43 13.72
N GLU B 181 -39.78 2.44 13.24
CA GLU B 181 -41.15 2.77 13.65
C GLU B 181 -42.21 1.65 13.45
N ASP B 182 -41.92 0.67 12.58
CA ASP B 182 -42.86 -0.42 12.28
C ASP B 182 -42.80 -1.50 13.37
N ILE B 183 -43.38 -1.19 14.51
CA ILE B 183 -43.23 -2.03 15.69
C ILE B 183 -43.84 -3.43 15.47
N ASP B 184 -44.83 -3.54 14.58
CA ASP B 184 -45.49 -4.82 14.23
C ASP B 184 -44.48 -5.74 13.60
N ALA B 185 -43.82 -5.22 12.57
CA ALA B 185 -42.73 -5.89 11.87
C ALA B 185 -41.49 -6.15 12.78
N ALA B 186 -41.11 -5.13 13.59
CA ALA B 186 -40.08 -5.35 14.66
C ALA B 186 -40.36 -6.56 15.56
N ILE B 187 -41.60 -6.67 16.03
CA ILE B 187 -41.95 -7.73 16.96
C ILE B 187 -42.05 -9.07 16.27
N GLU B 188 -42.36 -9.05 14.98
CA GLU B 188 -42.46 -10.27 14.18
C GLU B 188 -41.08 -10.86 13.97
N THR B 189 -40.15 -10.00 13.57
CA THR B 189 -38.76 -10.41 13.34
C THR B 189 -38.16 -10.87 14.67
N TYR B 190 -38.38 -10.10 15.75
CA TYR B 190 -37.85 -10.51 17.04
C TYR B 190 -38.22 -11.96 17.35
N ASN B 191 -39.48 -12.29 17.07
CA ASN B 191 -40.05 -13.62 17.38
C ASN B 191 -39.46 -14.73 16.51
N LEU B 192 -39.14 -14.39 15.27
CA LEU B 192 -38.51 -15.35 14.37
C LEU B 192 -37.02 -15.57 14.72
N LEU B 193 -36.33 -14.49 15.09
CA LEU B 193 -34.93 -14.56 15.52
C LEU B 193 -34.74 -15.27 16.87
N SER B 194 -35.52 -14.88 17.86
CA SER B 194 -35.45 -15.47 19.18
C SER B 194 -35.86 -16.94 19.23
N GLU B 195 -36.76 -17.36 18.35
CA GLU B 195 -37.10 -18.80 18.21
C GLU B 195 -36.20 -19.54 17.20
N ARG B 196 -35.20 -18.87 16.67
CA ARG B 196 -34.12 -19.49 15.89
C ARG B 196 -34.50 -20.10 14.54
N TRP B 197 -35.53 -19.52 13.91
CA TRP B 197 -35.98 -19.90 12.56
C TRP B 197 -35.02 -19.41 11.45
N PHE B 198 -34.40 -18.27 11.69
CA PHE B 198 -33.37 -17.73 10.81
C PHE B 198 -32.53 -16.76 11.67
N THR B 199 -31.42 -16.30 11.10
CA THR B 199 -30.62 -15.22 11.65
C THR B 199 -30.03 -14.32 10.56
N HIS B 200 -29.78 -13.09 10.99
CA HIS B 200 -29.14 -12.12 10.17
C HIS B 200 -27.64 -12.34 10.32
N ALA B 201 -26.90 -11.90 9.29
CA ALA B 201 -25.47 -11.93 9.22
C ALA B 201 -24.82 -11.14 10.36
N SER B 202 -23.60 -11.55 10.72
CA SER B 202 -22.91 -10.99 11.88
C SER B 202 -22.82 -9.46 11.91
N PRO B 203 -22.46 -8.80 10.78
CA PRO B 203 -22.47 -7.34 10.75
C PRO B 203 -23.80 -6.75 11.23
N THR B 204 -24.92 -7.34 10.77
CA THR B 204 -26.24 -6.86 11.14
C THR B 204 -26.48 -7.07 12.61
N LEU B 205 -26.12 -8.25 13.15
CA LEU B 205 -26.21 -8.50 14.60
C LEU B 205 -25.30 -7.55 15.41
N PHE B 206 -24.17 -7.16 14.84
CA PHE B 206 -23.25 -6.26 15.55
C PHE B 206 -23.75 -4.86 15.62
N ASN B 207 -24.29 -4.36 14.51
CA ASN B 207 -24.41 -2.91 14.30
C ASN B 207 -25.82 -2.36 14.10
N ALA B 208 -26.81 -3.25 14.05
CA ALA B 208 -28.16 -2.83 13.83
C ALA B 208 -28.55 -1.95 14.98
N GLY B 209 -29.21 -0.85 14.61
CA GLY B 209 -29.69 0.16 15.56
C GLY B 209 -28.60 0.89 16.29
N THR B 210 -27.36 0.80 15.78
CA THR B 210 -26.23 1.48 16.42
C THR B 210 -25.93 2.71 15.60
N ASN B 211 -25.25 3.63 16.25
CA ASN B 211 -24.76 4.81 15.61
C ASN B 211 -23.72 4.30 14.58
N ARG B 212 -23.98 4.52 13.28
CA ARG B 212 -23.12 4.01 12.14
C ARG B 212 -23.44 2.55 11.66
N PRO B 213 -24.64 2.32 11.13
CA PRO B 213 -25.00 0.93 10.87
C PRO B 213 -24.29 0.35 9.65
N GLN B 214 -23.18 -0.34 9.87
CA GLN B 214 -22.57 -1.07 8.77
C GLN B 214 -23.16 -2.51 8.83
N LEU B 215 -24.29 -2.70 8.17
CA LEU B 215 -25.07 -3.94 8.30
C LEU B 215 -24.68 -5.02 7.29
N SER B 216 -23.85 -4.63 6.32
CA SER B 216 -23.53 -5.49 5.20
C SER B 216 -22.13 -6.09 5.28
N SER B 217 -22.08 -7.25 4.67
CA SER B 217 -21.17 -8.29 4.98
C SER B 217 -19.90 -8.12 4.11
N CYS B 218 -20.00 -8.46 2.83
CA CYS B 218 -18.88 -8.38 1.94
C CYS B 218 -19.07 -7.25 0.89
N PHE B 219 -18.05 -7.02 0.10
CA PHE B 219 -18.12 -6.08 -1.01
C PHE B 219 -17.37 -6.68 -2.20
N LEU B 220 -17.59 -6.12 -3.39
CA LEU B 220 -16.91 -6.56 -4.61
C LEU B 220 -16.44 -5.35 -5.41
N LEU B 221 -15.21 -5.41 -5.95
CA LEU B 221 -14.58 -4.26 -6.68
C LEU B 221 -13.91 -4.75 -7.93
N SER B 222 -13.88 -3.87 -8.91
CA SER B 222 -13.06 -4.03 -10.11
C SER B 222 -12.04 -2.93 -10.10
N MET B 223 -10.81 -3.25 -10.45
CA MET B 223 -9.82 -2.23 -10.69
C MET B 223 -10.39 -1.19 -11.66
N LYS B 224 -10.30 0.09 -11.25
CA LYS B 224 -10.87 1.26 -11.96
C LYS B 224 -10.35 1.35 -13.39
N ASP B 225 -9.04 1.48 -13.55
CA ASP B 225 -8.41 1.20 -14.84
C ASP B 225 -6.97 0.83 -14.62
N ASP B 226 -6.30 0.51 -15.72
CA ASP B 226 -4.92 0.02 -15.70
C ASP B 226 -3.97 1.20 -15.70
N SER B 227 -3.97 1.93 -14.59
CA SER B 227 -3.11 3.09 -14.40
C SER B 227 -2.74 3.28 -12.93
N ILE B 228 -1.66 4.02 -12.65
CA ILE B 228 -1.29 4.23 -11.25
C ILE B 228 -2.46 4.93 -10.52
N GLU B 229 -3.14 5.84 -11.19
CA GLU B 229 -4.27 6.51 -10.55
C GLU B 229 -5.38 5.55 -10.19
N GLY B 230 -5.67 4.64 -11.10
CA GLY B 230 -6.75 3.67 -10.87
C GLY B 230 -6.42 2.69 -9.75
N ILE B 231 -5.19 2.20 -9.78
CA ILE B 231 -4.67 1.30 -8.76
C ILE B 231 -4.73 1.84 -7.34
N TYR B 232 -4.35 3.09 -7.16
CA TYR B 232 -4.28 3.73 -5.86
C TYR B 232 -5.64 4.36 -5.43
N ASP B 233 -6.54 4.53 -6.38
CA ASP B 233 -7.96 4.81 -6.07
C ASP B 233 -8.67 3.58 -5.60
N THR B 234 -8.51 2.46 -6.33
CA THR B 234 -9.06 1.19 -5.91
C THR B 234 -8.49 0.76 -4.54
N LEU B 235 -7.18 0.90 -4.37
CA LEU B 235 -6.55 0.65 -3.08
C LEU B 235 -7.24 1.42 -1.95
N LYS B 236 -7.42 2.72 -2.17
CA LYS B 236 -8.06 3.59 -1.22
C LYS B 236 -9.47 3.10 -0.85
N GLN B 237 -10.24 2.65 -1.85
CA GLN B 237 -11.56 2.04 -1.56
C GLN B 237 -11.38 0.83 -0.63
N CYS B 238 -10.54 -0.16 -1.04
CA CYS B 238 -10.28 -1.31 -0.22
C CYS B 238 -9.86 -0.94 1.18
N ALA B 239 -9.16 0.17 1.37
CA ALA B 239 -8.81 0.59 2.71
C ALA B 239 -10.03 1.09 3.49
N LEU B 240 -10.82 1.99 2.89
CA LEU B 240 -12.02 2.49 3.57
C LEU B 240 -13.04 1.37 3.87
N ILE B 241 -13.11 0.39 2.97
CA ILE B 241 -13.98 -0.72 3.18
C ILE B 241 -13.43 -1.54 4.34
N SER B 242 -12.16 -1.89 4.26
CA SER B 242 -11.50 -2.70 5.31
C SER B 242 -11.70 -2.17 6.73
N LYS B 243 -11.86 -0.86 6.80
CA LYS B 243 -12.07 -0.09 8.03
C LYS B 243 -13.43 -0.32 8.73
N SER B 244 -14.48 -0.44 7.94
CA SER B 244 -15.80 -0.86 8.43
C SER B 244 -15.98 -2.39 8.55
N ALA B 245 -14.87 -3.16 8.48
CA ALA B 245 -14.86 -4.61 8.67
C ALA B 245 -15.51 -5.44 7.53
N GLY B 246 -15.42 -4.94 6.30
CA GLY B 246 -15.96 -5.70 5.14
C GLY B 246 -14.97 -6.71 4.53
N GLY B 247 -15.46 -7.92 4.23
CA GLY B 247 -14.73 -8.86 3.34
C GLY B 247 -14.74 -8.28 1.91
N ILE B 248 -13.69 -8.55 1.14
CA ILE B 248 -13.56 -7.95 -0.18
C ILE B 248 -13.10 -8.93 -1.24
N GLY B 249 -13.73 -8.83 -2.42
CA GLY B 249 -13.29 -9.48 -3.66
C GLY B 249 -12.82 -8.39 -4.63
N VAL B 250 -11.75 -8.69 -5.38
CA VAL B 250 -11.18 -7.73 -6.31
C VAL B 250 -10.72 -8.35 -7.62
N ALA B 251 -11.20 -7.76 -8.71
CA ALA B 251 -10.88 -8.19 -10.06
C ALA B 251 -9.73 -7.34 -10.54
N VAL B 252 -8.62 -7.98 -10.84
CA VAL B 252 -7.34 -7.31 -11.20
C VAL B 252 -6.82 -7.71 -12.58
N SER B 253 -7.62 -8.40 -13.40
CA SER B 253 -7.13 -8.95 -14.65
C SER B 253 -6.90 -7.88 -15.71
N CYS B 254 -7.32 -6.63 -15.44
CA CYS B 254 -7.15 -5.58 -16.40
C CYS B 254 -5.84 -4.91 -16.20
N ILE B 255 -5.01 -5.31 -15.23
CA ILE B 255 -3.71 -4.65 -15.00
C ILE B 255 -2.63 -5.27 -15.86
N ARG B 256 -1.83 -4.43 -16.54
CA ARG B 256 -0.67 -4.85 -17.36
C ARG B 256 0.28 -5.83 -16.71
N ALA B 257 0.85 -6.67 -17.58
CA ALA B 257 1.61 -7.80 -17.14
C ALA B 257 3.00 -7.33 -16.83
N THR B 258 3.82 -8.24 -16.28
CA THR B 258 5.23 -7.95 -16.05
C THR B 258 5.94 -7.74 -17.39
N GLY B 259 6.60 -6.60 -17.55
CA GLY B 259 7.40 -6.33 -18.77
C GLY B 259 6.68 -5.53 -19.82
N SER B 260 5.37 -5.31 -19.65
CA SER B 260 4.59 -4.54 -20.62
C SER B 260 4.99 -3.10 -20.63
N TYR B 261 5.00 -2.54 -21.82
CA TYR B 261 5.54 -1.23 -22.06
C TYR B 261 4.71 -0.18 -21.31
N ILE B 262 5.33 0.88 -20.79
CA ILE B 262 4.61 2.05 -20.22
C ILE B 262 4.83 3.32 -21.07
N ALA B 263 3.79 3.78 -21.76
CA ALA B 263 3.94 4.84 -22.77
C ALA B 263 4.40 6.18 -22.17
N GLY B 264 3.79 6.61 -21.07
CA GLY B 264 4.08 7.90 -20.48
C GLY B 264 5.49 8.04 -19.93
N THR B 265 6.07 6.93 -19.46
CA THR B 265 7.36 6.92 -18.74
C THR B 265 8.55 6.43 -19.59
N ASN B 266 8.28 5.67 -20.66
CA ASN B 266 9.33 4.93 -21.36
C ASN B 266 9.99 4.00 -20.32
N GLY B 267 9.33 2.89 -20.08
CA GLY B 267 9.75 1.91 -19.09
C GLY B 267 8.80 0.73 -19.11
N ASN B 268 8.85 -0.09 -18.06
CA ASN B 268 8.15 -1.39 -18.03
C ASN B 268 7.44 -1.71 -16.72
N SER B 269 6.14 -2.01 -16.82
CA SER B 269 5.34 -2.41 -15.66
C SER B 269 6.07 -3.50 -14.89
N ASN B 270 6.05 -3.35 -13.55
CA ASN B 270 6.54 -4.40 -12.67
C ASN B 270 5.57 -5.57 -12.58
N GLY B 271 4.34 -5.43 -13.08
CA GLY B 271 3.36 -6.55 -13.11
C GLY B 271 2.39 -6.56 -11.94
N LEU B 272 1.73 -7.70 -11.72
CA LEU B 272 0.77 -7.82 -10.62
C LEU B 272 1.45 -8.01 -9.27
N VAL B 273 2.47 -8.85 -9.21
CA VAL B 273 3.06 -9.25 -7.94
C VAL B 273 3.50 -8.11 -7.02
N PRO B 274 4.31 -7.17 -7.50
CA PRO B 274 4.62 -5.99 -6.68
C PRO B 274 3.38 -5.14 -6.33
N MET B 275 2.39 -5.12 -7.22
CA MET B 275 1.19 -4.35 -6.94
C MET B 275 0.41 -5.02 -5.82
N LEU B 276 0.31 -6.34 -5.86
CA LEU B 276 -0.42 -7.12 -4.83
C LEU B 276 0.25 -7.08 -3.48
N ARG B 277 1.54 -6.82 -3.45
CA ARG B 277 2.27 -6.63 -2.21
C ARG B 277 1.75 -5.40 -1.43
N VAL B 278 1.48 -4.30 -2.11
CA VAL B 278 0.87 -3.11 -1.51
C VAL B 278 -0.51 -3.43 -0.96
N TYR B 279 -1.24 -4.27 -1.70
CA TYR B 279 -2.59 -4.63 -1.33
C TYR B 279 -2.60 -5.51 -0.10
N ASN B 280 -1.71 -6.52 -0.13
CA ASN B 280 -1.46 -7.38 1.00
C ASN B 280 -1.16 -6.59 2.23
N ASN B 281 -0.28 -5.62 2.11
CA ASN B 281 0.08 -4.87 3.31
C ASN B 281 -0.97 -3.88 3.78
N THR B 282 -1.85 -3.45 2.89
CA THR B 282 -3.00 -2.63 3.28
C THR B 282 -3.97 -3.48 4.08
N ALA B 283 -4.16 -4.72 3.64
CA ALA B 283 -4.96 -5.68 4.37
C ALA B 283 -4.42 -5.87 5.79
N ARG B 284 -3.13 -6.04 5.92
CA ARG B 284 -2.49 -6.16 7.24
C ARG B 284 -2.62 -4.93 8.08
N TYR B 285 -2.54 -3.77 7.46
CA TYR B 285 -2.55 -2.49 8.17
C TYR B 285 -3.93 -2.13 8.69
N VAL B 286 -4.93 -2.06 7.82
CA VAL B 286 -6.25 -1.58 8.23
C VAL B 286 -7.08 -2.81 8.57
N ASP B 287 -6.92 -3.24 9.82
CA ASP B 287 -7.57 -4.45 10.38
C ASP B 287 -8.56 -4.10 11.50
N GLN B 288 -9.12 -2.89 11.42
CA GLN B 288 -9.81 -2.20 12.54
C GLN B 288 -8.98 -2.01 13.83
N GLY B 289 -7.67 -2.21 13.78
CA GLY B 289 -6.82 -1.94 14.92
C GLY B 289 -6.93 -3.00 15.98
N PRO B 294 -6.95 -9.46 10.61
CA PRO B 294 -6.50 -8.68 9.43
C PRO B 294 -7.57 -8.54 8.35
N GLY B 295 -7.63 -7.42 7.64
CA GLY B 295 -8.43 -7.36 6.39
C GLY B 295 -8.23 -8.66 5.54
N ALA B 296 -9.27 -9.14 4.89
CA ALA B 296 -9.16 -10.31 4.01
C ALA B 296 -9.60 -9.86 2.65
N PHE B 297 -8.69 -9.88 1.67
CA PHE B 297 -9.04 -9.57 0.28
C PHE B 297 -8.89 -10.80 -0.59
N ALA B 298 -9.90 -11.08 -1.39
CA ALA B 298 -9.84 -12.09 -2.41
C ALA B 298 -9.52 -11.45 -3.77
N ILE B 299 -8.40 -11.85 -4.36
CA ILE B 299 -7.97 -11.35 -5.64
C ILE B 299 -8.32 -12.37 -6.73
N TYR B 300 -9.07 -11.90 -7.75
CA TYR B 300 -9.53 -12.73 -8.86
C TYR B 300 -8.78 -12.46 -10.15
N LEU B 301 -8.28 -13.53 -10.77
CA LEU B 301 -7.54 -13.42 -12.00
C LEU B 301 -8.00 -14.44 -13.03
N GLU B 302 -8.18 -13.96 -14.26
CA GLU B 302 -8.54 -14.82 -15.37
C GLU B 302 -7.25 -15.43 -15.87
N PRO B 303 -7.21 -16.76 -16.15
CA PRO B 303 -5.95 -17.46 -16.41
C PRO B 303 -5.35 -17.24 -17.80
N TRP B 304 -5.91 -16.34 -18.60
CA TRP B 304 -5.20 -15.87 -19.81
C TRP B 304 -4.12 -14.84 -19.49
N HIS B 305 -4.17 -14.22 -18.31
CA HIS B 305 -3.22 -13.16 -17.99
C HIS B 305 -1.78 -13.69 -17.87
N LEU B 306 -0.84 -12.94 -18.44
CA LEU B 306 0.58 -13.35 -18.51
C LEU B 306 1.25 -13.63 -17.16
N ASP B 307 0.88 -12.86 -16.15
CA ASP B 307 1.34 -13.05 -14.78
C ASP B 307 0.63 -14.18 -14.01
N ILE B 308 -0.21 -14.98 -14.69
CA ILE B 308 -0.90 -16.10 -14.05
C ILE B 308 0.00 -17.08 -13.27
N PHE B 309 1.12 -17.48 -13.84
CA PHE B 309 1.97 -18.47 -13.19
C PHE B 309 2.57 -17.96 -11.89
N GLU B 310 3.00 -16.71 -11.90
CA GLU B 310 3.61 -16.13 -10.74
C GLU B 310 2.51 -15.82 -9.68
N PHE B 311 1.31 -15.51 -10.15
CA PHE B 311 0.15 -15.34 -9.27
C PHE B 311 -0.13 -16.59 -8.47
N LEU B 312 -0.03 -17.75 -9.11
CA LEU B 312 -0.29 -19.04 -8.49
C LEU B 312 0.75 -19.45 -7.47
N ASP B 313 1.85 -18.71 -7.35
CA ASP B 313 2.96 -18.95 -6.37
C ASP B 313 2.85 -18.12 -5.08
N LEU B 314 2.35 -16.89 -5.18
CA LEU B 314 2.42 -15.98 -4.05
C LEU B 314 1.94 -16.53 -2.69
N LYS B 315 0.90 -17.37 -2.68
CA LYS B 315 0.34 -17.75 -1.39
C LYS B 315 1.04 -18.95 -0.82
N LYS B 316 2.06 -19.50 -1.49
CA LYS B 316 2.81 -20.63 -0.90
C LYS B 316 3.61 -20.26 0.36
N ASN B 317 3.70 -21.21 1.28
CA ASN B 317 4.26 -20.96 2.60
C ASN B 317 5.80 -20.86 2.55
N ALA B 325 2.06 -13.30 0.13
CA ALA B 325 0.74 -12.71 0.25
C ALA B 325 -0.08 -13.44 1.30
N ARG B 326 0.43 -13.33 2.51
CA ARG B 326 -0.19 -13.78 3.73
C ARG B 326 -1.69 -13.53 3.79
N ASP B 327 -2.13 -12.29 3.56
CA ASP B 327 -3.53 -11.89 3.84
C ASP B 327 -4.39 -11.68 2.59
N LEU B 328 -3.91 -12.22 1.47
CA LEU B 328 -4.72 -12.24 0.28
C LEU B 328 -5.18 -13.66 0.05
N PHE B 329 -6.38 -13.79 -0.49
CA PHE B 329 -6.97 -15.05 -0.84
C PHE B 329 -7.10 -15.00 -2.36
N PHE B 330 -6.65 -16.06 -3.02
CA PHE B 330 -6.53 -16.03 -4.47
C PHE B 330 -7.64 -16.85 -5.04
N ALA B 331 -8.14 -16.43 -6.22
CA ALA B 331 -9.20 -17.16 -6.92
C ALA B 331 -9.02 -17.01 -8.40
N LEU B 332 -9.43 -18.04 -9.13
CA LEU B 332 -9.49 -17.99 -10.58
C LEU B 332 -10.90 -17.70 -11.14
N TRP B 333 -10.97 -16.85 -12.16
CA TRP B 333 -12.20 -16.47 -12.87
C TRP B 333 -12.05 -17.08 -14.25
N ILE B 334 -12.44 -18.34 -14.35
CA ILE B 334 -12.08 -19.22 -15.46
C ILE B 334 -13.10 -19.18 -16.61
N PRO B 335 -12.63 -19.01 -17.86
CA PRO B 335 -13.51 -19.14 -19.01
C PRO B 335 -13.55 -20.56 -19.55
N ASP B 336 -14.70 -20.90 -20.15
CA ASP B 336 -14.96 -22.22 -20.68
C ASP B 336 -13.84 -22.65 -21.59
N LEU B 337 -13.38 -21.72 -22.43
CA LEU B 337 -12.34 -22.00 -23.41
C LEU B 337 -11.13 -22.60 -22.74
N PHE B 338 -10.73 -22.04 -21.59
CA PHE B 338 -9.56 -22.60 -20.90
C PHE B 338 -9.75 -24.08 -20.61
N MET B 339 -10.93 -24.41 -20.12
CA MET B 339 -11.18 -25.74 -19.67
C MET B 339 -11.27 -26.69 -20.87
N LYS B 340 -11.78 -26.18 -22.00
CA LYS B 340 -11.89 -26.94 -23.23
C LYS B 340 -10.50 -27.21 -23.83
N ARG B 341 -9.64 -26.19 -23.79
CA ARG B 341 -8.23 -26.33 -24.22
C ARG B 341 -7.49 -27.38 -23.35
N VAL B 342 -7.83 -27.43 -22.06
CA VAL B 342 -7.21 -28.37 -21.14
C VAL B 342 -7.60 -29.79 -21.50
N GLU B 343 -8.91 -30.05 -21.60
CA GLU B 343 -9.40 -31.45 -21.78
C GLU B 343 -9.04 -32.02 -23.16
N THR B 344 -8.89 -31.15 -24.17
CA THR B 344 -8.49 -31.56 -25.52
C THR B 344 -6.98 -31.40 -25.79
N ASN B 345 -6.23 -31.03 -24.75
CA ASN B 345 -4.76 -30.91 -24.75
C ASN B 345 -4.20 -30.00 -25.82
N GLN B 346 -4.74 -28.78 -25.91
CA GLN B 346 -4.31 -27.83 -26.92
C GLN B 346 -3.47 -26.81 -26.22
N ASP B 347 -2.92 -25.89 -27.02
CA ASP B 347 -2.12 -24.81 -26.50
C ASP B 347 -3.06 -23.76 -25.92
N TRP B 348 -2.49 -22.92 -25.07
CA TRP B 348 -3.19 -21.86 -24.39
C TRP B 348 -2.30 -20.67 -24.50
N SER B 349 -2.83 -19.57 -24.94
CA SER B 349 -2.04 -18.35 -25.11
C SER B 349 -2.19 -17.42 -23.91
N LEU B 350 -1.08 -16.87 -23.43
CA LEU B 350 -1.04 -15.88 -22.37
C LEU B 350 -0.90 -14.51 -22.96
N MET B 351 -1.60 -13.55 -22.40
CA MET B 351 -1.75 -12.21 -22.99
C MET B 351 -1.59 -11.13 -21.93
N CYS B 352 -1.47 -9.89 -22.39
CA CYS B 352 -1.39 -8.80 -21.51
C CYS B 352 -2.56 -7.90 -21.89
N PRO B 353 -3.41 -7.56 -20.90
CA PRO B 353 -4.60 -6.74 -21.10
C PRO B 353 -4.37 -5.39 -21.77
N ASN B 354 -3.18 -4.83 -21.67
CA ASN B 354 -2.90 -3.59 -22.36
C ASN B 354 -2.72 -3.83 -23.87
N GLU B 355 -2.18 -5.00 -24.24
CA GLU B 355 -2.05 -5.42 -25.66
C GLU B 355 -3.31 -6.11 -26.23
N CYS B 356 -4.13 -6.69 -25.35
CA CYS B 356 -5.36 -7.45 -25.66
C CYS B 356 -6.49 -6.97 -24.74
N PRO B 357 -7.01 -5.74 -24.98
CA PRO B 357 -8.01 -5.21 -24.05
C PRO B 357 -9.37 -5.93 -24.18
N GLY B 358 -10.21 -5.74 -23.16
CA GLY B 358 -11.62 -6.13 -23.21
C GLY B 358 -11.95 -7.60 -23.05
N LEU B 359 -10.95 -8.43 -22.76
CA LEU B 359 -11.19 -9.86 -22.50
C LEU B 359 -11.95 -10.11 -21.19
N ASP B 360 -11.74 -9.23 -20.21
CA ASP B 360 -12.47 -9.29 -18.94
C ASP B 360 -13.87 -8.63 -18.99
N GLU B 361 -14.11 -7.82 -20.02
CA GLU B 361 -15.42 -7.15 -20.21
C GLU B 361 -16.38 -7.87 -21.14
N VAL B 362 -16.20 -9.17 -21.29
CA VAL B 362 -16.84 -9.93 -22.33
C VAL B 362 -16.79 -11.42 -21.90
N TRP B 363 -17.83 -12.19 -22.18
CA TRP B 363 -17.88 -13.59 -21.70
C TRP B 363 -18.38 -14.58 -22.74
N GLY B 364 -18.18 -15.86 -22.46
CA GLY B 364 -18.61 -16.97 -23.29
C GLY B 364 -18.21 -16.83 -24.76
N GLU B 365 -19.24 -16.73 -25.59
CA GLU B 365 -19.17 -16.90 -27.04
C GLU B 365 -18.47 -15.66 -27.68
N GLU B 366 -18.80 -14.47 -27.19
CA GLU B 366 -18.14 -13.23 -27.59
C GLU B 366 -16.66 -13.13 -27.13
N PHE B 367 -16.38 -13.73 -25.96
CA PHE B 367 -15.00 -13.89 -25.48
C PHE B 367 -14.15 -14.77 -26.39
N GLU B 368 -14.68 -15.92 -26.76
CA GLU B 368 -13.90 -16.91 -27.47
C GLU B 368 -13.52 -16.40 -28.85
N LYS B 369 -14.34 -15.53 -29.41
CA LYS B 369 -14.04 -14.93 -30.70
C LYS B 369 -13.08 -13.77 -30.54
N LEU B 370 -13.24 -12.96 -29.50
CA LEU B 370 -12.25 -11.90 -29.27
C LEU B 370 -10.85 -12.45 -28.97
N TYR B 371 -10.79 -13.47 -28.12
CA TYR B 371 -9.53 -14.13 -27.71
C TYR B 371 -8.83 -14.82 -28.87
N ALA B 372 -9.60 -15.51 -29.72
CA ALA B 372 -9.06 -16.25 -30.87
C ALA B 372 -8.58 -15.29 -31.93
N SER B 373 -9.22 -14.11 -32.00
CA SER B 373 -8.84 -13.03 -32.90
C SER B 373 -7.46 -12.48 -32.51
N TYR B 374 -7.28 -12.15 -31.22
CA TYR B 374 -5.92 -11.85 -30.68
C TYR B 374 -4.84 -12.93 -30.97
N GLU B 375 -5.21 -14.21 -30.91
CA GLU B 375 -4.26 -15.31 -31.21
C GLU B 375 -3.82 -15.27 -32.68
N LYS B 376 -4.81 -15.19 -33.57
CA LYS B 376 -4.62 -15.00 -35.05
C LYS B 376 -3.75 -13.79 -35.35
N GLN B 377 -4.03 -12.66 -34.71
CA GLN B 377 -3.24 -11.42 -34.93
C GLN B 377 -1.84 -11.47 -34.31
N GLY B 378 -1.45 -12.61 -33.73
CA GLY B 378 -0.16 -12.80 -33.04
C GLY B 378 0.08 -11.91 -31.85
N ARG B 379 -0.99 -11.42 -31.20
CA ARG B 379 -0.93 -10.58 -30.01
C ARG B 379 -0.91 -11.53 -28.80
N VAL B 380 0.20 -12.20 -28.64
CA VAL B 380 0.40 -13.19 -27.58
C VAL B 380 1.77 -12.90 -26.98
N ARG B 381 1.93 -13.01 -25.67
CA ARG B 381 3.27 -12.84 -25.09
C ARG B 381 3.92 -14.14 -24.59
N LYS B 382 3.24 -15.26 -24.67
CA LYS B 382 3.81 -16.54 -24.28
C LYS B 382 2.77 -17.59 -24.61
N VAL B 383 3.17 -18.78 -25.02
CA VAL B 383 2.21 -19.82 -25.32
C VAL B 383 2.62 -21.04 -24.54
N VAL B 384 1.72 -21.57 -23.72
CA VAL B 384 2.01 -22.82 -23.01
C VAL B 384 1.03 -23.88 -23.43
N LYS B 385 1.38 -25.12 -23.20
CA LYS B 385 0.41 -26.20 -23.35
C LYS B 385 -0.61 -25.95 -22.23
N ALA B 386 -1.91 -25.98 -22.53
CA ALA B 386 -2.95 -25.64 -21.55
C ALA B 386 -2.84 -26.51 -20.29
N GLN B 387 -2.46 -27.77 -20.46
CA GLN B 387 -2.35 -28.67 -19.31
C GLN B 387 -1.19 -28.32 -18.36
N GLN B 388 -0.22 -27.58 -18.87
CA GLN B 388 0.87 -27.13 -18.03
C GLN B 388 0.33 -26.15 -17.04
N LEU B 389 -0.48 -25.21 -17.54
CA LEU B 389 -1.12 -24.22 -16.69
C LEU B 389 -2.10 -24.95 -15.77
N TRP B 390 -2.79 -25.97 -16.29
CA TRP B 390 -3.66 -26.82 -15.46
C TRP B 390 -2.92 -27.52 -14.30
N TYR B 391 -1.73 -28.02 -14.56
CA TYR B 391 -0.92 -28.71 -13.57
C TYR B 391 -0.44 -27.72 -12.55
N ALA B 392 -0.20 -26.47 -12.98
CA ALA B 392 0.13 -25.37 -12.05
C ALA B 392 -0.96 -25.08 -11.03
N ILE B 393 -2.20 -25.13 -11.51
CA ILE B 393 -3.34 -24.80 -10.68
C ILE B 393 -3.52 -25.87 -9.61
N ILE B 394 -3.52 -27.15 -9.99
CA ILE B 394 -3.70 -28.23 -9.04
C ILE B 394 -2.52 -28.39 -8.03
N GLU B 395 -1.34 -27.98 -8.41
CA GLU B 395 -0.20 -27.99 -7.53
C GLU B 395 -0.49 -27.00 -6.42
N SER B 396 -0.95 -25.84 -6.80
CA SER B 396 -1.26 -24.77 -5.89
C SER B 396 -2.37 -25.12 -4.95
N GLN B 397 -3.36 -25.88 -5.41
CA GLN B 397 -4.45 -26.27 -4.53
C GLN B 397 -4.08 -27.40 -3.62
N THR B 398 -3.06 -28.16 -3.99
CA THR B 398 -2.59 -29.23 -3.15
C THR B 398 -1.73 -28.68 -2.02
N GLU B 399 -1.15 -27.53 -2.24
CA GLU B 399 -0.29 -26.86 -1.30
C GLU B 399 -1.00 -26.15 -0.19
N THR B 400 -1.82 -25.21 -0.57
CA THR B 400 -2.52 -24.35 0.35
C THR B 400 -4.02 -24.37 0.26
N GLY B 401 -4.50 -25.14 -0.69
CA GLY B 401 -5.85 -25.06 -1.12
C GLY B 401 -5.86 -23.94 -2.17
N THR B 402 -7.04 -23.47 -2.52
CA THR B 402 -7.18 -22.33 -3.43
C THR B 402 -6.41 -22.24 -4.74
N PRO B 403 -6.23 -21.05 -5.18
CA PRO B 403 -7.30 -20.34 -5.91
C PRO B 403 -8.57 -21.22 -5.84
N TYR B 404 -9.60 -20.52 -5.39
CA TYR B 404 -10.92 -20.93 -5.54
C TYR B 404 -11.17 -21.02 -7.05
N MET B 405 -12.08 -21.91 -7.44
CA MET B 405 -12.43 -22.10 -8.81
C MET B 405 -13.80 -21.53 -9.07
N LEU B 406 -13.86 -20.51 -9.92
CA LEU B 406 -15.09 -19.91 -10.36
C LEU B 406 -15.10 -19.90 -11.86
N TYR B 407 -16.20 -20.34 -12.44
CA TYR B 407 -16.32 -20.48 -13.88
C TYR B 407 -17.09 -19.30 -14.44
N LYS B 408 -16.32 -18.29 -14.87
CA LYS B 408 -16.83 -17.00 -15.38
C LYS B 408 -18.07 -17.09 -16.27
N ASP B 409 -18.08 -18.06 -17.18
CA ASP B 409 -19.12 -18.09 -18.21
C ASP B 409 -20.46 -18.57 -17.61
N SER B 410 -20.39 -19.63 -16.79
CA SER B 410 -21.55 -20.00 -16.02
C SER B 410 -22.08 -18.85 -15.15
N CYS B 411 -21.20 -18.11 -14.52
CA CYS B 411 -21.61 -17.01 -13.70
C CYS B 411 -22.34 -15.99 -14.52
N ASN B 412 -21.80 -15.66 -15.69
CA ASN B 412 -22.42 -14.62 -16.56
C ASN B 412 -23.65 -15.11 -17.35
N ARG B 413 -23.55 -16.31 -17.92
CA ARG B 413 -24.70 -16.90 -18.64
C ARG B 413 -25.97 -17.04 -17.78
N LYS B 414 -25.81 -17.31 -16.46
CA LYS B 414 -26.96 -17.62 -15.58
C LYS B 414 -27.23 -16.54 -14.51
N SER B 415 -26.86 -15.30 -14.81
CA SER B 415 -27.12 -14.22 -13.86
C SER B 415 -28.19 -13.30 -14.38
N ASN B 416 -29.12 -12.98 -13.50
CA ASN B 416 -30.13 -11.99 -13.78
C ASN B 416 -29.60 -10.56 -13.89
N GLN B 417 -28.28 -10.38 -13.67
CA GLN B 417 -27.61 -9.08 -13.81
C GLN B 417 -26.83 -8.97 -15.15
N GLN B 418 -27.11 -9.89 -16.06
CA GLN B 418 -26.61 -9.80 -17.43
C GLN B 418 -26.75 -8.46 -18.08
N ASN B 419 -27.95 -7.89 -18.03
CA ASN B 419 -28.23 -6.60 -18.70
C ASN B 419 -27.27 -5.48 -18.31
N LEU B 420 -26.72 -5.56 -17.10
CA LEU B 420 -25.74 -4.54 -16.63
C LEU B 420 -24.37 -4.58 -17.34
N GLY B 421 -23.99 -5.75 -17.88
CA GLY B 421 -22.64 -5.98 -18.41
C GLY B 421 -21.99 -7.22 -17.78
N THR B 422 -20.76 -7.50 -18.16
CA THR B 422 -20.06 -8.70 -17.72
C THR B 422 -19.70 -8.57 -16.22
N ILE B 423 -19.81 -9.69 -15.54
CA ILE B 423 -19.42 -9.80 -14.14
C ILE B 423 -17.96 -10.30 -14.06
N LYS B 424 -17.12 -9.55 -13.35
CA LYS B 424 -15.67 -9.73 -13.41
C LYS B 424 -15.12 -10.58 -12.28
N CYS B 425 -15.87 -10.72 -11.18
CA CYS B 425 -15.42 -11.50 -10.04
C CYS B 425 -16.58 -11.85 -9.10
N SER B 426 -16.28 -12.71 -8.13
CA SER B 426 -17.13 -13.01 -6.99
C SER B 426 -16.58 -12.30 -5.74
N ASN B 427 -17.07 -12.68 -4.57
CA ASN B 427 -16.69 -12.04 -3.34
C ASN B 427 -15.62 -12.86 -2.65
N LEU B 428 -15.38 -12.54 -1.37
CA LEU B 428 -14.38 -13.23 -0.55
C LEU B 428 -14.64 -14.70 -0.32
N CYS B 429 -15.90 -15.11 -0.32
CA CYS B 429 -16.29 -16.50 -0.02
C CYS B 429 -16.91 -17.26 -1.18
N THR B 430 -17.01 -16.63 -2.35
CA THR B 430 -17.37 -17.31 -3.63
C THR B 430 -18.84 -17.66 -3.85
N GLU B 431 -19.73 -17.07 -3.05
CA GLU B 431 -21.18 -17.24 -3.18
C GLU B 431 -21.83 -16.10 -3.96
N ILE B 432 -21.28 -14.90 -3.87
CA ILE B 432 -21.91 -13.73 -4.47
C ILE B 432 -21.42 -13.48 -5.90
N VAL B 433 -22.36 -13.30 -6.84
CA VAL B 433 -22.05 -13.00 -8.23
C VAL B 433 -22.83 -11.74 -8.65
N GLU B 434 -22.22 -10.59 -8.35
CA GLU B 434 -22.80 -9.28 -8.61
C GLU B 434 -21.87 -8.41 -9.48
N TYR B 435 -22.51 -7.66 -10.40
CA TYR B 435 -21.84 -6.74 -11.30
C TYR B 435 -21.16 -5.60 -10.57
N THR B 436 -19.94 -5.33 -10.99
CA THR B 436 -19.05 -4.31 -10.46
C THR B 436 -18.50 -3.52 -11.64
N SER B 437 -18.24 -2.25 -11.41
CA SER B 437 -17.68 -1.41 -12.43
C SER B 437 -17.02 -0.25 -11.75
N LYS B 438 -16.46 0.65 -12.52
CA LYS B 438 -15.74 1.80 -12.01
C LYS B 438 -16.60 2.72 -11.16
N ASP B 439 -17.90 2.70 -11.34
CA ASP B 439 -18.84 3.52 -10.56
C ASP B 439 -19.58 2.72 -9.55
N GLU B 440 -19.25 1.43 -9.41
CA GLU B 440 -20.09 0.47 -8.74
C GLU B 440 -19.30 -0.59 -7.99
N VAL B 441 -19.40 -0.52 -6.67
CA VAL B 441 -18.87 -1.52 -5.74
C VAL B 441 -20.06 -2.34 -5.31
N ALA B 442 -20.09 -3.62 -5.70
CA ALA B 442 -21.23 -4.46 -5.37
C ALA B 442 -21.16 -4.79 -3.87
N VAL B 443 -22.30 -5.14 -3.27
CA VAL B 443 -22.42 -5.29 -1.82
C VAL B 443 -23.22 -6.58 -1.53
N CYS B 444 -22.89 -7.26 -0.45
CA CYS B 444 -23.62 -8.47 -0.04
C CYS B 444 -24.45 -8.13 1.22
N ASN B 445 -25.76 -8.33 1.15
CA ASN B 445 -26.64 -8.17 2.33
C ASN B 445 -27.22 -9.56 2.63
N LEU B 446 -26.88 -10.11 3.79
CA LEU B 446 -27.00 -11.54 3.97
C LEU B 446 -27.81 -12.03 5.19
N ALA B 447 -28.45 -13.17 5.00
CA ALA B 447 -29.09 -13.87 6.08
C ALA B 447 -29.23 -15.37 5.77
N SER B 448 -29.47 -16.17 6.79
CA SER B 448 -29.55 -17.60 6.63
C SER B 448 -30.78 -18.20 7.36
N LEU B 449 -31.44 -19.14 6.68
CA LEU B 449 -32.58 -19.87 7.18
C LEU B 449 -32.07 -21.11 7.89
N ALA B 450 -32.57 -21.41 9.07
CA ALA B 450 -32.01 -22.53 9.83
C ALA B 450 -32.82 -23.73 9.46
N LEU B 451 -32.35 -24.45 8.45
CA LEU B 451 -33.18 -25.45 7.78
C LEU B 451 -33.71 -26.59 8.66
N ASN B 452 -32.94 -26.96 9.66
CA ASN B 452 -33.33 -28.00 10.63
C ASN B 452 -34.62 -27.71 11.39
N MET B 453 -35.06 -26.44 11.45
CA MET B 453 -36.24 -26.00 12.19
C MET B 453 -37.58 -26.28 11.56
N TYR B 454 -37.58 -26.62 10.30
CA TYR B 454 -38.82 -26.80 9.53
C TYR B 454 -39.11 -28.29 9.35
N VAL B 455 -38.36 -29.13 10.07
CA VAL B 455 -38.71 -30.54 10.17
C VAL B 455 -39.77 -30.59 11.26
N THR B 456 -40.81 -31.41 11.06
CA THR B 456 -41.91 -31.55 12.02
C THR B 456 -41.73 -32.77 12.93
N SER B 457 -42.57 -32.81 13.97
CA SER B 457 -42.69 -33.96 14.92
C SER B 457 -42.71 -35.34 14.23
N GLU B 458 -43.39 -35.40 13.07
CA GLU B 458 -43.58 -36.63 12.28
C GLU B 458 -42.66 -36.75 11.01
N HIS B 459 -41.41 -36.26 11.09
CA HIS B 459 -40.40 -36.50 10.02
C HIS B 459 -40.97 -36.16 8.64
N THR B 460 -41.53 -34.96 8.56
CA THR B 460 -41.99 -34.37 7.30
C THR B 460 -41.50 -32.94 7.23
N TYR B 461 -41.49 -32.37 6.01
CA TYR B 461 -40.88 -31.08 5.84
C TYR B 461 -41.94 -29.96 5.68
N ASP B 462 -41.91 -28.96 6.56
CA ASP B 462 -42.86 -27.86 6.48
C ASP B 462 -42.42 -26.85 5.45
N PHE B 463 -42.64 -27.17 4.19
CA PHE B 463 -42.27 -26.26 3.11
C PHE B 463 -42.95 -24.88 3.19
N LYS B 464 -44.14 -24.84 3.76
CA LYS B 464 -44.93 -23.59 3.69
C LYS B 464 -44.49 -22.59 4.72
N LYS B 465 -43.94 -23.12 5.80
CA LYS B 465 -43.38 -22.31 6.87
C LYS B 465 -42.06 -21.76 6.35
N LEU B 466 -41.26 -22.62 5.72
CA LEU B 466 -40.03 -22.19 5.05
C LEU B 466 -40.23 -21.01 4.08
N ALA B 467 -41.19 -21.16 3.17
CA ALA B 467 -41.54 -20.07 2.23
C ALA B 467 -41.97 -18.80 2.95
N GLU B 468 -42.70 -18.98 4.03
CA GLU B 468 -43.28 -17.87 4.77
C GLU B 468 -42.27 -17.05 5.62
N VAL B 469 -41.27 -17.74 6.20
CA VAL B 469 -40.10 -17.11 6.84
C VAL B 469 -39.23 -16.40 5.80
N THR B 470 -38.82 -17.14 4.77
CA THR B 470 -38.10 -16.55 3.64
C THR B 470 -38.68 -15.21 3.22
N LYS B 471 -39.99 -15.09 3.21
CA LYS B 471 -40.64 -13.82 2.90
C LYS B 471 -40.27 -12.71 3.90
N VAL B 472 -40.17 -13.05 5.15
CA VAL B 472 -39.80 -12.04 6.12
C VAL B 472 -38.37 -11.59 5.91
N VAL B 473 -37.49 -12.51 5.53
CA VAL B 473 -36.04 -12.25 5.40
C VAL B 473 -35.78 -11.37 4.19
N VAL B 474 -36.51 -11.62 3.09
CA VAL B 474 -36.48 -10.76 1.91
C VAL B 474 -36.88 -9.30 2.26
N ARG B 475 -37.86 -9.14 3.13
CA ARG B 475 -38.34 -7.81 3.49
C ARG B 475 -37.37 -7.09 4.38
N ASN B 476 -36.73 -7.84 5.28
CA ASN B 476 -35.69 -7.34 6.18
C ASN B 476 -34.43 -6.96 5.42
N LEU B 477 -34.01 -7.79 4.49
CA LEU B 477 -32.77 -7.52 3.79
C LEU B 477 -32.94 -6.28 2.94
N ASN B 478 -34.06 -6.22 2.25
CA ASN B 478 -34.46 -5.06 1.45
C ASN B 478 -34.61 -3.73 2.25
N LYS B 479 -35.04 -3.78 3.52
CA LYS B 479 -35.01 -2.59 4.40
C LYS B 479 -33.62 -2.23 4.87
N ILE B 480 -32.79 -3.24 5.12
CA ILE B 480 -31.38 -3.04 5.46
C ILE B 480 -30.64 -2.27 4.36
N ILE B 481 -30.97 -2.53 3.09
CA ILE B 481 -30.37 -1.81 1.98
C ILE B 481 -30.53 -0.30 2.10
N ASP B 482 -31.63 0.17 2.68
CA ASP B 482 -31.83 1.61 2.84
C ASP B 482 -31.41 2.19 4.16
N ILE B 483 -31.16 1.36 5.16
CA ILE B 483 -30.67 1.80 6.47
C ILE B 483 -29.13 1.86 6.48
N ASN B 484 -28.50 1.06 5.61
CA ASN B 484 -27.05 0.78 5.62
C ASN B 484 -26.25 2.04 5.40
N TYR B 485 -25.23 2.25 6.27
CA TYR B 485 -24.13 3.23 6.11
C TYR B 485 -23.01 2.60 5.25
N TYR B 486 -22.78 3.15 4.07
CA TYR B 486 -21.87 2.58 3.10
C TYR B 486 -20.47 3.22 3.28
N PRO B 487 -19.40 2.42 3.26
CA PRO B 487 -18.06 2.98 3.46
C PRO B 487 -17.58 3.83 2.29
N VAL B 488 -18.12 3.57 1.10
CA VAL B 488 -17.84 4.37 -0.09
C VAL B 488 -19.13 4.59 -0.88
N PRO B 489 -19.28 5.75 -1.54
CA PRO B 489 -20.54 6.01 -2.26
C PRO B 489 -20.80 5.05 -3.44
N GLU B 490 -19.75 4.62 -4.12
CA GLU B 490 -19.94 3.61 -5.17
C GLU B 490 -20.69 2.33 -4.72
N ALA B 491 -20.51 1.92 -3.49
CA ALA B 491 -21.26 0.81 -2.92
C ALA B 491 -22.74 1.14 -2.76
N CYS B 492 -23.03 2.32 -2.22
CA CYS B 492 -24.40 2.81 -2.02
C CYS B 492 -25.13 2.91 -3.35
N LEU B 493 -24.44 3.38 -4.39
CA LEU B 493 -25.03 3.41 -5.70
C LEU B 493 -25.36 2.00 -6.21
N SER B 494 -24.45 1.02 -6.06
CA SER B 494 -24.70 -0.34 -6.58
C SER B 494 -25.89 -0.93 -5.95
N ASN B 495 -26.01 -0.71 -4.64
CA ASN B 495 -27.11 -1.36 -3.90
C ASN B 495 -28.46 -0.76 -4.13
N LYS B 496 -28.55 0.57 -4.10
CA LYS B 496 -29.77 1.29 -4.49
C LYS B 496 -30.23 0.99 -5.90
N ARG B 497 -29.31 0.92 -6.87
CA ARG B 497 -29.66 0.62 -8.27
C ARG B 497 -30.19 -0.78 -8.51
N HIS B 498 -29.57 -1.80 -7.91
CA HIS B 498 -29.93 -3.19 -8.25
C HIS B 498 -30.55 -3.98 -7.09
N ARG B 499 -30.56 -3.41 -5.90
CA ARG B 499 -31.07 -4.13 -4.75
C ARG B 499 -30.81 -5.64 -4.69
N PRO B 500 -29.55 -6.08 -4.80
CA PRO B 500 -29.42 -7.55 -4.62
C PRO B 500 -29.51 -7.97 -3.15
N ILE B 501 -29.90 -9.19 -2.87
CA ILE B 501 -29.77 -9.72 -1.50
C ILE B 501 -29.33 -11.17 -1.55
N GLY B 502 -29.01 -11.70 -0.39
CA GLY B 502 -28.33 -12.97 -0.34
C GLY B 502 -28.81 -13.79 0.82
N ILE B 503 -29.84 -14.57 0.53
CA ILE B 503 -30.43 -15.43 1.50
C ILE B 503 -29.76 -16.77 1.36
N GLY B 504 -29.18 -17.25 2.45
CA GLY B 504 -28.51 -18.54 2.45
C GLY B 504 -29.15 -19.46 3.45
N VAL B 505 -28.45 -20.54 3.78
CA VAL B 505 -28.92 -21.48 4.77
C VAL B 505 -27.80 -21.93 5.71
N GLN B 506 -28.23 -22.67 6.74
CA GLN B 506 -27.35 -23.43 7.60
C GLN B 506 -28.09 -24.65 8.04
N GLY B 507 -27.37 -25.65 8.54
CA GLY B 507 -27.97 -26.91 9.00
C GLY B 507 -28.72 -27.78 8.00
N LEU B 508 -28.28 -27.78 6.76
CA LEU B 508 -28.84 -28.73 5.81
C LEU B 508 -28.56 -30.16 6.24
N ALA B 509 -27.33 -30.42 6.67
CA ALA B 509 -26.93 -31.72 7.19
C ALA B 509 -27.80 -32.18 8.31
N ASP B 510 -28.18 -31.23 9.16
CA ASP B 510 -29.13 -31.47 10.27
C ASP B 510 -30.56 -31.78 9.79
N ALA B 511 -31.11 -30.94 8.90
CA ALA B 511 -32.42 -31.24 8.27
C ALA B 511 -32.50 -32.64 7.67
N PHE B 512 -31.46 -33.11 6.98
CA PHE B 512 -31.39 -34.49 6.52
C PHE B 512 -31.45 -35.49 7.66
N ILE B 513 -30.63 -35.30 8.67
CA ILE B 513 -30.58 -36.22 9.83
C ILE B 513 -31.86 -36.27 10.71
N LEU B 514 -32.58 -35.15 10.84
CA LEU B 514 -33.89 -35.15 11.54
C LEU B 514 -35.00 -35.82 10.72
N MET B 515 -34.91 -35.78 9.39
CA MET B 515 -35.79 -36.52 8.49
C MET B 515 -35.34 -37.96 8.36
N ARG B 516 -34.22 -38.33 8.98
CA ARG B 516 -33.64 -39.69 8.85
C ARG B 516 -33.14 -40.07 7.43
N TYR B 517 -32.70 -39.10 6.64
CA TYR B 517 -32.17 -39.35 5.30
C TYR B 517 -30.65 -39.27 5.27
N PRO B 518 -29.96 -40.34 4.80
CA PRO B 518 -28.55 -40.23 4.49
C PRO B 518 -28.31 -39.18 3.41
N PHE B 519 -27.24 -38.39 3.57
CA PHE B 519 -26.87 -37.28 2.68
C PHE B 519 -26.86 -37.68 1.19
N GLU B 520 -26.31 -38.85 0.87
CA GLU B 520 -26.28 -39.32 -0.53
C GLU B 520 -27.54 -40.07 -0.98
N SER B 521 -28.56 -40.17 -0.12
CA SER B 521 -29.79 -40.93 -0.46
C SER B 521 -30.69 -40.24 -1.47
N ALA B 522 -31.47 -41.04 -2.18
CA ALA B 522 -32.42 -40.53 -3.18
C ALA B 522 -33.43 -39.58 -2.59
N GLU B 523 -33.76 -39.83 -1.30
CA GLU B 523 -34.65 -38.99 -0.50
C GLU B 523 -34.04 -37.62 -0.17
N ALA B 524 -32.75 -37.63 0.17
CA ALA B 524 -32.07 -36.41 0.47
C ALA B 524 -31.90 -35.57 -0.81
N GLN B 525 -31.67 -36.21 -1.97
CA GLN B 525 -31.49 -35.43 -3.21
C GLN B 525 -32.77 -34.70 -3.64
N LEU B 526 -33.94 -35.27 -3.28
CA LEU B 526 -35.24 -34.66 -3.59
C LEU B 526 -35.59 -33.59 -2.54
N LEU B 527 -35.37 -33.88 -1.26
CA LEU B 527 -35.56 -32.85 -0.24
C LEU B 527 -34.73 -31.58 -0.55
N ASN B 528 -33.44 -31.78 -0.80
CA ASN B 528 -32.51 -30.75 -1.29
C ASN B 528 -33.11 -29.92 -2.45
N LYS B 529 -33.64 -30.58 -3.46
CA LYS B 529 -34.24 -29.87 -4.59
C LYS B 529 -35.38 -29.00 -4.13
N GLN B 530 -36.22 -29.57 -3.27
CA GLN B 530 -37.47 -28.94 -2.87
C GLN B 530 -37.26 -27.83 -1.85
N ILE B 531 -36.27 -28.01 -1.00
CA ILE B 531 -35.91 -27.00 -0.04
C ILE B 531 -35.55 -25.70 -0.78
N PHE B 532 -34.72 -25.83 -1.81
CA PHE B 532 -34.21 -24.65 -2.52
C PHE B 532 -35.21 -24.04 -3.51
N GLU B 533 -36.00 -24.91 -4.12
CA GLU B 533 -37.21 -24.54 -4.82
C GLU B 533 -38.06 -23.62 -4.00
N THR B 534 -38.38 -24.07 -2.78
CA THR B 534 -39.26 -23.36 -1.87
C THR B 534 -38.69 -22.00 -1.51
N ILE B 535 -37.41 -21.99 -1.14
CA ILE B 535 -36.76 -20.77 -0.70
C ILE B 535 -36.80 -19.78 -1.86
N TYR B 536 -36.53 -20.28 -3.05
CA TYR B 536 -36.55 -19.42 -4.24
C TYR B 536 -37.99 -18.95 -4.57
N TYR B 537 -39.00 -19.77 -4.24
CA TYR B 537 -40.39 -19.40 -4.54
C TYR B 537 -40.83 -18.31 -3.55
N GLY B 538 -40.67 -18.60 -2.28
CA GLY B 538 -40.96 -17.62 -1.28
C GLY B 538 -40.31 -16.29 -1.57
N ALA B 539 -39.00 -16.32 -1.81
CA ALA B 539 -38.21 -15.12 -2.08
C ALA B 539 -38.78 -14.25 -3.24
N LEU B 540 -39.13 -14.92 -4.32
CA LEU B 540 -39.68 -14.21 -5.47
C LEU B 540 -41.04 -13.61 -5.12
N GLU B 541 -41.83 -14.35 -4.35
CA GLU B 541 -43.15 -13.87 -3.95
C GLU B 541 -43.04 -12.59 -3.18
N ALA B 542 -42.14 -12.60 -2.21
CA ALA B 542 -41.92 -11.45 -1.39
C ALA B 542 -41.34 -10.34 -2.24
N SER B 543 -40.38 -10.65 -3.12
CA SER B 543 -39.75 -9.59 -3.91
C SER B 543 -40.75 -8.91 -4.80
N CYS B 544 -41.62 -9.72 -5.40
CA CYS B 544 -42.74 -9.24 -6.21
C CYS B 544 -43.72 -8.43 -5.38
N ASP B 545 -44.14 -8.95 -4.22
CA ASP B 545 -45.08 -8.22 -3.35
C ASP B 545 -44.47 -6.83 -3.03
N LEU B 546 -43.14 -6.74 -2.91
CA LEU B 546 -42.43 -5.48 -2.64
C LEU B 546 -42.31 -4.55 -3.86
N ALA B 547 -42.22 -5.16 -5.04
CA ALA B 547 -42.23 -4.42 -6.28
C ALA B 547 -43.63 -3.84 -6.48
N LYS B 548 -44.66 -4.65 -6.26
CA LYS B 548 -46.05 -4.16 -6.28
C LYS B 548 -46.22 -2.88 -5.41
N GLU B 549 -45.64 -2.89 -4.23
CA GLU B 549 -45.76 -1.79 -3.29
C GLU B 549 -44.82 -0.61 -3.60
N GLN B 550 -43.63 -0.86 -4.14
CA GLN B 550 -42.60 0.19 -4.32
C GLN B 550 -42.09 0.37 -5.76
N GLY B 551 -42.58 -0.40 -6.72
CA GLY B 551 -41.94 -0.48 -8.03
C GLY B 551 -40.74 -1.43 -8.08
N PRO B 552 -40.37 -1.91 -9.29
CA PRO B 552 -39.16 -2.72 -9.39
C PRO B 552 -37.94 -1.86 -9.23
N TYR B 553 -36.80 -2.50 -8.96
CA TYR B 553 -35.50 -1.81 -9.02
C TYR B 553 -35.17 -1.13 -10.40
N GLU B 554 -34.37 -0.05 -10.37
CA GLU B 554 -34.08 0.78 -11.57
C GLU B 554 -33.63 0.03 -12.80
N THR B 555 -32.84 -1.01 -12.65
CA THR B 555 -32.31 -1.76 -13.80
C THR B 555 -33.05 -3.09 -14.10
N TYR B 556 -34.28 -3.21 -13.62
CA TYR B 556 -35.09 -4.42 -13.81
C TYR B 556 -35.41 -4.72 -15.28
N GLU B 557 -35.87 -3.68 -15.99
CA GLU B 557 -36.24 -3.70 -17.45
C GLU B 557 -35.01 -4.04 -18.27
N GLY B 558 -35.06 -5.15 -19.00
CA GLY B 558 -33.90 -5.69 -19.65
C GLY B 558 -33.51 -7.04 -19.08
N SER B 559 -33.79 -7.26 -17.79
CA SER B 559 -33.32 -8.46 -17.10
C SER B 559 -34.03 -9.71 -17.56
N PRO B 560 -33.37 -10.86 -17.48
CA PRO B 560 -34.02 -12.14 -17.77
C PRO B 560 -35.36 -12.35 -17.10
N VAL B 561 -35.54 -11.88 -15.86
CA VAL B 561 -36.85 -12.07 -15.19
C VAL B 561 -37.88 -11.03 -15.67
N SER B 562 -37.47 -9.81 -16.02
CA SER B 562 -38.40 -8.89 -16.75
C SER B 562 -38.96 -9.54 -18.01
N LYS B 563 -38.19 -10.48 -18.58
CA LYS B 563 -38.63 -11.32 -19.69
C LYS B 563 -39.25 -12.68 -19.28
N GLY B 564 -39.64 -12.84 -18.01
CA GLY B 564 -40.14 -14.10 -17.48
C GLY B 564 -39.21 -15.29 -17.60
N ILE B 565 -37.91 -15.04 -17.54
CA ILE B 565 -36.93 -16.12 -17.41
C ILE B 565 -36.47 -16.20 -15.97
N LEU B 566 -36.61 -17.37 -15.37
CA LEU B 566 -36.17 -17.58 -14.00
C LEU B 566 -34.89 -18.41 -13.98
N GLN B 567 -34.25 -18.45 -12.82
CA GLN B 567 -32.94 -19.08 -12.67
C GLN B 567 -32.94 -20.50 -13.17
N TYR B 568 -33.94 -21.28 -12.82
CA TYR B 568 -34.04 -22.67 -13.33
C TYR B 568 -34.18 -22.75 -14.86
N ASP B 569 -34.75 -21.71 -15.46
CA ASP B 569 -34.87 -21.63 -16.92
C ASP B 569 -33.49 -21.57 -17.55
N MET B 570 -32.63 -20.73 -16.96
CA MET B 570 -31.20 -20.65 -17.39
C MET B 570 -30.38 -21.98 -17.25
N TRP B 571 -30.78 -22.83 -16.31
CA TRP B 571 -30.17 -24.15 -16.19
C TRP B 571 -30.89 -25.24 -17.07
N ASN B 572 -31.87 -24.83 -17.88
CA ASN B 572 -32.82 -25.78 -18.53
C ASN B 572 -33.26 -26.91 -17.60
N VAL B 573 -33.77 -26.53 -16.44
CA VAL B 573 -34.23 -27.45 -15.45
C VAL B 573 -35.69 -27.11 -15.27
N THR B 574 -36.50 -28.16 -15.13
CA THR B 574 -37.91 -28.05 -14.82
C THR B 574 -38.12 -28.33 -13.32
N PRO B 575 -38.82 -27.43 -12.61
CA PRO B 575 -39.11 -27.65 -11.19
C PRO B 575 -40.01 -28.86 -10.91
N THR B 576 -39.90 -29.45 -9.72
CA THR B 576 -40.88 -30.43 -9.29
C THR B 576 -42.31 -29.77 -9.28
N ASP B 577 -43.32 -30.61 -9.09
CA ASP B 577 -44.71 -30.11 -8.93
C ASP B 577 -45.02 -29.49 -7.53
N LEU B 578 -44.03 -29.34 -6.65
CA LEU B 578 -44.24 -28.76 -5.33
C LEU B 578 -44.93 -27.39 -5.37
N TRP B 579 -44.47 -26.47 -6.24
CA TRP B 579 -45.02 -25.11 -6.24
C TRP B 579 -45.47 -24.73 -7.62
N ASP B 580 -46.43 -23.82 -7.69
CA ASP B 580 -47.02 -23.40 -8.97
C ASP B 580 -46.27 -22.24 -9.59
N TRP B 581 -45.31 -22.60 -10.46
CA TRP B 581 -44.36 -21.65 -10.99
C TRP B 581 -45.01 -20.73 -12.04
N LYS B 582 -45.85 -21.34 -12.87
CA LYS B 582 -46.61 -20.61 -13.86
C LYS B 582 -47.35 -19.42 -13.19
N VAL B 583 -48.01 -19.68 -12.06
CA VAL B 583 -48.76 -18.62 -11.33
C VAL B 583 -47.83 -17.50 -10.82
N LEU B 584 -46.67 -17.88 -10.28
CA LEU B 584 -45.73 -16.87 -9.79
C LEU B 584 -45.22 -16.00 -10.95
N LYS B 585 -44.83 -16.63 -12.08
CA LYS B 585 -44.30 -15.87 -13.24
C LYS B 585 -45.27 -14.81 -13.73
N GLU B 586 -46.55 -15.15 -13.71
CA GLU B 586 -47.60 -14.23 -14.10
C GLU B 586 -47.85 -13.13 -13.06
N LYS B 587 -47.60 -13.37 -11.78
CA LYS B 587 -47.49 -12.25 -10.82
C LYS B 587 -46.34 -11.28 -11.19
N ILE B 588 -45.21 -11.84 -11.64
CA ILE B 588 -43.96 -11.08 -11.88
C ILE B 588 -44.05 -10.26 -13.15
N ALA B 589 -44.72 -10.85 -14.15
CA ALA B 589 -44.99 -10.14 -15.40
C ALA B 589 -45.90 -8.95 -15.17
N LYS B 590 -46.75 -9.03 -14.15
CA LYS B 590 -47.62 -7.91 -13.77
C LYS B 590 -46.92 -6.81 -13.00
N TYR B 591 -46.12 -7.17 -12.00
CA TYR B 591 -45.58 -6.22 -11.01
C TYR B 591 -44.10 -6.04 -11.02
N GLY B 592 -43.36 -6.95 -11.66
CA GLY B 592 -41.91 -7.02 -11.54
C GLY B 592 -41.43 -7.57 -10.19
N ILE B 593 -40.11 -7.44 -9.94
CA ILE B 593 -39.48 -7.70 -8.61
C ILE B 593 -38.59 -6.55 -8.08
N ARG B 594 -38.45 -6.52 -6.76
CA ARG B 594 -37.73 -5.48 -6.05
C ARG B 594 -36.23 -5.72 -5.96
N ASN B 595 -35.78 -6.93 -6.32
CA ASN B 595 -34.38 -7.32 -6.15
C ASN B 595 -33.83 -8.05 -7.38
N SER B 596 -32.72 -7.54 -7.93
CA SER B 596 -32.02 -8.24 -9.01
C SER B 596 -31.60 -9.69 -8.71
N LEU B 597 -31.29 -10.00 -7.44
CA LEU B 597 -30.90 -11.35 -7.02
C LEU B 597 -31.31 -11.53 -5.56
N LEU B 598 -31.38 -12.78 -5.13
CA LEU B 598 -32.06 -13.15 -3.88
C LEU B 598 -31.34 -14.16 -3.03
N ILE B 599 -30.79 -15.21 -3.64
CA ILE B 599 -30.33 -16.42 -2.92
C ILE B 599 -28.83 -16.66 -3.12
N ALA B 600 -28.10 -16.98 -2.04
CA ALA B 600 -26.64 -17.18 -2.09
C ALA B 600 -26.10 -17.90 -0.87
N PRO B 601 -26.14 -19.24 -0.89
CA PRO B 601 -25.62 -20.01 0.24
C PRO B 601 -24.18 -19.68 0.65
N MET B 602 -24.01 -19.37 1.89
CA MET B 602 -22.77 -18.75 2.35
C MET B 602 -22.15 -19.64 3.43
N PRO B 603 -20.92 -19.33 3.87
CA PRO B 603 -20.27 -20.19 4.86
C PRO B 603 -20.98 -20.35 6.20
N THR B 604 -21.68 -19.31 6.67
CA THR B 604 -22.26 -19.28 8.04
C THR B 604 -21.23 -19.78 9.08
N ALA B 605 -20.03 -19.25 8.99
CA ALA B 605 -18.93 -19.62 9.89
C ALA B 605 -19.28 -19.32 11.33
N SER B 606 -19.77 -18.11 11.62
CA SER B 606 -20.01 -17.67 13.00
C SER B 606 -21.42 -17.99 13.49
N THR B 607 -22.45 -17.73 12.67
CA THR B 607 -23.82 -17.85 13.18
C THR B 607 -24.34 -19.25 13.31
N ALA B 608 -23.83 -20.20 12.55
CA ALA B 608 -24.25 -21.56 12.74
C ALA B 608 -23.74 -22.04 14.10
N GLN B 609 -22.57 -21.58 14.54
CA GLN B 609 -22.04 -21.96 15.86
C GLN B 609 -22.96 -21.45 16.96
N ILE B 610 -23.55 -20.27 16.73
CA ILE B 610 -24.53 -19.70 17.66
C ILE B 610 -25.80 -20.51 17.77
N LEU B 611 -26.41 -20.86 16.65
CA LEU B 611 -27.64 -21.67 16.64
C LEU B 611 -27.39 -23.15 16.86
N GLY B 612 -26.15 -23.60 16.80
CA GLY B 612 -25.82 -25.01 17.08
C GLY B 612 -26.16 -25.95 15.94
N ASN B 613 -26.09 -25.44 14.71
CA ASN B 613 -26.38 -26.22 13.51
C ASN B 613 -25.05 -26.33 12.80
N ASN B 614 -24.96 -27.31 11.92
CA ASN B 614 -23.82 -27.43 11.03
C ASN B 614 -23.79 -26.33 9.97
N GLU B 615 -22.59 -26.03 9.48
CA GLU B 615 -22.42 -24.92 8.54
C GLU B 615 -23.11 -25.22 7.20
N SER B 616 -23.95 -24.28 6.78
CA SER B 616 -24.28 -24.11 5.37
C SER B 616 -24.93 -25.34 4.70
N ILE B 617 -24.35 -25.78 3.60
CA ILE B 617 -24.87 -26.89 2.84
C ILE B 617 -23.95 -28.08 3.00
N GLU B 618 -23.18 -28.06 4.07
CA GLU B 618 -22.08 -28.95 4.25
C GLU B 618 -22.50 -30.12 5.13
N PRO B 619 -22.14 -31.37 4.76
CA PRO B 619 -22.25 -32.50 5.71
C PRO B 619 -21.43 -32.27 6.97
N TYR B 620 -21.73 -32.98 8.06
CA TYR B 620 -20.81 -33.02 9.20
C TYR B 620 -19.48 -33.50 8.68
N THR B 621 -18.41 -32.78 9.01
CA THR B 621 -17.07 -33.16 8.58
C THR B 621 -16.45 -34.29 9.47
N SER B 622 -17.04 -34.46 10.65
CA SER B 622 -16.57 -35.41 11.64
C SER B 622 -17.68 -35.63 12.69
N ASN B 623 -17.69 -36.80 13.32
CA ASN B 623 -18.70 -37.14 14.31
C ASN B 623 -18.25 -36.79 15.70
N ILE B 624 -16.99 -36.42 15.82
CA ILE B 624 -16.48 -35.90 17.06
C ILE B 624 -15.44 -34.84 16.74
N TYR B 625 -15.61 -33.69 17.35
CA TYR B 625 -14.77 -32.55 17.13
C TYR B 625 -14.69 -31.65 18.34
N THR B 626 -13.86 -30.63 18.27
CA THR B 626 -13.75 -29.69 19.38
C THR B 626 -14.12 -28.31 18.92
N ARG B 627 -14.62 -27.52 19.84
CA ARG B 627 -14.99 -26.17 19.54
C ARG B 627 -14.20 -25.25 20.41
N ARG B 628 -13.43 -24.35 19.79
CA ARG B 628 -12.64 -23.43 20.57
C ARG B 628 -13.53 -22.57 21.40
N VAL B 629 -12.99 -22.25 22.55
CA VAL B 629 -13.74 -21.64 23.61
C VAL B 629 -13.56 -20.27 24.17
N LEU B 630 -14.43 -20.01 25.13
CA LEU B 630 -14.34 -18.88 26.00
C LEU B 630 -14.45 -19.59 27.35
N SER B 631 -13.62 -20.61 27.59
CA SER B 631 -13.52 -21.44 28.80
C SER B 631 -12.34 -22.42 28.75
N GLY B 632 -12.32 -23.33 27.79
CA GLY B 632 -11.21 -24.27 27.68
C GLY B 632 -11.32 -25.47 26.76
N GLU B 633 -11.30 -25.23 25.46
CA GLU B 633 -11.41 -26.31 24.47
C GLU B 633 -12.24 -27.55 24.78
N PHE B 634 -13.48 -27.56 24.34
CA PHE B 634 -14.37 -28.67 24.60
C PHE B 634 -14.57 -29.67 23.47
N GLN B 635 -14.76 -30.93 23.84
CA GLN B 635 -15.00 -32.01 22.91
C GLN B 635 -16.48 -32.18 22.75
N ILE B 636 -16.92 -32.41 21.53
CA ILE B 636 -18.35 -32.49 21.19
C ILE B 636 -18.55 -33.66 20.26
N VAL B 637 -19.43 -34.58 20.63
CA VAL B 637 -19.92 -35.59 19.70
C VAL B 637 -21.10 -34.99 18.90
N ASN B 638 -21.24 -35.39 17.63
CA ASN B 638 -22.37 -34.98 16.78
C ASN B 638 -23.65 -35.21 17.61
N PRO B 639 -24.41 -34.15 17.92
CA PRO B 639 -25.44 -34.32 18.92
C PRO B 639 -26.50 -35.34 18.46
N HIS B 640 -26.84 -35.33 17.17
CA HIS B 640 -27.79 -36.29 16.62
C HIS B 640 -27.33 -37.73 16.91
N LEU B 641 -26.13 -38.07 16.47
CA LEU B 641 -25.53 -39.37 16.70
C LEU B 641 -25.49 -39.77 18.17
N LEU B 642 -25.14 -38.83 19.05
CA LEU B 642 -25.06 -39.16 20.46
C LEU B 642 -26.46 -39.43 21.06
N LYS B 643 -27.45 -38.67 20.61
CA LYS B 643 -28.83 -38.92 21.00
C LYS B 643 -29.27 -40.26 20.49
N ASP B 644 -28.86 -40.65 19.30
CA ASP B 644 -29.16 -41.99 18.81
C ASP B 644 -28.44 -43.13 19.55
N LEU B 645 -27.17 -42.97 19.86
CA LEU B 645 -26.41 -44.05 20.50
C LEU B 645 -26.71 -44.20 22.00
N THR B 646 -27.07 -43.12 22.70
CA THR B 646 -27.50 -43.23 24.10
C THR B 646 -28.88 -43.92 24.23
N GLU B 647 -29.81 -43.51 23.39
CA GLU B 647 -31.19 -44.04 23.32
C GLU B 647 -31.19 -45.56 23.04
N ARG B 648 -30.38 -45.99 22.08
CA ARG B 648 -30.19 -47.42 21.77
C ARG B 648 -29.23 -48.17 22.74
N GLY B 649 -28.71 -47.48 23.75
CA GLY B 649 -27.94 -48.10 24.81
C GLY B 649 -26.58 -48.59 24.38
N LEU B 650 -25.99 -47.95 23.38
CA LEU B 650 -24.67 -48.33 22.85
C LEU B 650 -23.52 -47.44 23.32
N TRP B 651 -23.81 -46.30 23.93
CA TRP B 651 -22.74 -45.37 24.28
C TRP B 651 -21.99 -45.81 25.54
N HIS B 652 -20.71 -46.13 25.37
CA HIS B 652 -19.75 -46.37 26.47
C HIS B 652 -18.81 -45.16 26.43
N GLU B 653 -17.65 -45.24 27.09
CA GLU B 653 -16.50 -44.37 26.80
C GLU B 653 -15.59 -45.00 25.72
N GLU B 654 -15.58 -46.34 25.60
CA GLU B 654 -15.04 -47.08 24.42
C GLU B 654 -15.18 -46.33 23.04
N MET B 655 -16.31 -46.55 22.34
CA MET B 655 -16.92 -45.77 21.30
C MET B 655 -16.28 -44.44 21.04
N LYS B 656 -16.34 -43.55 22.02
CA LYS B 656 -15.81 -42.19 21.87
C LYS B 656 -14.33 -42.27 21.50
N ASN B 657 -13.58 -43.10 22.22
CA ASN B 657 -12.16 -43.32 21.96
C ASN B 657 -11.93 -44.07 20.64
N GLN B 658 -12.75 -45.08 20.39
CA GLN B 658 -12.70 -45.81 19.13
C GLN B 658 -13.03 -44.88 17.94
N ILE B 659 -13.97 -43.94 18.14
CA ILE B 659 -14.40 -42.97 17.09
C ILE B 659 -13.31 -41.91 16.86
N ILE B 660 -12.67 -41.46 17.96
CA ILE B 660 -11.53 -40.55 17.90
C ILE B 660 -10.37 -41.23 17.18
N ALA B 661 -10.22 -42.53 17.41
CA ALA B 661 -9.21 -43.33 16.71
C ALA B 661 -9.44 -43.36 15.17
N CYS B 662 -10.71 -43.37 14.73
CA CYS B 662 -11.07 -43.43 13.31
C CYS B 662 -11.39 -42.05 12.68
N ASN B 663 -10.87 -40.97 13.29
CA ASN B 663 -11.15 -39.56 12.96
C ASN B 663 -12.60 -39.23 12.76
N GLY B 664 -13.39 -39.40 13.80
CA GLY B 664 -14.81 -39.13 13.70
C GLY B 664 -15.63 -40.07 12.83
N SER B 665 -15.03 -41.16 12.37
CA SER B 665 -15.75 -42.14 11.57
C SER B 665 -16.33 -43.23 12.48
N ILE B 666 -17.61 -43.55 12.24
CA ILE B 666 -18.27 -44.65 12.95
C ILE B 666 -18.39 -45.89 12.05
N GLN B 667 -17.74 -45.88 10.88
CA GLN B 667 -18.07 -46.88 9.87
C GLN B 667 -17.51 -48.22 10.24
N SER B 668 -16.41 -48.24 11.01
CA SER B 668 -15.71 -49.47 11.38
C SER B 668 -16.08 -50.01 12.78
N ILE B 669 -17.05 -49.40 13.45
CA ILE B 669 -17.54 -49.91 14.73
C ILE B 669 -18.62 -50.99 14.46
N PRO B 670 -18.36 -52.26 14.88
CA PRO B 670 -19.29 -53.37 14.55
C PRO B 670 -20.58 -53.44 15.35
N GLU B 671 -20.68 -52.75 16.49
CA GLU B 671 -21.92 -52.76 17.31
C GLU B 671 -22.97 -51.67 16.94
N ILE B 672 -22.66 -50.79 15.97
CA ILE B 672 -23.62 -49.80 15.47
C ILE B 672 -24.35 -50.41 14.28
N PRO B 673 -25.69 -50.34 14.24
CA PRO B 673 -26.42 -50.81 13.04
C PRO B 673 -26.18 -49.98 11.76
N ASP B 674 -26.07 -50.65 10.61
CA ASP B 674 -25.65 -50.04 9.31
C ASP B 674 -26.51 -48.85 8.83
N ASP B 675 -27.77 -48.81 9.27
CA ASP B 675 -28.67 -47.71 8.97
C ASP B 675 -28.18 -46.40 9.60
N LEU B 676 -27.67 -46.45 10.85
CA LEU B 676 -27.03 -45.29 11.48
C LEU B 676 -25.70 -44.99 10.83
N LYS B 677 -24.99 -46.02 10.37
CA LYS B 677 -23.72 -45.81 9.72
C LYS B 677 -23.90 -45.02 8.47
N GLN B 678 -25.05 -45.17 7.78
CA GLN B 678 -25.29 -44.44 6.53
C GLN B 678 -25.84 -43.03 6.81
N LEU B 679 -26.50 -42.88 7.95
CA LEU B 679 -26.94 -41.57 8.39
C LEU B 679 -25.78 -40.65 8.84
N TYR B 680 -24.69 -41.25 9.36
CA TYR B 680 -23.62 -40.50 9.98
C TYR B 680 -22.26 -40.68 9.31
N LYS B 681 -22.27 -40.90 8.00
CA LYS B 681 -21.07 -40.82 7.23
C LYS B 681 -20.58 -39.38 7.34
N THR B 682 -19.26 -39.21 7.47
CA THR B 682 -18.63 -37.89 7.46
C THR B 682 -18.45 -37.36 6.04
N VAL B 683 -18.06 -36.08 5.90
CA VAL B 683 -17.85 -35.50 4.57
C VAL B 683 -16.76 -36.23 3.77
N TRP B 684 -15.82 -36.86 4.46
CA TRP B 684 -14.67 -37.56 3.87
C TRP B 684 -15.11 -38.85 3.24
N GLU B 685 -16.17 -39.46 3.76
CA GLU B 685 -16.70 -40.75 3.27
C GLU B 685 -17.80 -40.53 2.24
N ILE B 686 -18.15 -39.29 1.97
CA ILE B 686 -19.27 -38.95 1.09
C ILE B 686 -18.63 -38.70 -0.26
N SER B 687 -19.29 -39.16 -1.32
CA SER B 687 -18.84 -38.85 -2.67
C SER B 687 -18.83 -37.32 -2.97
N GLN B 688 -17.65 -36.80 -3.30
CA GLN B 688 -17.52 -35.40 -3.68
C GLN B 688 -18.30 -35.07 -4.96
N LYS B 689 -18.36 -36.05 -5.87
CA LYS B 689 -19.16 -35.91 -7.06
C LYS B 689 -20.65 -35.80 -6.71
N THR B 690 -21.09 -36.65 -5.79
CA THR B 690 -22.42 -36.49 -5.24
C THR B 690 -22.62 -35.09 -4.62
N VAL B 691 -21.66 -34.62 -3.80
CA VAL B 691 -21.78 -33.30 -3.24
C VAL B 691 -21.96 -32.27 -4.35
N LEU B 692 -21.21 -32.40 -5.44
CA LEU B 692 -21.25 -31.41 -6.52
C LEU B 692 -22.57 -31.49 -7.32
N LYS B 693 -23.00 -32.71 -7.61
CA LYS B 693 -24.30 -32.87 -8.29
C LYS B 693 -25.44 -32.24 -7.47
N MET B 694 -25.48 -32.53 -6.16
CA MET B 694 -26.47 -31.94 -5.25
C MET B 694 -26.42 -30.42 -5.25
N ALA B 695 -25.22 -29.84 -5.39
CA ALA B 695 -25.06 -28.41 -5.50
C ALA B 695 -25.68 -27.90 -6.75
N ALA B 696 -25.38 -28.56 -7.86
CA ALA B 696 -25.93 -28.16 -9.17
C ALA B 696 -27.44 -28.33 -9.22
N GLU B 697 -27.96 -29.32 -8.51
CA GLU B 697 -29.40 -29.54 -8.50
C GLU B 697 -30.16 -28.45 -7.74
N ARG B 698 -29.66 -28.05 -6.57
CA ARG B 698 -30.21 -26.87 -5.86
C ARG B 698 -29.83 -25.58 -6.57
N GLY B 699 -28.74 -25.66 -7.30
CA GLY B 699 -28.14 -24.55 -7.98
C GLY B 699 -29.04 -23.89 -8.97
N ALA B 700 -29.88 -24.69 -9.61
CA ALA B 700 -30.88 -24.13 -10.54
C ALA B 700 -31.91 -23.16 -9.88
N PHE B 701 -31.97 -23.13 -8.55
CA PHE B 701 -32.86 -22.25 -7.81
C PHE B 701 -32.06 -21.24 -6.96
N ILE B 702 -30.78 -21.08 -7.31
CA ILE B 702 -29.88 -20.07 -6.71
C ILE B 702 -29.37 -19.09 -7.76
N ASP B 703 -29.85 -17.84 -7.67
CA ASP B 703 -29.58 -16.86 -8.71
C ASP B 703 -28.22 -16.23 -8.59
N GLN B 704 -27.55 -16.51 -7.48
CA GLN B 704 -26.12 -16.27 -7.32
C GLN B 704 -25.39 -17.65 -7.30
N SER B 705 -24.44 -17.83 -6.39
CA SER B 705 -23.67 -19.05 -6.31
C SER B 705 -23.65 -19.50 -4.87
N GLN B 706 -22.81 -20.49 -4.58
CA GLN B 706 -22.72 -21.09 -3.24
C GLN B 706 -21.31 -21.44 -2.79
N SER B 707 -20.98 -21.16 -1.51
CA SER B 707 -19.60 -21.36 -0.96
C SER B 707 -19.35 -22.84 -0.74
N LEU B 708 -18.81 -23.49 -1.74
CA LEU B 708 -18.75 -24.93 -1.76
C LEU B 708 -17.33 -25.43 -1.51
N ASN B 709 -17.12 -26.04 -0.35
CA ASN B 709 -15.85 -26.72 -0.04
C ASN B 709 -15.86 -28.15 -0.53
N ILE B 710 -14.70 -28.63 -0.86
CA ILE B 710 -14.52 -29.97 -1.37
C ILE B 710 -13.54 -30.68 -0.47
N HIS B 711 -13.87 -31.92 -0.13
CA HIS B 711 -13.03 -32.70 0.74
C HIS B 711 -12.53 -33.97 0.07
N ILE B 712 -11.23 -34.00 -0.14
CA ILE B 712 -10.51 -35.15 -0.68
C ILE B 712 -9.44 -35.50 0.37
N ALA B 713 -9.46 -36.71 0.88
CA ALA B 713 -8.58 -37.11 1.97
C ALA B 713 -7.11 -37.07 1.58
N GLU B 714 -6.76 -37.71 0.47
CA GLU B 714 -5.38 -37.74 -0.04
C GLU B 714 -5.36 -37.40 -1.51
N PRO B 715 -5.11 -36.10 -1.86
CA PRO B 715 -5.30 -35.66 -3.25
C PRO B 715 -4.13 -36.03 -4.17
N ASN B 716 -4.44 -36.29 -5.43
CA ASN B 716 -3.47 -36.32 -6.52
C ASN B 716 -4.09 -35.59 -7.71
N TYR B 717 -3.37 -35.57 -8.82
CA TYR B 717 -3.76 -34.77 -9.98
C TYR B 717 -5.02 -35.34 -10.55
N GLY B 718 -5.07 -36.70 -10.58
CA GLY B 718 -6.14 -37.40 -11.27
C GLY B 718 -7.48 -37.10 -10.65
N LYS B 719 -7.52 -37.20 -9.32
CA LYS B 719 -8.73 -36.89 -8.56
C LYS B 719 -9.11 -35.44 -8.81
N LEU B 720 -8.20 -34.50 -8.52
CA LEU B 720 -8.60 -33.08 -8.56
C LEU B 720 -9.05 -32.63 -9.94
N THR B 721 -8.42 -33.16 -10.98
CA THR B 721 -8.83 -32.89 -12.34
C THR B 721 -10.27 -33.40 -12.61
N SER B 722 -10.56 -34.60 -12.17
CA SER B 722 -11.85 -35.22 -12.47
C SER B 722 -12.94 -34.55 -11.67
N MET B 723 -12.59 -34.06 -10.49
CA MET B 723 -13.55 -33.37 -9.69
C MET B 723 -13.87 -32.02 -10.30
N HIS B 724 -12.83 -31.27 -10.66
CA HIS B 724 -13.02 -29.94 -11.27
C HIS B 724 -13.82 -30.00 -12.57
N PHE B 725 -13.49 -30.96 -13.40
CA PHE B 725 -14.14 -31.12 -14.66
C PHE B 725 -15.59 -31.57 -14.49
N TYR B 726 -15.85 -32.44 -13.52
CA TYR B 726 -17.22 -32.81 -13.16
C TYR B 726 -18.04 -31.56 -12.77
N GLY B 727 -17.49 -30.74 -11.87
CA GLY B 727 -18.18 -29.55 -11.35
C GLY B 727 -18.50 -28.54 -12.43
N TRP B 728 -17.51 -28.34 -13.31
CA TRP B 728 -17.61 -27.41 -14.44
C TRP B 728 -18.70 -27.88 -15.35
N LYS B 729 -18.66 -29.16 -15.67
CA LYS B 729 -19.63 -29.76 -16.58
C LYS B 729 -21.02 -29.80 -15.94
N GLN B 730 -21.13 -29.94 -14.62
CA GLN B 730 -22.44 -29.80 -13.97
C GLN B 730 -23.06 -28.39 -14.10
N GLY B 731 -22.31 -27.40 -14.58
CA GLY B 731 -22.79 -26.05 -14.75
C GLY B 731 -22.49 -25.14 -13.56
N LEU B 732 -21.72 -25.61 -12.58
CA LEU B 732 -21.58 -24.85 -11.35
C LEU B 732 -20.97 -23.52 -11.62
N LYS B 733 -21.40 -22.50 -10.86
CA LYS B 733 -20.84 -21.17 -10.96
C LYS B 733 -19.58 -21.12 -10.11
N THR B 734 -19.60 -21.77 -8.94
CA THR B 734 -18.44 -21.90 -8.05
C THR B 734 -18.15 -23.37 -7.96
N GLY B 735 -17.04 -23.82 -8.54
CA GLY B 735 -16.69 -25.23 -8.54
C GLY B 735 -15.95 -25.64 -7.30
N MET B 736 -15.36 -24.66 -6.63
CA MET B 736 -14.61 -24.93 -5.41
C MET B 736 -14.38 -23.64 -4.66
N TYR B 737 -14.58 -23.71 -3.35
CA TYR B 737 -14.11 -22.67 -2.45
C TYR B 737 -12.79 -23.20 -1.92
N TYR B 738 -12.74 -23.88 -0.77
CA TYR B 738 -11.47 -24.45 -0.30
C TYR B 738 -11.38 -25.92 -0.62
N LEU B 739 -10.20 -26.38 -1.02
CA LEU B 739 -9.86 -27.79 -0.98
C LEU B 739 -9.40 -28.11 0.45
N ARG B 740 -10.03 -29.07 1.09
CA ARG B 740 -9.66 -29.47 2.42
C ARG B 740 -9.19 -30.90 2.32
N THR B 741 -8.04 -31.19 2.93
CA THR B 741 -7.42 -32.50 2.90
C THR B 741 -6.97 -32.87 4.31
N ARG B 742 -6.47 -34.09 4.49
CA ARG B 742 -5.71 -34.40 5.71
C ARG B 742 -4.69 -35.52 5.51
#